data_3K82
# 
_entry.id   3K82 
# 
_audit_conform.dict_name       mmcif_pdbx.dic 
_audit_conform.dict_version    5.398 
_audit_conform.dict_location   http://mmcif.pdb.org/dictionaries/ascii/mmcif_pdbx.dic 
# 
loop_
_database_2.database_id 
_database_2.database_code 
_database_2.pdbx_database_accession 
_database_2.pdbx_DOI 
PDB   3K82         pdb_00003k82 10.2210/pdb3k82/pdb 
RCSB  RCSB055663   ?            ?                   
WWPDB D_1000055663 ?            ?                   
# 
loop_
_pdbx_audit_revision_history.ordinal 
_pdbx_audit_revision_history.data_content_type 
_pdbx_audit_revision_history.major_revision 
_pdbx_audit_revision_history.minor_revision 
_pdbx_audit_revision_history.revision_date 
1 'Structure model' 1 0 2010-04-07 
2 'Structure model' 1 1 2011-07-13 
3 'Structure model' 1 2 2014-02-12 
4 'Structure model' 1 3 2016-04-27 
5 'Structure model' 1 4 2021-11-10 
6 'Structure model' 1 5 2023-11-01 
7 'Structure model' 2 0 2023-11-15 
8 'Structure model' 2 1 2024-10-30 
# 
_pdbx_audit_revision_details.ordinal             1 
_pdbx_audit_revision_details.revision_ordinal    1 
_pdbx_audit_revision_details.data_content_type   'Structure model' 
_pdbx_audit_revision_details.provider            repository 
_pdbx_audit_revision_details.type                'Initial release' 
_pdbx_audit_revision_details.description         ? 
_pdbx_audit_revision_details.details             ? 
# 
loop_
_pdbx_audit_revision_group.ordinal 
_pdbx_audit_revision_group.revision_ordinal 
_pdbx_audit_revision_group.data_content_type 
_pdbx_audit_revision_group.group 
1  2 'Structure model' 'Version format compliance' 
2  3 'Structure model' 'Database references'       
3  4 'Structure model' Other                       
4  5 'Structure model' 'Database references'       
5  5 'Structure model' 'Derived calculations'      
6  6 'Structure model' 'Data collection'           
7  6 'Structure model' 'Refinement description'    
8  7 'Structure model' 'Atomic model'              
9  7 'Structure model' 'Data collection'           
10 7 'Structure model' 'Derived calculations'      
11 8 'Structure model' 'Structure summary'         
# 
loop_
_pdbx_audit_revision_category.ordinal 
_pdbx_audit_revision_category.revision_ordinal 
_pdbx_audit_revision_category.data_content_type 
_pdbx_audit_revision_category.category 
1  5 'Structure model' database_2                    
2  5 'Structure model' struct_conn                   
3  5 'Structure model' struct_ref_seq_dif            
4  5 'Structure model' struct_site                   
5  6 'Structure model' chem_comp_atom                
6  6 'Structure model' chem_comp_bond                
7  6 'Structure model' pdbx_initial_refinement_model 
8  7 'Structure model' atom_site                     
9  7 'Structure model' chem_comp_atom                
10 7 'Structure model' chem_comp_bond                
11 7 'Structure model' pdbx_validate_torsion         
12 7 'Structure model' struct_conn                   
13 8 'Structure model' pdbx_entry_details            
14 8 'Structure model' pdbx_modification_feature     
# 
loop_
_pdbx_audit_revision_item.ordinal 
_pdbx_audit_revision_item.revision_ordinal 
_pdbx_audit_revision_item.data_content_type 
_pdbx_audit_revision_item.item 
1  5 'Structure model' '_database_2.pdbx_DOI'                
2  5 'Structure model' '_database_2.pdbx_database_accession' 
3  5 'Structure model' '_struct_conn.pdbx_leaving_atom_flag' 
4  5 'Structure model' '_struct_ref_seq_dif.details'         
5  5 'Structure model' '_struct_site.pdbx_auth_asym_id'      
6  5 'Structure model' '_struct_site.pdbx_auth_comp_id'      
7  5 'Structure model' '_struct_site.pdbx_auth_seq_id'       
8  7 'Structure model' '_atom_site.auth_atom_id'             
9  7 'Structure model' '_atom_site.label_atom_id'            
10 7 'Structure model' '_chem_comp_atom.atom_id'             
11 7 'Structure model' '_chem_comp_bond.atom_id_1'           
12 7 'Structure model' '_chem_comp_bond.atom_id_2'           
13 7 'Structure model' '_struct_conn.pdbx_leaving_atom_flag' 
14 7 'Structure model' '_struct_conn.ptnr1_label_atom_id'    
15 7 'Structure model' '_struct_conn.ptnr2_label_atom_id'    
# 
_pdbx_database_status.entry_id                        3K82 
_pdbx_database_status.status_code                     REL 
_pdbx_database_status.deposit_site                    RCSB 
_pdbx_database_status.process_site                    PDBJ 
_pdbx_database_status.recvd_initial_deposition_date   2009-10-13 
_pdbx_database_status.status_code_sf                  REL 
_pdbx_database_status.status_code_mr                  ? 
_pdbx_database_status.SG_entry                        ? 
_pdbx_database_status.status_code_cs                  ? 
_pdbx_database_status.methods_development_category    ? 
_pdbx_database_status.pdb_format_compatible           Y 
_pdbx_database_status.status_code_nmr_data            ? 
# 
_pdbx_database_related.db_name        PDB 
_pdbx_database_related.db_id          3I4W 
_pdbx_database_related.details        'Crystal Structure of the third PDZ domain of PSD-95' 
_pdbx_database_related.content_type   unspecified 
# 
loop_
_audit_author.name 
_audit_author.pdbx_ordinal 
'Camara-Artigas, A.' 1 
'Gavira, J.A.'       2 
# 
_citation.id                        primary 
_citation.title                     
;Novel conformational aspects of the third PDZ domain of the neuronal post-synaptic density-95 protein revealed from two 1.4A X-ray structures
;
_citation.journal_abbrev            J.Struct.Biol. 
_citation.journal_volume            170 
_citation.page_first                565 
_citation.page_last                 569 
_citation.year                      2010 
_citation.journal_id_ASTM           JSBIEM 
_citation.country                   US 
_citation.journal_id_ISSN           1047-8477 
_citation.journal_id_CSD            0803 
_citation.book_publisher            ? 
_citation.pdbx_database_id_PubMed   20227506 
_citation.pdbx_database_id_DOI      10.1016/j.jsb.2010.03.005 
# 
loop_
_citation_author.citation_id 
_citation_author.name 
_citation_author.ordinal 
_citation_author.identifier_ORCID 
primary 'Camara-Artigas, A.'  1 ? 
primary 'Murciano-Calles, J.' 2 ? 
primary 'Gavira, J.A.'        3 ? 
primary 'Cobos, E.S.'         4 ? 
primary 'Martinez, J.C.'      5 ? 
# 
loop_
_entity.id 
_entity.type 
_entity.src_method 
_entity.pdbx_description 
_entity.formula_weight 
_entity.pdbx_number_of_molecules 
_entity.pdbx_ec 
_entity.pdbx_mutation 
_entity.pdbx_fragment 
_entity.details 
1 polymer     man 'Disks large homolog 4'                               10512.738 1  ? ? 'Third PDZ domain' ? 
2 non-polymer syn 'PHOSPHATE ION'                                       94.971    1  ? ? ?                  ? 
3 non-polymer syn GLYCEROL                                              92.094    1  ? ? ?                  ? 
4 non-polymer syn '4-(2-HYDROXYETHYL)-1-PIPERAZINE ETHANESULFONIC ACID' 238.305   1  ? ? ?                  ? 
5 water       nat water                                                 18.015    84 ? ? ?                  ? 
# 
_entity_name_com.entity_id   1 
_entity_name_com.name        'Postsynaptic density protein 95, PSD-95, Synapse-associated protein 90, SAP90' 
# 
_entity_poly.entity_id                      1 
_entity_poly.type                           'polypeptide(L)' 
_entity_poly.nstd_linkage                   no 
_entity_poly.nstd_monomer                   yes 
_entity_poly.pdbx_seq_one_letter_code       
;EDIPREPRRIVIHRGSTGLGFNIVGGE(SNN)GEGIFISFILAGGPADLSGELRKGDQILSVNGVDLRNASHEQAAIALK
NAGQTVTIIAQYKPEEYSRFEA
;
_entity_poly.pdbx_seq_one_letter_code_can   
;EDIPREPRRIVIHRGSTGLGFNIVGGENGEGIFISFILAGGPADLSGELRKGDQILSVNGVDLRNASHEQAAIALKNAGQ
TVTIIAQYKPEEYSRFEA
;
_entity_poly.pdbx_strand_id                 A 
_entity_poly.pdbx_target_identifier         ? 
# 
loop_
_pdbx_entity_nonpoly.entity_id 
_pdbx_entity_nonpoly.name 
_pdbx_entity_nonpoly.comp_id 
2 'PHOSPHATE ION'                                       PO4 
3 GLYCEROL                                              GOL 
4 '4-(2-HYDROXYETHYL)-1-PIPERAZINE ETHANESULFONIC ACID' EPE 
5 water                                                 HOH 
# 
loop_
_entity_poly_seq.entity_id 
_entity_poly_seq.num 
_entity_poly_seq.mon_id 
_entity_poly_seq.hetero 
1 1  GLU n 
1 2  ASP n 
1 3  ILE n 
1 4  PRO n 
1 5  ARG n 
1 6  GLU n 
1 7  PRO n 
1 8  ARG n 
1 9  ARG n 
1 10 ILE n 
1 11 VAL n 
1 12 ILE n 
1 13 HIS n 
1 14 ARG n 
1 15 GLY n 
1 16 SER n 
1 17 THR n 
1 18 GLY n 
1 19 LEU n 
1 20 GLY n 
1 21 PHE n 
1 22 ASN n 
1 23 ILE n 
1 24 VAL n 
1 25 GLY n 
1 26 GLY n 
1 27 GLU n 
1 28 SNN n 
1 29 GLY n 
1 30 GLU n 
1 31 GLY n 
1 32 ILE n 
1 33 PHE n 
1 34 ILE n 
1 35 SER n 
1 36 PHE n 
1 37 ILE n 
1 38 LEU n 
1 39 ALA n 
1 40 GLY n 
1 41 GLY n 
1 42 PRO n 
1 43 ALA n 
1 44 ASP n 
1 45 LEU n 
1 46 SER n 
1 47 GLY n 
1 48 GLU n 
1 49 LEU n 
1 50 ARG n 
1 51 LYS n 
1 52 GLY n 
1 53 ASP n 
1 54 GLN n 
1 55 ILE n 
1 56 LEU n 
1 57 SER n 
1 58 VAL n 
1 59 ASN n 
1 60 GLY n 
1 61 VAL n 
1 62 ASP n 
1 63 LEU n 
1 64 ARG n 
1 65 ASN n 
1 66 ALA n 
1 67 SER n 
1 68 HIS n 
1 69 GLU n 
1 70 GLN n 
1 71 ALA n 
1 72 ALA n 
1 73 ILE n 
1 74 ALA n 
1 75 LEU n 
1 76 LYS n 
1 77 ASN n 
1 78 ALA n 
1 79 GLY n 
1 80 GLN n 
1 81 THR n 
1 82 VAL n 
1 83 THR n 
1 84 ILE n 
1 85 ILE n 
1 86 ALA n 
1 87 GLN n 
1 88 TYR n 
1 89 LYS n 
1 90 PRO n 
1 91 GLU n 
1 92 GLU n 
1 93 TYR n 
1 94 SER n 
1 95 ARG n 
1 96 PHE n 
1 97 GLU n 
1 98 ALA n 
# 
_entity_src_gen.entity_id                          1 
_entity_src_gen.pdbx_src_id                        1 
_entity_src_gen.pdbx_alt_source_flag               sample 
_entity_src_gen.pdbx_seq_type                      ? 
_entity_src_gen.pdbx_beg_seq_num                   ? 
_entity_src_gen.pdbx_end_seq_num                   ? 
_entity_src_gen.gene_src_common_name               human 
_entity_src_gen.gene_src_genus                     ? 
_entity_src_gen.pdbx_gene_src_gene                 ? 
_entity_src_gen.gene_src_species                   ? 
_entity_src_gen.gene_src_strain                    ? 
_entity_src_gen.gene_src_tissue                    ? 
_entity_src_gen.gene_src_tissue_fraction           ? 
_entity_src_gen.gene_src_details                   ? 
_entity_src_gen.pdbx_gene_src_fragment             ? 
_entity_src_gen.pdbx_gene_src_scientific_name      'Homo sapiens' 
_entity_src_gen.pdbx_gene_src_ncbi_taxonomy_id     9606 
_entity_src_gen.pdbx_gene_src_variant              ? 
_entity_src_gen.pdbx_gene_src_cell_line            ? 
_entity_src_gen.pdbx_gene_src_atcc                 ? 
_entity_src_gen.pdbx_gene_src_organ                ? 
_entity_src_gen.pdbx_gene_src_organelle            ? 
_entity_src_gen.pdbx_gene_src_cell                 ? 
_entity_src_gen.pdbx_gene_src_cellular_location    ? 
_entity_src_gen.host_org_common_name               ? 
_entity_src_gen.pdbx_host_org_scientific_name      'Escherichia coli' 
_entity_src_gen.pdbx_host_org_ncbi_taxonomy_id     469008 
_entity_src_gen.host_org_genus                     ? 
_entity_src_gen.pdbx_host_org_gene                 ? 
_entity_src_gen.pdbx_host_org_organ                ? 
_entity_src_gen.host_org_species                   ? 
_entity_src_gen.pdbx_host_org_tissue               ? 
_entity_src_gen.pdbx_host_org_tissue_fraction      ? 
_entity_src_gen.pdbx_host_org_strain               'BL21(DE3)' 
_entity_src_gen.pdbx_host_org_variant              ? 
_entity_src_gen.pdbx_host_org_cell_line            ? 
_entity_src_gen.pdbx_host_org_atcc                 ? 
_entity_src_gen.pdbx_host_org_culture_collection   ? 
_entity_src_gen.pdbx_host_org_cell                 ? 
_entity_src_gen.pdbx_host_org_organelle            ? 
_entity_src_gen.pdbx_host_org_cellular_location    ? 
_entity_src_gen.pdbx_host_org_vector_type          plasmid 
_entity_src_gen.pdbx_host_org_vector               ? 
_entity_src_gen.host_org_details                   ? 
_entity_src_gen.expression_system_id               ? 
_entity_src_gen.plasmid_name                       pBAT4 
_entity_src_gen.plasmid_details                    ? 
_entity_src_gen.pdbx_description                   ? 
# 
loop_
_chem_comp.id 
_chem_comp.type 
_chem_comp.mon_nstd_flag 
_chem_comp.name 
_chem_comp.pdbx_synonyms 
_chem_comp.formula 
_chem_comp.formula_weight 
ALA 'L-peptide linking' y ALANINE                                               ?                               'C3 H7 N O2'     
89.093  
ARG 'L-peptide linking' y ARGININE                                              ?                               'C6 H15 N4 O2 1' 
175.209 
ASN 'L-peptide linking' y ASPARAGINE                                            ?                               'C4 H8 N2 O3'    
132.118 
ASP 'L-peptide linking' y 'ASPARTIC ACID'                                       ?                               'C4 H7 N O4'     
133.103 
EPE non-polymer         . '4-(2-HYDROXYETHYL)-1-PIPERAZINE ETHANESULFONIC ACID' HEPES                           'C8 H18 N2 O4 S' 
238.305 
GLN 'L-peptide linking' y GLUTAMINE                                             ?                               'C5 H10 N2 O3'   
146.144 
GLU 'L-peptide linking' y 'GLUTAMIC ACID'                                       ?                               'C5 H9 N O4'     
147.129 
GLY 'peptide linking'   y GLYCINE                                               ?                               'C2 H5 N O2'     
75.067  
GOL non-polymer         . GLYCEROL                                              'GLYCERIN; PROPANE-1,2,3-TRIOL' 'C3 H8 O3'       
92.094  
HIS 'L-peptide linking' y HISTIDINE                                             ?                               'C6 H10 N3 O2 1' 
156.162 
HOH non-polymer         . WATER                                                 ?                               'H2 O'           
18.015  
ILE 'L-peptide linking' y ISOLEUCINE                                            ?                               'C6 H13 N O2'    
131.173 
LEU 'L-peptide linking' y LEUCINE                                               ?                               'C6 H13 N O2'    
131.173 
LYS 'L-peptide linking' y LYSINE                                                ?                               'C6 H15 N2 O2 1' 
147.195 
PHE 'L-peptide linking' y PHENYLALANINE                                         ?                               'C9 H11 N O2'    
165.189 
PO4 non-polymer         . 'PHOSPHATE ION'                                       ?                               'O4 P -3'        
94.971  
PRO 'L-peptide linking' y PROLINE                                               ?                               'C5 H9 N O2'     
115.130 
SER 'L-peptide linking' y SERINE                                                ?                               'C3 H7 N O3'     
105.093 
SNN 'L-peptide linking' n L-3-AMINOSUCCINIMIDE                                  ?                               'C4 H6 N2 O2'    
114.103 
THR 'L-peptide linking' y THREONINE                                             ?                               'C4 H9 N O3'     
119.119 
TYR 'L-peptide linking' y TYROSINE                                              ?                               'C9 H11 N O3'    
181.189 
VAL 'L-peptide linking' y VALINE                                                ?                               'C5 H11 N O2'    
117.146 
# 
loop_
_pdbx_poly_seq_scheme.asym_id 
_pdbx_poly_seq_scheme.entity_id 
_pdbx_poly_seq_scheme.seq_id 
_pdbx_poly_seq_scheme.mon_id 
_pdbx_poly_seq_scheme.ndb_seq_num 
_pdbx_poly_seq_scheme.pdb_seq_num 
_pdbx_poly_seq_scheme.auth_seq_num 
_pdbx_poly_seq_scheme.pdb_mon_id 
_pdbx_poly_seq_scheme.auth_mon_id 
_pdbx_poly_seq_scheme.pdb_strand_id 
_pdbx_poly_seq_scheme.pdb_ins_code 
_pdbx_poly_seq_scheme.hetero 
A 1 1  GLU 1  305 305 GLU GLU A . n 
A 1 2  ASP 2  306 306 ASP ASP A . n 
A 1 3  ILE 3  307 307 ILE ILE A . n 
A 1 4  PRO 4  308 308 PRO PRO A . n 
A 1 5  ARG 5  309 309 ARG ARG A . n 
A 1 6  GLU 6  310 310 GLU GLU A . n 
A 1 7  PRO 7  311 311 PRO PRO A . n 
A 1 8  ARG 8  312 312 ARG ARG A . n 
A 1 9  ARG 9  313 313 ARG ARG A . n 
A 1 10 ILE 10 314 314 ILE ILE A . n 
A 1 11 VAL 11 315 315 VAL VAL A . n 
A 1 12 ILE 12 316 316 ILE ILE A . n 
A 1 13 HIS 13 317 317 HIS HIS A . n 
A 1 14 ARG 14 318 318 ARG ARG A . n 
A 1 15 GLY 15 319 319 GLY GLY A . n 
A 1 16 SER 16 320 320 SER SER A . n 
A 1 17 THR 17 321 321 THR THR A . n 
A 1 18 GLY 18 322 322 GLY GLY A . n 
A 1 19 LEU 19 323 323 LEU LEU A . n 
A 1 20 GLY 20 324 324 GLY GLY A . n 
A 1 21 PHE 21 325 325 PHE PHE A . n 
A 1 22 ASN 22 326 326 ASN ASN A . n 
A 1 23 ILE 23 327 327 ILE ILE A . n 
A 1 24 VAL 24 328 328 VAL VAL A . n 
A 1 25 GLY 25 329 329 GLY GLY A . n 
A 1 26 GLY 26 330 330 GLY GLY A . n 
A 1 27 GLU 27 331 331 GLU GLU A . n 
A 1 28 SNN 28 332 332 SNN SNN A . n 
A 1 29 GLY 29 333 333 GLY GLY A . n 
A 1 30 GLU 30 334 334 GLU GLU A . n 
A 1 31 GLY 31 335 335 GLY GLY A . n 
A 1 32 ILE 32 336 336 ILE ILE A . n 
A 1 33 PHE 33 337 337 PHE PHE A . n 
A 1 34 ILE 34 338 338 ILE ILE A . n 
A 1 35 SER 35 339 339 SER SER A . n 
A 1 36 PHE 36 340 340 PHE PHE A . n 
A 1 37 ILE 37 341 341 ILE ILE A . n 
A 1 38 LEU 38 342 342 LEU LEU A . n 
A 1 39 ALA 39 343 343 ALA ALA A . n 
A 1 40 GLY 40 344 344 GLY GLY A . n 
A 1 41 GLY 41 345 345 GLY GLY A . n 
A 1 42 PRO 42 346 346 PRO PRO A . n 
A 1 43 ALA 43 347 347 ALA ALA A . n 
A 1 44 ASP 44 348 348 ASP ASP A . n 
A 1 45 LEU 45 349 349 LEU LEU A . n 
A 1 46 SER 46 350 350 SER SER A . n 
A 1 47 GLY 47 351 351 GLY GLY A . n 
A 1 48 GLU 48 352 352 GLU GLU A . n 
A 1 49 LEU 49 353 353 LEU LEU A . n 
A 1 50 ARG 50 354 354 ARG ARG A . n 
A 1 51 LYS 51 355 355 LYS LYS A . n 
A 1 52 GLY 52 356 356 GLY GLY A . n 
A 1 53 ASP 53 357 357 ASP ASP A . n 
A 1 54 GLN 54 358 358 GLN GLN A . n 
A 1 55 ILE 55 359 359 ILE ILE A . n 
A 1 56 LEU 56 360 360 LEU LEU A . n 
A 1 57 SER 57 361 361 SER SER A . n 
A 1 58 VAL 58 362 362 VAL VAL A . n 
A 1 59 ASN 59 363 363 ASN ASN A . n 
A 1 60 GLY 60 364 364 GLY GLY A . n 
A 1 61 VAL 61 365 365 VAL VAL A . n 
A 1 62 ASP 62 366 366 ASP ASP A . n 
A 1 63 LEU 63 367 367 LEU LEU A . n 
A 1 64 ARG 64 368 368 ARG ARG A . n 
A 1 65 ASN 65 369 369 ASN ASN A . n 
A 1 66 ALA 66 370 370 ALA ALA A . n 
A 1 67 SER 67 371 371 SER SER A . n 
A 1 68 HIS 68 372 372 HIS HIS A . n 
A 1 69 GLU 69 373 373 GLU GLU A . n 
A 1 70 GLN 70 374 374 GLN GLN A . n 
A 1 71 ALA 71 375 375 ALA ALA A . n 
A 1 72 ALA 72 376 376 ALA ALA A . n 
A 1 73 ILE 73 377 377 ILE ILE A . n 
A 1 74 ALA 74 378 378 ALA ALA A . n 
A 1 75 LEU 75 379 379 LEU LEU A . n 
A 1 76 LYS 76 380 380 LYS LYS A . n 
A 1 77 ASN 77 381 381 ASN ASN A . n 
A 1 78 ALA 78 382 382 ALA ALA A . n 
A 1 79 GLY 79 383 383 GLY GLY A . n 
A 1 80 GLN 80 384 384 GLN GLN A . n 
A 1 81 THR 81 385 385 THR THR A . n 
A 1 82 VAL 82 386 386 VAL VAL A . n 
A 1 83 THR 83 387 387 THR THR A . n 
A 1 84 ILE 84 388 388 ILE ILE A . n 
A 1 85 ILE 85 389 389 ILE ILE A . n 
A 1 86 ALA 86 390 390 ALA ALA A . n 
A 1 87 GLN 87 391 391 GLN GLN A . n 
A 1 88 TYR 88 392 392 TYR TYR A . n 
A 1 89 LYS 89 393 393 LYS LYS A . n 
A 1 90 PRO 90 394 394 PRO PRO A . n 
A 1 91 GLU 91 395 395 GLU GLU A . n 
A 1 92 GLU 92 396 396 GLU GLU A . n 
A 1 93 TYR 93 397 397 TYR TYR A . n 
A 1 94 SER 94 398 398 SER SER A . n 
A 1 95 ARG 95 399 399 ARG ARG A . n 
A 1 96 PHE 96 400 400 PHE PHE A . n 
A 1 97 GLU 97 401 401 GLU GLU A . n 
A 1 98 ALA 98 402 402 ALA ALA A . n 
# 
loop_
_pdbx_nonpoly_scheme.asym_id 
_pdbx_nonpoly_scheme.entity_id 
_pdbx_nonpoly_scheme.mon_id 
_pdbx_nonpoly_scheme.ndb_seq_num 
_pdbx_nonpoly_scheme.pdb_seq_num 
_pdbx_nonpoly_scheme.auth_seq_num 
_pdbx_nonpoly_scheme.pdb_mon_id 
_pdbx_nonpoly_scheme.auth_mon_id 
_pdbx_nonpoly_scheme.pdb_strand_id 
_pdbx_nonpoly_scheme.pdb_ins_code 
B 2 PO4 1  1   1   PO4 PO4 A . 
C 3 GOL 1  100 100 GOL GOL A . 
D 4 EPE 1  403 1   EPE EPE A . 
E 5 HOH 1  2   2   HOH HOH A . 
E 5 HOH 2  3   3   HOH HOH A . 
E 5 HOH 3  4   4   HOH HOH A . 
E 5 HOH 4  5   5   HOH HOH A . 
E 5 HOH 5  6   6   HOH HOH A . 
E 5 HOH 6  7   7   HOH HOH A . 
E 5 HOH 7  8   8   HOH HOH A . 
E 5 HOH 8  9   9   HOH HOH A . 
E 5 HOH 9  10  10  HOH HOH A . 
E 5 HOH 10 11  11  HOH HOH A . 
E 5 HOH 11 12  12  HOH HOH A . 
E 5 HOH 12 13  13  HOH HOH A . 
E 5 HOH 13 14  14  HOH HOH A . 
E 5 HOH 14 15  15  HOH HOH A . 
E 5 HOH 15 16  16  HOH HOH A . 
E 5 HOH 16 17  17  HOH HOH A . 
E 5 HOH 17 18  18  HOH HOH A . 
E 5 HOH 18 19  19  HOH HOH A . 
E 5 HOH 19 20  20  HOH HOH A . 
E 5 HOH 20 21  21  HOH HOH A . 
E 5 HOH 21 22  22  HOH HOH A . 
E 5 HOH 22 23  23  HOH HOH A . 
E 5 HOH 23 24  24  HOH HOH A . 
E 5 HOH 24 25  25  HOH HOH A . 
E 5 HOH 25 26  26  HOH HOH A . 
E 5 HOH 26 27  27  HOH HOH A . 
E 5 HOH 27 28  28  HOH HOH A . 
E 5 HOH 28 29  29  HOH HOH A . 
E 5 HOH 29 30  30  HOH HOH A . 
E 5 HOH 30 31  31  HOH HOH A . 
E 5 HOH 31 32  32  HOH HOH A . 
E 5 HOH 32 33  33  HOH HOH A . 
E 5 HOH 33 34  34  HOH HOH A . 
E 5 HOH 34 35  35  HOH HOH A . 
E 5 HOH 35 36  36  HOH HOH A . 
E 5 HOH 36 37  37  HOH HOH A . 
E 5 HOH 37 38  38  HOH HOH A . 
E 5 HOH 38 39  39  HOH HOH A . 
E 5 HOH 39 40  40  HOH HOH A . 
E 5 HOH 40 41  41  HOH HOH A . 
E 5 HOH 41 42  42  HOH HOH A . 
E 5 HOH 42 43  43  HOH HOH A . 
E 5 HOH 43 44  44  HOH HOH A . 
E 5 HOH 44 45  45  HOH HOH A . 
E 5 HOH 45 46  46  HOH HOH A . 
E 5 HOH 46 47  47  HOH HOH A . 
E 5 HOH 47 48  48  HOH HOH A . 
E 5 HOH 48 49  49  HOH HOH A . 
E 5 HOH 49 50  50  HOH HOH A . 
E 5 HOH 50 51  51  HOH HOH A . 
E 5 HOH 51 52  52  HOH HOH A . 
E 5 HOH 52 53  53  HOH HOH A . 
E 5 HOH 53 54  54  HOH HOH A . 
E 5 HOH 54 55  55  HOH HOH A . 
E 5 HOH 55 56  56  HOH HOH A . 
E 5 HOH 56 57  57  HOH HOH A . 
E 5 HOH 57 58  58  HOH HOH A . 
E 5 HOH 58 59  59  HOH HOH A . 
E 5 HOH 59 60  60  HOH HOH A . 
E 5 HOH 60 61  61  HOH HOH A . 
E 5 HOH 61 62  62  HOH HOH A . 
E 5 HOH 62 63  63  HOH HOH A . 
E 5 HOH 63 64  64  HOH HOH A . 
E 5 HOH 64 65  65  HOH HOH A . 
E 5 HOH 65 66  66  HOH HOH A . 
E 5 HOH 66 67  67  HOH HOH A . 
E 5 HOH 67 68  68  HOH HOH A . 
E 5 HOH 68 69  69  HOH HOH A . 
E 5 HOH 69 70  70  HOH HOH A . 
E 5 HOH 70 71  71  HOH HOH A . 
E 5 HOH 71 72  72  HOH HOH A . 
E 5 HOH 72 73  73  HOH HOH A . 
E 5 HOH 73 74  74  HOH HOH A . 
E 5 HOH 74 75  75  HOH HOH A . 
E 5 HOH 75 76  76  HOH HOH A . 
E 5 HOH 76 77  77  HOH HOH A . 
E 5 HOH 77 78  78  HOH HOH A . 
E 5 HOH 78 79  79  HOH HOH A . 
E 5 HOH 79 80  80  HOH HOH A . 
E 5 HOH 80 81  81  HOH HOH A . 
E 5 HOH 81 82  82  HOH HOH A . 
E 5 HOH 82 83  83  HOH HOH A . 
E 5 HOH 83 84  84  HOH HOH A . 
E 5 HOH 84 404 1   HOH HOH A . 
# 
loop_
_software.pdbx_ordinal 
_software.name 
_software.version 
_software.date 
_software.type 
_software.contact_author 
_software.contact_author_email 
_software.classification 
_software.location 
_software.language 
_software.citation_id 
1 SAINT          .     ?               package ?                    ?                      'data scaling'    
http://www.bruker-axs.de/                    ?          ? 
2 SCALA          .     ?               other   'Phil R. Evans'      pre@mrc-lmb.cam.ac.uk  'data scaling'    
http://www.ccp4.ac.uk/dist/html/scala.html   Fortran_77 ? 
3 MOLREP         .     ?               program 'Alexei Vaguine'     alexei@ysbl.york.ac.uk phasing           
http://www.ccp4.ac.uk/dist/html/molrep.html  Fortran_77 ? 
4 REFMAC         .     ?               program 'Garib N. Murshudov' garib@ysbl.york.ac.uk  refinement        
http://www.ccp4.ac.uk/dist/html/refmac5.html Fortran_77 ? 
5 PDB_EXTRACT    3.005 'June 11, 2008' package PDB                  help@deposit.rcsb.org  'data extraction' 
http://sw-tools.pdb.org/apps/PDB_EXTRACT/    C++        ? 
6 'PROTEUM PLUS' PLUS  ?               ?       ?                    ?                      'data collection' ? ?          ? 
7 SAINT          .     ?               ?       ?                    ?                      'data reduction'  ? ?          ? 
# 
_cell.length_a           42.980 
_cell.length_b           42.980 
_cell.length_c           46.895 
_cell.angle_alpha        90.000 
_cell.angle_beta         90.000 
_cell.angle_gamma        90.000 
_cell.entry_id           3K82 
_cell.pdbx_unique_axis   ? 
_cell.Z_PDB              4 
_cell.length_a_esd       ? 
_cell.length_b_esd       ? 
_cell.length_c_esd       ? 
_cell.angle_alpha_esd    ? 
_cell.angle_beta_esd     ? 
_cell.angle_gamma_esd    ? 
# 
_symmetry.space_group_name_H-M             'P 43' 
_symmetry.entry_id                         3K82 
_symmetry.Int_Tables_number                78 
_symmetry.pdbx_full_space_group_name_H-M   ? 
_symmetry.cell_setting                     ? 
_symmetry.space_group_name_Hall            ? 
# 
_exptl.crystals_number   1 
_exptl.entry_id          3K82 
_exptl.method            'X-RAY DIFFRACTION' 
# 
_exptl_crystal.id                    1 
_exptl_crystal.pdbx_mosaicity        ? 
_exptl_crystal.pdbx_mosaicity_esd    ? 
_exptl_crystal.density_Matthews      2.06 
_exptl_crystal.density_diffrn        ? 
_exptl_crystal.density_meas          ? 
_exptl_crystal.density_meas_temp     ? 
_exptl_crystal.density_percent_sol   40.29 
_exptl_crystal.size_max              ? 
_exptl_crystal.size_mid              ? 
_exptl_crystal.size_min              ? 
_exptl_crystal.size_rad              ? 
_exptl_crystal.description           ? 
_exptl_crystal.F_000                 ? 
_exptl_crystal.preparation           ? 
# 
_exptl_crystal_grow.crystal_id      1 
_exptl_crystal_grow.method          'VAPOR DIFFUSION, HANGING DROP' 
_exptl_crystal_grow.pH              7.5 
_exptl_crystal_grow.temp            288 
_exptl_crystal_grow.pdbx_details    
;0.1M HEPES sodium pH 7.5, 0.8M sodium phosphate monobasic monohydrate, 0.8M potassium phosphate monobasic, VAPOR DIFFUSION, HANGING DROP, temperature 288K
;
_exptl_crystal_grow.temp_details    ? 
_exptl_crystal_grow.pdbx_pH_range   . 
# 
_diffrn.id                     1 
_diffrn.ambient_temp           298 
_diffrn.ambient_temp_details   ? 
_diffrn.crystal_id             1 
# 
_diffrn_detector.diffrn_id              1 
_diffrn_detector.detector               CCD 
_diffrn_detector.type                   'Bruker Platinum 135' 
_diffrn_detector.pdbx_collection_date   2008-05-30 
_diffrn_detector.details                ? 
# 
_diffrn_radiation.diffrn_id                        1 
_diffrn_radiation.pdbx_diffrn_protocol             'SINGLE WAVELENGTH' 
_diffrn_radiation.monochromator                    ? 
_diffrn_radiation.wavelength_id                    1 
_diffrn_radiation.pdbx_monochromatic_or_laue_m_l   M 
_diffrn_radiation.pdbx_scattering_type             x-ray 
# 
_diffrn_radiation_wavelength.id           1 
_diffrn_radiation_wavelength.wavelength   1.54 
_diffrn_radiation_wavelength.wt           1.0 
# 
_diffrn_source.diffrn_id                   1 
_diffrn_source.source                      'ROTATING ANODE' 
_diffrn_source.type                        'BRUKER AXS MICROSTAR' 
_diffrn_source.pdbx_wavelength_list        1.54 
_diffrn_source.pdbx_wavelength             ? 
_diffrn_source.pdbx_synchrotron_site       ? 
_diffrn_source.pdbx_synchrotron_beamline   ? 
# 
_reflns.entry_id                     3K82 
_reflns.d_resolution_high            1.400 
_reflns.d_resolution_low             42.993 
_reflns.observed_criterion_sigma_F   1.0 
_reflns.observed_criterion_sigma_I   1.0 
_reflns.number_all                   16937 
_reflns.number_obs                   16934 
_reflns.percent_possible_obs         99.9 
_reflns.pdbx_Rmerge_I_obs            0.0548 
_reflns.pdbx_Rsym_value              0.0548 
_reflns.pdbx_netI_over_sigmaI        17.5 
_reflns.B_iso_Wilson_estimate        13.076 
_reflns.pdbx_redundancy              6.7 
_reflns.R_free_details               ? 
_reflns.limit_h_max                  ? 
_reflns.limit_h_min                  ? 
_reflns.limit_k_max                  ? 
_reflns.limit_k_min                  ? 
_reflns.limit_l_max                  ? 
_reflns.limit_l_min                  ? 
_reflns.observed_criterion_F_max     ? 
_reflns.observed_criterion_F_min     ? 
_reflns.pdbx_chi_squared             ? 
_reflns.pdbx_scaling_rejects         ? 
_reflns.pdbx_ordinal                 1 
_reflns.pdbx_diffrn_id               1 
# 
_reflns_shell.d_res_high             1.40 
_reflns_shell.d_res_low              1.50 
_reflns_shell.percent_possible_obs   ? 
_reflns_shell.percent_possible_all   100 
_reflns_shell.Rmerge_I_obs           0.3079 
_reflns_shell.meanI_over_sigI_obs    1.5 
_reflns_shell.pdbx_Rsym_value        0.3079 
_reflns_shell.pdbx_redundancy        3.55 
_reflns_shell.number_unique_all      3139 
_reflns_shell.number_measured_all    ? 
_reflns_shell.number_measured_obs    ? 
_reflns_shell.number_unique_obs      ? 
_reflns_shell.pdbx_chi_squared       ? 
_reflns_shell.pdbx_ordinal           1 
_reflns_shell.pdbx_diffrn_id         1 
# 
_refine.entry_id                                 3K82 
_refine.ls_d_res_high                            1.400 
_refine.ls_d_res_low                             20.000 
_refine.pdbx_ls_sigma_F                          0.00 
_refine.pdbx_data_cutoff_high_absF               ? 
_refine.pdbx_data_cutoff_low_absF                ? 
_refine.ls_percent_reflns_obs                    99.980 
_refine.ls_number_reflns_obs                     16903 
_refine.ls_number_reflns_all                     16903 
_refine.pdbx_ls_cross_valid_method               THROUGHOUT 
_refine.pdbx_R_Free_selection_details            RANDOM 
_refine.details                                  'HYDROGENS HAVE BEEN ADDED IN THE RIDING POSITIONS U VALUES: REFINED INDIVIDUALLY' 
_refine.ls_R_factor_all                          0.174 
_refine.ls_R_factor_obs                          0.174 
_refine.ls_R_factor_R_work                       0.172 
_refine.ls_wR_factor_R_work                      0.175 
_refine.ls_R_factor_R_free                       0.210 
_refine.ls_wR_factor_R_free                      0.224 
_refine.ls_percent_reflns_R_free                 5.100 
_refine.ls_number_reflns_R_free                  855 
_refine.ls_R_factor_R_free_error                 ? 
_refine.B_iso_mean                               17.095 
_refine.solvent_model_param_bsol                 ? 
_refine.solvent_model_param_ksol                 ? 
_refine.pdbx_isotropic_thermal_model             ? 
_refine.aniso_B[1][1]                            0.280 
_refine.aniso_B[2][2]                            0.280 
_refine.aniso_B[3][3]                            -0.560 
_refine.aniso_B[1][2]                            0.000 
_refine.aniso_B[1][3]                            0.000 
_refine.aniso_B[2][3]                            0.000 
_refine.correlation_coeff_Fo_to_Fc               0.965 
_refine.correlation_coeff_Fo_to_Fc_free          0.952 
_refine.overall_SU_R_Cruickshank_DPI             0.064 
_refine.overall_SU_R_free                        0.070 
_refine.pdbx_overall_ESU_R                       0.064 
_refine.pdbx_overall_ESU_R_Free                  0.070 
_refine.overall_SU_ML                            0.042 
_refine.overall_SU_B                             1.026 
_refine.solvent_model_details                    MASK 
_refine.pdbx_solvent_vdw_probe_radii             1.400 
_refine.pdbx_solvent_ion_probe_radii             0.800 
_refine.pdbx_solvent_shrinkage_radii             0.800 
_refine.ls_number_parameters                     ? 
_refine.ls_number_restraints                     ? 
_refine.pdbx_starting_model                      1BFE 
_refine.pdbx_method_to_determine_struct          'MOLECULAR REPLACEMENT' 
_refine.pdbx_stereochemistry_target_values       'MAXIMUM LIKELIHOOD' 
_refine.pdbx_stereochem_target_val_spec_case     ? 
_refine.overall_FOM_work_R_set                   0.875 
_refine.B_iso_max                                72.48 
_refine.B_iso_min                                3.96 
_refine.occupancy_max                            1.00 
_refine.occupancy_min                            0.10 
_refine.pdbx_ls_sigma_I                          0 
_refine.ls_redundancy_reflns_obs                 ? 
_refine.ls_R_factor_R_free_error_details         ? 
_refine.pdbx_data_cutoff_high_rms_absF           ? 
_refine.overall_FOM_free_R_set                   ? 
_refine.pdbx_refine_id                           'X-RAY DIFFRACTION' 
_refine.pdbx_overall_phase_error                 ? 
_refine.pdbx_diffrn_id                           1 
_refine.pdbx_TLS_residual_ADP_flag               ? 
_refine.pdbx_overall_SU_R_free_Cruickshank_DPI   ? 
_refine.pdbx_overall_SU_R_Blow_DPI               ? 
_refine.pdbx_overall_SU_R_free_Blow_DPI          ? 
# 
_refine_hist.pdbx_refine_id                   'X-RAY DIFFRACTION' 
_refine_hist.cycle_id                         LAST 
_refine_hist.pdbx_number_atoms_protein        741 
_refine_hist.pdbx_number_atoms_nucleic_acid   0 
_refine_hist.pdbx_number_atoms_ligand         26 
_refine_hist.number_atoms_solvent             84 
_refine_hist.number_atoms_total               851 
_refine_hist.d_res_high                       1.400 
_refine_hist.d_res_low                        20.000 
# 
loop_
_refine_ls_restr.type 
_refine_ls_restr.number 
_refine_ls_restr.dev_ideal 
_refine_ls_restr.dev_ideal_target 
_refine_ls_restr.weight 
_refine_ls_restr.pdbx_refine_id 
_refine_ls_restr.pdbx_restraint_function 
r_bond_refined_d       795  0.023  0.022  ? 'X-RAY DIFFRACTION' ? 
r_angle_refined_deg    1074 2.041  2.003  ? 'X-RAY DIFFRACTION' ? 
r_dihedral_angle_1_deg 103  6.155  5.000  ? 'X-RAY DIFFRACTION' ? 
r_dihedral_angle_2_deg 36   26.956 23.889 ? 'X-RAY DIFFRACTION' ? 
r_dihedral_angle_3_deg 131  13.879 15.000 ? 'X-RAY DIFFRACTION' ? 
r_dihedral_angle_4_deg 7    7.543  15.000 ? 'X-RAY DIFFRACTION' ? 
r_chiral_restr         118  0.135  0.200  ? 'X-RAY DIFFRACTION' ? 
r_gen_planes_refined   587  0.012  0.021  ? 'X-RAY DIFFRACTION' ? 
r_mcbond_it            486  1.911  1.500  ? 'X-RAY DIFFRACTION' ? 
r_mcangle_it           780  3.091  2.000  ? 'X-RAY DIFFRACTION' ? 
r_scbond_it            309  4.296  3.000  ? 'X-RAY DIFFRACTION' ? 
r_scangle_it           290  6.526  4.500  ? 'X-RAY DIFFRACTION' ? 
# 
_refine_ls_shell.d_res_high                       1.400 
_refine_ls_shell.d_res_low                        1.436 
_refine_ls_shell.pdbx_total_number_of_bins_used   20 
_refine_ls_shell.percent_reflns_obs               99.920 
_refine_ls_shell.number_reflns_R_work             1174 
_refine_ls_shell.R_factor_all                     ? 
_refine_ls_shell.R_factor_R_work                  0.248 
_refine_ls_shell.R_factor_R_free                  0.263 
_refine_ls_shell.percent_reflns_R_free            ? 
_refine_ls_shell.number_reflns_R_free             68 
_refine_ls_shell.R_factor_R_free_error            ? 
_refine_ls_shell.number_reflns_all                1242 
_refine_ls_shell.number_reflns_obs                1174 
_refine_ls_shell.redundancy_reflns_obs            ? 
_refine_ls_shell.pdbx_refine_id                   'X-RAY DIFFRACTION' 
# 
_struct.entry_id                  3K82 
_struct.title                     'Crystal Structure of the third PDZ domain of PSD-95' 
_struct.pdbx_model_details        ? 
_struct.pdbx_CASP_flag            ? 
_struct.pdbx_model_type_details   ? 
# 
_struct_keywords.entry_id        3K82 
_struct_keywords.text            
;alpha and beta protein, Cell junction, Cell membrane, Lipoprotein, Membrane, Palmitate, Phosphoprotein, Postsynaptic cell membrane, SH3 domain, Synapse, CELL ADHESION
;
_struct_keywords.pdbx_keywords   'CELL ADHESION' 
# 
loop_
_struct_asym.id 
_struct_asym.pdbx_blank_PDB_chainid_flag 
_struct_asym.pdbx_modified 
_struct_asym.entity_id 
_struct_asym.details 
A N N 1 ? 
B N N 2 ? 
C N N 3 ? 
D N N 4 ? 
E N N 5 ? 
# 
_struct_ref.id                         1 
_struct_ref.db_name                    UNP 
_struct_ref.db_code                    DLG4_HUMAN 
_struct_ref.pdbx_db_accession          P78352 
_struct_ref.entity_id                  1 
_struct_ref.pdbx_seq_one_letter_code   
;EDIPREPRRIVIHRGSTGLGFNIVGGEDGEGIFISFILAGGPADLSGELRKGDQILSVNGVDLRNASHEQAAIALKNAGQ
TVTIIAQYKPEEYSRFEA
;
_struct_ref.pdbx_align_begin           305 
_struct_ref.pdbx_db_isoform            ? 
# 
_struct_ref_seq.align_id                      1 
_struct_ref_seq.ref_id                        1 
_struct_ref_seq.pdbx_PDB_id_code              3K82 
_struct_ref_seq.pdbx_strand_id                A 
_struct_ref_seq.seq_align_beg                 1 
_struct_ref_seq.pdbx_seq_align_beg_ins_code   ? 
_struct_ref_seq.seq_align_end                 98 
_struct_ref_seq.pdbx_seq_align_end_ins_code   ? 
_struct_ref_seq.pdbx_db_accession             P78352 
_struct_ref_seq.db_align_beg                  305 
_struct_ref_seq.pdbx_db_align_beg_ins_code    ? 
_struct_ref_seq.db_align_end                  402 
_struct_ref_seq.pdbx_db_align_end_ins_code    ? 
_struct_ref_seq.pdbx_auth_seq_align_beg       305 
_struct_ref_seq.pdbx_auth_seq_align_end       402 
# 
_struct_ref_seq_dif.align_id                     1 
_struct_ref_seq_dif.pdbx_pdb_id_code             3K82 
_struct_ref_seq_dif.mon_id                       SNN 
_struct_ref_seq_dif.pdbx_pdb_strand_id           A 
_struct_ref_seq_dif.seq_num                      28 
_struct_ref_seq_dif.pdbx_pdb_ins_code            ? 
_struct_ref_seq_dif.pdbx_seq_db_name             UNP 
_struct_ref_seq_dif.pdbx_seq_db_accession_code   P78352 
_struct_ref_seq_dif.db_mon_id                    ASP 
_struct_ref_seq_dif.pdbx_seq_db_seq_num          332 
_struct_ref_seq_dif.details                      'engineered mutation' 
_struct_ref_seq_dif.pdbx_auth_seq_num            332 
_struct_ref_seq_dif.pdbx_ordinal                 1 
# 
_pdbx_struct_assembly.id                   1 
_pdbx_struct_assembly.details              author_and_software_defined_assembly 
_pdbx_struct_assembly.method_details       PISA 
_pdbx_struct_assembly.oligomeric_details   monomeric 
_pdbx_struct_assembly.oligomeric_count     1 
# 
_pdbx_struct_assembly_gen.assembly_id       1 
_pdbx_struct_assembly_gen.oper_expression   1 
_pdbx_struct_assembly_gen.asym_id_list      A,B,C,D,E 
# 
_pdbx_struct_oper_list.id                   1 
_pdbx_struct_oper_list.type                 'identity operation' 
_pdbx_struct_oper_list.name                 1_555 
_pdbx_struct_oper_list.symmetry_operation   x,y,z 
_pdbx_struct_oper_list.matrix[1][1]         1.0000000000 
_pdbx_struct_oper_list.matrix[1][2]         0.0000000000 
_pdbx_struct_oper_list.matrix[1][3]         0.0000000000 
_pdbx_struct_oper_list.vector[1]            0.0000000000 
_pdbx_struct_oper_list.matrix[2][1]         0.0000000000 
_pdbx_struct_oper_list.matrix[2][2]         1.0000000000 
_pdbx_struct_oper_list.matrix[2][3]         0.0000000000 
_pdbx_struct_oper_list.vector[2]            0.0000000000 
_pdbx_struct_oper_list.matrix[3][1]         0.0000000000 
_pdbx_struct_oper_list.matrix[3][2]         0.0000000000 
_pdbx_struct_oper_list.matrix[3][3]         1.0000000000 
_pdbx_struct_oper_list.vector[3]            0.0000000000 
# 
_struct_biol.id        1 
_struct_biol.details   ? 
# 
loop_
_struct_conf.conf_type_id 
_struct_conf.id 
_struct_conf.pdbx_PDB_helix_id 
_struct_conf.beg_label_comp_id 
_struct_conf.beg_label_asym_id 
_struct_conf.beg_label_seq_id 
_struct_conf.pdbx_beg_PDB_ins_code 
_struct_conf.end_label_comp_id 
_struct_conf.end_label_asym_id 
_struct_conf.end_label_seq_id 
_struct_conf.pdbx_end_PDB_ins_code 
_struct_conf.beg_auth_comp_id 
_struct_conf.beg_auth_asym_id 
_struct_conf.beg_auth_seq_id 
_struct_conf.end_auth_comp_id 
_struct_conf.end_auth_asym_id 
_struct_conf.end_auth_seq_id 
_struct_conf.pdbx_PDB_helix_class 
_struct_conf.details 
_struct_conf.pdbx_PDB_helix_length 
HELX_P HELX_P1 1 GLY A 41 ? GLY A 47 ? GLY A 345 GLY A 351 1 ? 7  
HELX_P HELX_P2 2 SER A 67 ? ALA A 78 ? SER A 371 ALA A 382 1 ? 12 
HELX_P HELX_P3 3 LYS A 89 ? ALA A 98 ? LYS A 393 ALA A 402 1 ? 10 
# 
_struct_conf_type.id          HELX_P 
_struct_conf_type.criteria    ? 
_struct_conf_type.reference   ? 
# 
loop_
_struct_conn.id 
_struct_conn.conn_type_id 
_struct_conn.pdbx_leaving_atom_flag 
_struct_conn.pdbx_PDB_id 
_struct_conn.ptnr1_label_asym_id 
_struct_conn.ptnr1_label_comp_id 
_struct_conn.ptnr1_label_seq_id 
_struct_conn.ptnr1_label_atom_id 
_struct_conn.pdbx_ptnr1_label_alt_id 
_struct_conn.pdbx_ptnr1_PDB_ins_code 
_struct_conn.pdbx_ptnr1_standard_comp_id 
_struct_conn.ptnr1_symmetry 
_struct_conn.ptnr2_label_asym_id 
_struct_conn.ptnr2_label_comp_id 
_struct_conn.ptnr2_label_seq_id 
_struct_conn.ptnr2_label_atom_id 
_struct_conn.pdbx_ptnr2_label_alt_id 
_struct_conn.pdbx_ptnr2_PDB_ins_code 
_struct_conn.ptnr1_auth_asym_id 
_struct_conn.ptnr1_auth_comp_id 
_struct_conn.ptnr1_auth_seq_id 
_struct_conn.ptnr2_auth_asym_id 
_struct_conn.ptnr2_auth_comp_id 
_struct_conn.ptnr2_auth_seq_id 
_struct_conn.ptnr2_symmetry 
_struct_conn.pdbx_ptnr3_label_atom_id 
_struct_conn.pdbx_ptnr3_label_seq_id 
_struct_conn.pdbx_ptnr3_label_comp_id 
_struct_conn.pdbx_ptnr3_label_asym_id 
_struct_conn.pdbx_ptnr3_label_alt_id 
_struct_conn.pdbx_ptnr3_PDB_ins_code 
_struct_conn.details 
_struct_conn.pdbx_dist_value 
_struct_conn.pdbx_value_order 
_struct_conn.pdbx_role 
covale1 covale both ? A GLU 27 C  ? ? ? 1_555 A SNN 28 N ? ? A GLU 331 A SNN 332 1_555 ? ? ? ? ? ? ? 1.397 ? ? 
covale2 covale one  ? A SNN 28 C  ? ? ? 1_555 A GLY 29 N ? ? A SNN 332 A GLY 333 1_555 ? ? ? ? ? ? ? 1.330 ? ? 
covale3 covale one  ? A SNN 28 C5 ? ? ? 1_555 A GLY 29 N ? ? A SNN 332 A GLY 333 1_555 ? ? ? ? ? ? ? 1.351 ? ? 
# 
_struct_conn_type.id          covale 
_struct_conn_type.criteria    ? 
_struct_conn_type.reference   ? 
# 
loop_
_pdbx_modification_feature.ordinal 
_pdbx_modification_feature.label_comp_id 
_pdbx_modification_feature.label_asym_id 
_pdbx_modification_feature.label_seq_id 
_pdbx_modification_feature.label_alt_id 
_pdbx_modification_feature.modified_residue_label_comp_id 
_pdbx_modification_feature.modified_residue_label_asym_id 
_pdbx_modification_feature.modified_residue_label_seq_id 
_pdbx_modification_feature.modified_residue_label_alt_id 
_pdbx_modification_feature.auth_comp_id 
_pdbx_modification_feature.auth_asym_id 
_pdbx_modification_feature.auth_seq_id 
_pdbx_modification_feature.PDB_ins_code 
_pdbx_modification_feature.symmetry 
_pdbx_modification_feature.modified_residue_auth_comp_id 
_pdbx_modification_feature.modified_residue_auth_asym_id 
_pdbx_modification_feature.modified_residue_auth_seq_id 
_pdbx_modification_feature.modified_residue_PDB_ins_code 
_pdbx_modification_feature.modified_residue_symmetry 
_pdbx_modification_feature.comp_id_linking_atom 
_pdbx_modification_feature.modified_residue_id_linking_atom 
_pdbx_modification_feature.modified_residue_id 
_pdbx_modification_feature.ref_pcm_id 
_pdbx_modification_feature.ref_comp_id 
_pdbx_modification_feature.type 
_pdbx_modification_feature.category 
1 SNN A 28 ? .   . .  . SNN A 332 ? 1_555 .   . .   . .     .  . ASN 1 SNN 'Succinamide ring' 'Named protein modification' 
2 SNN A 28 ? GLY A 29 ? SNN A 332 ? 1_555 GLY A 333 ? 1_555 C5 N .   . .   None               'Non-standard linkage'       
# 
loop_
_struct_sheet.id 
_struct_sheet.type 
_struct_sheet.number_strands 
_struct_sheet.details 
A ? 4 ? 
B ? 2 ? 
# 
loop_
_struct_sheet_order.sheet_id 
_struct_sheet_order.range_id_1 
_struct_sheet_order.range_id_2 
_struct_sheet_order.offset 
_struct_sheet_order.sense 
A 1 2 ? anti-parallel 
A 2 3 ? anti-parallel 
A 3 4 ? anti-parallel 
B 1 2 ? anti-parallel 
# 
loop_
_struct_sheet_range.sheet_id 
_struct_sheet_range.id 
_struct_sheet_range.beg_label_comp_id 
_struct_sheet_range.beg_label_asym_id 
_struct_sheet_range.beg_label_seq_id 
_struct_sheet_range.pdbx_beg_PDB_ins_code 
_struct_sheet_range.end_label_comp_id 
_struct_sheet_range.end_label_asym_id 
_struct_sheet_range.end_label_seq_id 
_struct_sheet_range.pdbx_end_PDB_ins_code 
_struct_sheet_range.beg_auth_comp_id 
_struct_sheet_range.beg_auth_asym_id 
_struct_sheet_range.beg_auth_seq_id 
_struct_sheet_range.end_auth_comp_id 
_struct_sheet_range.end_auth_asym_id 
_struct_sheet_range.end_auth_seq_id 
A 1 ARG A 8  ? HIS A 13 ? ARG A 312 HIS A 317 
A 2 THR A 81 ? TYR A 88 ? THR A 385 TYR A 392 
A 3 ASP A 53 ? VAL A 58 ? ASP A 357 VAL A 362 
A 4 VAL A 61 ? ASP A 62 ? VAL A 365 ASP A 366 
B 1 PHE A 21 ? GLY A 25 ? PHE A 325 GLY A 329 
B 2 ILE A 32 ? ILE A 37 ? ILE A 336 ILE A 341 
# 
loop_
_pdbx_struct_sheet_hbond.sheet_id 
_pdbx_struct_sheet_hbond.range_id_1 
_pdbx_struct_sheet_hbond.range_id_2 
_pdbx_struct_sheet_hbond.range_1_label_atom_id 
_pdbx_struct_sheet_hbond.range_1_label_comp_id 
_pdbx_struct_sheet_hbond.range_1_label_asym_id 
_pdbx_struct_sheet_hbond.range_1_label_seq_id 
_pdbx_struct_sheet_hbond.range_1_PDB_ins_code 
_pdbx_struct_sheet_hbond.range_1_auth_atom_id 
_pdbx_struct_sheet_hbond.range_1_auth_comp_id 
_pdbx_struct_sheet_hbond.range_1_auth_asym_id 
_pdbx_struct_sheet_hbond.range_1_auth_seq_id 
_pdbx_struct_sheet_hbond.range_2_label_atom_id 
_pdbx_struct_sheet_hbond.range_2_label_comp_id 
_pdbx_struct_sheet_hbond.range_2_label_asym_id 
_pdbx_struct_sheet_hbond.range_2_label_seq_id 
_pdbx_struct_sheet_hbond.range_2_PDB_ins_code 
_pdbx_struct_sheet_hbond.range_2_auth_atom_id 
_pdbx_struct_sheet_hbond.range_2_auth_comp_id 
_pdbx_struct_sheet_hbond.range_2_auth_asym_id 
_pdbx_struct_sheet_hbond.range_2_auth_seq_id 
A 1 2 N ILE A 12 ? N ILE A 316 O VAL A 82 ? O VAL A 386 
A 2 3 O GLN A 87 ? O GLN A 391 N GLN A 54 ? N GLN A 358 
A 3 4 N VAL A 58 ? N VAL A 362 O VAL A 61 ? O VAL A 365 
B 1 2 N VAL A 24 ? N VAL A 328 O PHE A 33 ? O PHE A 337 
# 
loop_
_struct_site.id 
_struct_site.pdbx_evidence_code 
_struct_site.pdbx_auth_asym_id 
_struct_site.pdbx_auth_comp_id 
_struct_site.pdbx_auth_seq_id 
_struct_site.pdbx_auth_ins_code 
_struct_site.pdbx_num_residues 
_struct_site.details 
AC1 Software A PO4 1   ? 7  'BINDING SITE FOR RESIDUE PO4 A 1'   
AC2 Software A GOL 100 ? 7  'BINDING SITE FOR RESIDUE GOL A 100' 
AC3 Software A EPE 403 ? 11 'BINDING SITE FOR RESIDUE EPE A 403' 
# 
loop_
_struct_site_gen.id 
_struct_site_gen.site_id 
_struct_site_gen.pdbx_num_res 
_struct_site_gen.label_comp_id 
_struct_site_gen.label_asym_id 
_struct_site_gen.label_seq_id 
_struct_site_gen.pdbx_auth_ins_code 
_struct_site_gen.auth_comp_id 
_struct_site_gen.auth_asym_id 
_struct_site_gen.auth_seq_id 
_struct_site_gen.label_atom_id 
_struct_site_gen.label_alt_id 
_struct_site_gen.symmetry 
_struct_site_gen.details 
1  AC1 7  HOH E .  ? HOH A 18  . ? 1_555 ? 
2  AC1 7  HOH E .  ? HOH A 61  . ? 2_455 ? 
3  AC1 7  ARG A 8  ? ARG A 312 . ? 2_455 ? 
4  AC1 7  ARG A 9  ? ARG A 313 . ? 2_455 ? 
5  AC1 7  ASN A 22 ? ASN A 326 . ? 1_555 ? 
6  AC1 7  ILE A 23 ? ILE A 327 . ? 1_555 ? 
7  AC1 7  HIS A 68 ? HIS A 372 . ? 1_555 ? 
8  AC2 7  HOH E .  ? HOH A 8   . ? 2_455 ? 
9  AC2 7  HOH E .  ? HOH A 11  . ? 1_555 ? 
10 AC2 7  HOH E .  ? HOH A 18  . ? 1_555 ? 
11 AC2 7  GLU A 6  ? GLU A 310 . ? 2_455 ? 
12 AC2 7  PRO A 7  ? PRO A 311 . ? 2_455 ? 
13 AC2 7  LEU A 19 ? LEU A 323 . ? 1_555 ? 
14 AC2 7  PHE A 21 ? PHE A 325 . ? 1_555 ? 
15 AC3 11 HOH E .  ? HOH A 22  . ? 1_555 ? 
16 AC3 11 HOH E .  ? HOH A 84  . ? 1_555 ? 
17 AC3 11 ARG A 5  ? ARG A 309 . ? 4_455 ? 
18 AC3 11 SER A 16 ? SER A 320 . ? 2_454 ? 
19 AC3 11 THR A 17 ? THR A 321 . ? 2_454 ? 
20 AC3 11 GLY A 29 ? GLY A 333 . ? 1_555 ? 
21 AC3 11 GLY A 31 ? GLY A 335 . ? 1_555 ? 
22 AC3 11 GLN A 54 ? GLN A 358 . ? 1_555 ? 
23 AC3 11 ARG A 64 ? ARG A 368 . ? 1_555 ? 
24 AC3 11 GLN A 80 ? GLN A 384 . ? 3_464 ? 
25 AC3 11 LYS A 89 ? LYS A 393 . ? 1_555 ? 
# 
_pdbx_entry_details.entry_id                   3K82 
_pdbx_entry_details.compound_details           ? 
_pdbx_entry_details.source_details             ? 
_pdbx_entry_details.nonpolymer_details         ? 
_pdbx_entry_details.sequence_details           ? 
_pdbx_entry_details.has_ligand_of_interest     ? 
_pdbx_entry_details.has_protein_modification   Y 
# 
_pdbx_validate_torsion.id              1 
_pdbx_validate_torsion.PDB_model_num   1 
_pdbx_validate_torsion.auth_comp_id    SNN 
_pdbx_validate_torsion.auth_asym_id    A 
_pdbx_validate_torsion.auth_seq_id     332 
_pdbx_validate_torsion.PDB_ins_code    ? 
_pdbx_validate_torsion.label_alt_id    ? 
_pdbx_validate_torsion.phi             53.70 
_pdbx_validate_torsion.psi             -128.99 
# 
_pdbx_struct_mod_residue.id               1 
_pdbx_struct_mod_residue.label_asym_id    A 
_pdbx_struct_mod_residue.label_comp_id    SNN 
_pdbx_struct_mod_residue.label_seq_id     28 
_pdbx_struct_mod_residue.auth_asym_id     A 
_pdbx_struct_mod_residue.auth_comp_id     SNN 
_pdbx_struct_mod_residue.auth_seq_id      332 
_pdbx_struct_mod_residue.PDB_ins_code     ? 
_pdbx_struct_mod_residue.parent_comp_id   ASN 
_pdbx_struct_mod_residue.details          L-3-AMINOSUCCINIMIDE 
# 
_pdbx_phasing_MR.entry_id                     3K82 
_pdbx_phasing_MR.method_rotation              ? 
_pdbx_phasing_MR.method_translation           ? 
_pdbx_phasing_MR.model_details                ? 
_pdbx_phasing_MR.R_factor                     ? 
_pdbx_phasing_MR.R_rigid_body                 ? 
_pdbx_phasing_MR.correlation_coeff_Fo_to_Fc   ? 
_pdbx_phasing_MR.correlation_coeff_Io_to_Ic   ? 
_pdbx_phasing_MR.d_res_high_rotation          1.590 
_pdbx_phasing_MR.d_res_low_rotation           42.980 
_pdbx_phasing_MR.d_res_high_translation       1.590 
_pdbx_phasing_MR.d_res_low_translation        42.980 
_pdbx_phasing_MR.packing                      ? 
_pdbx_phasing_MR.reflns_percent_rotation      ? 
_pdbx_phasing_MR.reflns_percent_translation   ? 
_pdbx_phasing_MR.sigma_F_rotation             ? 
_pdbx_phasing_MR.sigma_F_translation          ? 
_pdbx_phasing_MR.sigma_I_rotation             ? 
_pdbx_phasing_MR.sigma_I_translation          ? 
# 
_phasing.method   MR 
# 
loop_
_chem_comp_atom.comp_id 
_chem_comp_atom.atom_id 
_chem_comp_atom.type_symbol 
_chem_comp_atom.pdbx_aromatic_flag 
_chem_comp_atom.pdbx_stereo_config 
_chem_comp_atom.pdbx_ordinal 
ALA N    N N N 1   
ALA CA   C N S 2   
ALA C    C N N 3   
ALA O    O N N 4   
ALA CB   C N N 5   
ALA OXT  O N N 6   
ALA H    H N N 7   
ALA H2   H N N 8   
ALA HA   H N N 9   
ALA HB1  H N N 10  
ALA HB2  H N N 11  
ALA HB3  H N N 12  
ALA HXT  H N N 13  
ARG N    N N N 14  
ARG CA   C N S 15  
ARG C    C N N 16  
ARG O    O N N 17  
ARG CB   C N N 18  
ARG CG   C N N 19  
ARG CD   C N N 20  
ARG NE   N N N 21  
ARG CZ   C N N 22  
ARG NH1  N N N 23  
ARG NH2  N N N 24  
ARG OXT  O N N 25  
ARG H    H N N 26  
ARG H2   H N N 27  
ARG HA   H N N 28  
ARG HB2  H N N 29  
ARG HB3  H N N 30  
ARG HG2  H N N 31  
ARG HG3  H N N 32  
ARG HD2  H N N 33  
ARG HD3  H N N 34  
ARG HE   H N N 35  
ARG HH11 H N N 36  
ARG HH12 H N N 37  
ARG HH21 H N N 38  
ARG HH22 H N N 39  
ARG HXT  H N N 40  
ASN N    N N N 41  
ASN CA   C N S 42  
ASN C    C N N 43  
ASN O    O N N 44  
ASN CB   C N N 45  
ASN CG   C N N 46  
ASN OD1  O N N 47  
ASN ND2  N N N 48  
ASN OXT  O N N 49  
ASN H    H N N 50  
ASN H2   H N N 51  
ASN HA   H N N 52  
ASN HB2  H N N 53  
ASN HB3  H N N 54  
ASN HD21 H N N 55  
ASN HD22 H N N 56  
ASN HXT  H N N 57  
ASP N    N N N 58  
ASP CA   C N S 59  
ASP C    C N N 60  
ASP O    O N N 61  
ASP CB   C N N 62  
ASP CG   C N N 63  
ASP OD1  O N N 64  
ASP OD2  O N N 65  
ASP OXT  O N N 66  
ASP H    H N N 67  
ASP H2   H N N 68  
ASP HA   H N N 69  
ASP HB2  H N N 70  
ASP HB3  H N N 71  
ASP HD2  H N N 72  
ASP HXT  H N N 73  
EPE N1   N N N 74  
EPE C2   C N N 75  
EPE C3   C N N 76  
EPE N4   N N N 77  
EPE C5   C N N 78  
EPE C6   C N N 79  
EPE C7   C N N 80  
EPE C8   C N N 81  
EPE O8   O N N 82  
EPE C9   C N N 83  
EPE C10  C N N 84  
EPE S    S N N 85  
EPE O1S  O N N 86  
EPE O2S  O N N 87  
EPE O3S  O N N 88  
EPE H21  H N N 89  
EPE H22  H N N 90  
EPE H31  H N N 91  
EPE H32  H N N 92  
EPE H51  H N N 93  
EPE H52  H N N 94  
EPE H61  H N N 95  
EPE H62  H N N 96  
EPE H71  H N N 97  
EPE H72  H N N 98  
EPE H81  H N N 99  
EPE H82  H N N 100 
EPE HO8  H N N 101 
EPE H91  H N N 102 
EPE H92  H N N 103 
EPE H101 H N N 104 
EPE H102 H N N 105 
EPE HOS3 H N N 106 
GLN N    N N N 107 
GLN CA   C N S 108 
GLN C    C N N 109 
GLN O    O N N 110 
GLN CB   C N N 111 
GLN CG   C N N 112 
GLN CD   C N N 113 
GLN OE1  O N N 114 
GLN NE2  N N N 115 
GLN OXT  O N N 116 
GLN H    H N N 117 
GLN H2   H N N 118 
GLN HA   H N N 119 
GLN HB2  H N N 120 
GLN HB3  H N N 121 
GLN HG2  H N N 122 
GLN HG3  H N N 123 
GLN HE21 H N N 124 
GLN HE22 H N N 125 
GLN HXT  H N N 126 
GLU N    N N N 127 
GLU CA   C N S 128 
GLU C    C N N 129 
GLU O    O N N 130 
GLU CB   C N N 131 
GLU CG   C N N 132 
GLU CD   C N N 133 
GLU OE1  O N N 134 
GLU OE2  O N N 135 
GLU OXT  O N N 136 
GLU H    H N N 137 
GLU H2   H N N 138 
GLU HA   H N N 139 
GLU HB2  H N N 140 
GLU HB3  H N N 141 
GLU HG2  H N N 142 
GLU HG3  H N N 143 
GLU HE2  H N N 144 
GLU HXT  H N N 145 
GLY N    N N N 146 
GLY CA   C N N 147 
GLY C    C N N 148 
GLY O    O N N 149 
GLY OXT  O N N 150 
GLY H    H N N 151 
GLY H2   H N N 152 
GLY HA2  H N N 153 
GLY HA3  H N N 154 
GLY HXT  H N N 155 
GOL C1   C N N 156 
GOL O1   O N N 157 
GOL C2   C N N 158 
GOL O2   O N N 159 
GOL C3   C N N 160 
GOL O3   O N N 161 
GOL H11  H N N 162 
GOL H12  H N N 163 
GOL HO1  H N N 164 
GOL H2   H N N 165 
GOL HO2  H N N 166 
GOL H31  H N N 167 
GOL H32  H N N 168 
GOL HO3  H N N 169 
HIS N    N N N 170 
HIS CA   C N S 171 
HIS C    C N N 172 
HIS O    O N N 173 
HIS CB   C N N 174 
HIS CG   C Y N 175 
HIS ND1  N Y N 176 
HIS CD2  C Y N 177 
HIS CE1  C Y N 178 
HIS NE2  N Y N 179 
HIS OXT  O N N 180 
HIS H    H N N 181 
HIS H2   H N N 182 
HIS HA   H N N 183 
HIS HB2  H N N 184 
HIS HB3  H N N 185 
HIS HD1  H N N 186 
HIS HD2  H N N 187 
HIS HE1  H N N 188 
HIS HE2  H N N 189 
HIS HXT  H N N 190 
HOH O    O N N 191 
HOH H1   H N N 192 
HOH H2   H N N 193 
ILE N    N N N 194 
ILE CA   C N S 195 
ILE C    C N N 196 
ILE O    O N N 197 
ILE CB   C N S 198 
ILE CG1  C N N 199 
ILE CG2  C N N 200 
ILE CD1  C N N 201 
ILE OXT  O N N 202 
ILE H    H N N 203 
ILE H2   H N N 204 
ILE HA   H N N 205 
ILE HB   H N N 206 
ILE HG12 H N N 207 
ILE HG13 H N N 208 
ILE HG21 H N N 209 
ILE HG22 H N N 210 
ILE HG23 H N N 211 
ILE HD11 H N N 212 
ILE HD12 H N N 213 
ILE HD13 H N N 214 
ILE HXT  H N N 215 
LEU N    N N N 216 
LEU CA   C N S 217 
LEU C    C N N 218 
LEU O    O N N 219 
LEU CB   C N N 220 
LEU CG   C N N 221 
LEU CD1  C N N 222 
LEU CD2  C N N 223 
LEU OXT  O N N 224 
LEU H    H N N 225 
LEU H2   H N N 226 
LEU HA   H N N 227 
LEU HB2  H N N 228 
LEU HB3  H N N 229 
LEU HG   H N N 230 
LEU HD11 H N N 231 
LEU HD12 H N N 232 
LEU HD13 H N N 233 
LEU HD21 H N N 234 
LEU HD22 H N N 235 
LEU HD23 H N N 236 
LEU HXT  H N N 237 
LYS N    N N N 238 
LYS CA   C N S 239 
LYS C    C N N 240 
LYS O    O N N 241 
LYS CB   C N N 242 
LYS CG   C N N 243 
LYS CD   C N N 244 
LYS CE   C N N 245 
LYS NZ   N N N 246 
LYS OXT  O N N 247 
LYS H    H N N 248 
LYS H2   H N N 249 
LYS HA   H N N 250 
LYS HB2  H N N 251 
LYS HB3  H N N 252 
LYS HG2  H N N 253 
LYS HG3  H N N 254 
LYS HD2  H N N 255 
LYS HD3  H N N 256 
LYS HE2  H N N 257 
LYS HE3  H N N 258 
LYS HZ1  H N N 259 
LYS HZ2  H N N 260 
LYS HZ3  H N N 261 
LYS HXT  H N N 262 
PHE N    N N N 263 
PHE CA   C N S 264 
PHE C    C N N 265 
PHE O    O N N 266 
PHE CB   C N N 267 
PHE CG   C Y N 268 
PHE CD1  C Y N 269 
PHE CD2  C Y N 270 
PHE CE1  C Y N 271 
PHE CE2  C Y N 272 
PHE CZ   C Y N 273 
PHE OXT  O N N 274 
PHE H    H N N 275 
PHE H2   H N N 276 
PHE HA   H N N 277 
PHE HB2  H N N 278 
PHE HB3  H N N 279 
PHE HD1  H N N 280 
PHE HD2  H N N 281 
PHE HE1  H N N 282 
PHE HE2  H N N 283 
PHE HZ   H N N 284 
PHE HXT  H N N 285 
PO4 P    P N N 286 
PO4 O1   O N N 287 
PO4 O2   O N N 288 
PO4 O3   O N N 289 
PO4 O4   O N N 290 
PRO N    N N N 291 
PRO CA   C N S 292 
PRO C    C N N 293 
PRO O    O N N 294 
PRO CB   C N N 295 
PRO CG   C N N 296 
PRO CD   C N N 297 
PRO OXT  O N N 298 
PRO H    H N N 299 
PRO HA   H N N 300 
PRO HB2  H N N 301 
PRO HB3  H N N 302 
PRO HG2  H N N 303 
PRO HG3  H N N 304 
PRO HD2  H N N 305 
PRO HD3  H N N 306 
PRO HXT  H N N 307 
SER N    N N N 308 
SER CA   C N S 309 
SER C    C N N 310 
SER O    O N N 311 
SER CB   C N N 312 
SER OG   O N N 313 
SER OXT  O N N 314 
SER H    H N N 315 
SER H2   H N N 316 
SER HA   H N N 317 
SER HB2  H N N 318 
SER HB3  H N N 319 
SER HG   H N N 320 
SER HXT  H N N 321 
SNN N1   N N N 322 
SNN C    C N N 323 
SNN CA   C N S 324 
SNN N    N N N 325 
SNN C4   C N N 326 
SNN C5   C N N 327 
SNN O    O N N 328 
SNN O5   O N N 329 
SNN HN   H N N 330 
SNN HA   H N N 331 
SNN H    H N N 332 
SNN H2   H N N 333 
SNN H41  H N N 334 
SNN H42  H N N 335 
THR N    N N N 336 
THR CA   C N S 337 
THR C    C N N 338 
THR O    O N N 339 
THR CB   C N R 340 
THR OG1  O N N 341 
THR CG2  C N N 342 
THR OXT  O N N 343 
THR H    H N N 344 
THR H2   H N N 345 
THR HA   H N N 346 
THR HB   H N N 347 
THR HG1  H N N 348 
THR HG21 H N N 349 
THR HG22 H N N 350 
THR HG23 H N N 351 
THR HXT  H N N 352 
TYR N    N N N 353 
TYR CA   C N S 354 
TYR C    C N N 355 
TYR O    O N N 356 
TYR CB   C N N 357 
TYR CG   C Y N 358 
TYR CD1  C Y N 359 
TYR CD2  C Y N 360 
TYR CE1  C Y N 361 
TYR CE2  C Y N 362 
TYR CZ   C Y N 363 
TYR OH   O N N 364 
TYR OXT  O N N 365 
TYR H    H N N 366 
TYR H2   H N N 367 
TYR HA   H N N 368 
TYR HB2  H N N 369 
TYR HB3  H N N 370 
TYR HD1  H N N 371 
TYR HD2  H N N 372 
TYR HE1  H N N 373 
TYR HE2  H N N 374 
TYR HH   H N N 375 
TYR HXT  H N N 376 
VAL N    N N N 377 
VAL CA   C N S 378 
VAL C    C N N 379 
VAL O    O N N 380 
VAL CB   C N N 381 
VAL CG1  C N N 382 
VAL CG2  C N N 383 
VAL OXT  O N N 384 
VAL H    H N N 385 
VAL H2   H N N 386 
VAL HA   H N N 387 
VAL HB   H N N 388 
VAL HG11 H N N 389 
VAL HG12 H N N 390 
VAL HG13 H N N 391 
VAL HG21 H N N 392 
VAL HG22 H N N 393 
VAL HG23 H N N 394 
VAL HXT  H N N 395 
# 
loop_
_chem_comp_bond.comp_id 
_chem_comp_bond.atom_id_1 
_chem_comp_bond.atom_id_2 
_chem_comp_bond.value_order 
_chem_comp_bond.pdbx_aromatic_flag 
_chem_comp_bond.pdbx_stereo_config 
_chem_comp_bond.pdbx_ordinal 
ALA N   CA   sing N N 1   
ALA N   H    sing N N 2   
ALA N   H2   sing N N 3   
ALA CA  C    sing N N 4   
ALA CA  CB   sing N N 5   
ALA CA  HA   sing N N 6   
ALA C   O    doub N N 7   
ALA C   OXT  sing N N 8   
ALA CB  HB1  sing N N 9   
ALA CB  HB2  sing N N 10  
ALA CB  HB3  sing N N 11  
ALA OXT HXT  sing N N 12  
ARG N   CA   sing N N 13  
ARG N   H    sing N N 14  
ARG N   H2   sing N N 15  
ARG CA  C    sing N N 16  
ARG CA  CB   sing N N 17  
ARG CA  HA   sing N N 18  
ARG C   O    doub N N 19  
ARG C   OXT  sing N N 20  
ARG CB  CG   sing N N 21  
ARG CB  HB2  sing N N 22  
ARG CB  HB3  sing N N 23  
ARG CG  CD   sing N N 24  
ARG CG  HG2  sing N N 25  
ARG CG  HG3  sing N N 26  
ARG CD  NE   sing N N 27  
ARG CD  HD2  sing N N 28  
ARG CD  HD3  sing N N 29  
ARG NE  CZ   sing N N 30  
ARG NE  HE   sing N N 31  
ARG CZ  NH1  sing N N 32  
ARG CZ  NH2  doub N N 33  
ARG NH1 HH11 sing N N 34  
ARG NH1 HH12 sing N N 35  
ARG NH2 HH21 sing N N 36  
ARG NH2 HH22 sing N N 37  
ARG OXT HXT  sing N N 38  
ASN N   CA   sing N N 39  
ASN N   H    sing N N 40  
ASN N   H2   sing N N 41  
ASN CA  C    sing N N 42  
ASN CA  CB   sing N N 43  
ASN CA  HA   sing N N 44  
ASN C   O    doub N N 45  
ASN C   OXT  sing N N 46  
ASN CB  CG   sing N N 47  
ASN CB  HB2  sing N N 48  
ASN CB  HB3  sing N N 49  
ASN CG  OD1  doub N N 50  
ASN CG  ND2  sing N N 51  
ASN ND2 HD21 sing N N 52  
ASN ND2 HD22 sing N N 53  
ASN OXT HXT  sing N N 54  
ASP N   CA   sing N N 55  
ASP N   H    sing N N 56  
ASP N   H2   sing N N 57  
ASP CA  C    sing N N 58  
ASP CA  CB   sing N N 59  
ASP CA  HA   sing N N 60  
ASP C   O    doub N N 61  
ASP C   OXT  sing N N 62  
ASP CB  CG   sing N N 63  
ASP CB  HB2  sing N N 64  
ASP CB  HB3  sing N N 65  
ASP CG  OD1  doub N N 66  
ASP CG  OD2  sing N N 67  
ASP OD2 HD2  sing N N 68  
ASP OXT HXT  sing N N 69  
EPE N1  C2   sing N N 70  
EPE N1  C6   sing N N 71  
EPE N1  C9   sing N N 72  
EPE C2  C3   sing N N 73  
EPE C2  H21  sing N N 74  
EPE C2  H22  sing N N 75  
EPE C3  N4   sing N N 76  
EPE C3  H31  sing N N 77  
EPE C3  H32  sing N N 78  
EPE N4  C5   sing N N 79  
EPE N4  C7   sing N N 80  
EPE C5  C6   sing N N 81  
EPE C5  H51  sing N N 82  
EPE C5  H52  sing N N 83  
EPE C6  H61  sing N N 84  
EPE C6  H62  sing N N 85  
EPE C7  C8   sing N N 86  
EPE C7  H71  sing N N 87  
EPE C7  H72  sing N N 88  
EPE C8  O8   sing N N 89  
EPE C8  H81  sing N N 90  
EPE C8  H82  sing N N 91  
EPE O8  HO8  sing N N 92  
EPE C9  C10  sing N N 93  
EPE C9  H91  sing N N 94  
EPE C9  H92  sing N N 95  
EPE C10 S    sing N N 96  
EPE C10 H101 sing N N 97  
EPE C10 H102 sing N N 98  
EPE S   O1S  doub N N 99  
EPE S   O2S  doub N N 100 
EPE S   O3S  sing N N 101 
EPE O3S HOS3 sing N N 102 
GLN N   CA   sing N N 103 
GLN N   H    sing N N 104 
GLN N   H2   sing N N 105 
GLN CA  C    sing N N 106 
GLN CA  CB   sing N N 107 
GLN CA  HA   sing N N 108 
GLN C   O    doub N N 109 
GLN C   OXT  sing N N 110 
GLN CB  CG   sing N N 111 
GLN CB  HB2  sing N N 112 
GLN CB  HB3  sing N N 113 
GLN CG  CD   sing N N 114 
GLN CG  HG2  sing N N 115 
GLN CG  HG3  sing N N 116 
GLN CD  OE1  doub N N 117 
GLN CD  NE2  sing N N 118 
GLN NE2 HE21 sing N N 119 
GLN NE2 HE22 sing N N 120 
GLN OXT HXT  sing N N 121 
GLU N   CA   sing N N 122 
GLU N   H    sing N N 123 
GLU N   H2   sing N N 124 
GLU CA  C    sing N N 125 
GLU CA  CB   sing N N 126 
GLU CA  HA   sing N N 127 
GLU C   O    doub N N 128 
GLU C   OXT  sing N N 129 
GLU CB  CG   sing N N 130 
GLU CB  HB2  sing N N 131 
GLU CB  HB3  sing N N 132 
GLU CG  CD   sing N N 133 
GLU CG  HG2  sing N N 134 
GLU CG  HG3  sing N N 135 
GLU CD  OE1  doub N N 136 
GLU CD  OE2  sing N N 137 
GLU OE2 HE2  sing N N 138 
GLU OXT HXT  sing N N 139 
GLY N   CA   sing N N 140 
GLY N   H    sing N N 141 
GLY N   H2   sing N N 142 
GLY CA  C    sing N N 143 
GLY CA  HA2  sing N N 144 
GLY CA  HA3  sing N N 145 
GLY C   O    doub N N 146 
GLY C   OXT  sing N N 147 
GLY OXT HXT  sing N N 148 
GOL C1  O1   sing N N 149 
GOL C1  C2   sing N N 150 
GOL C1  H11  sing N N 151 
GOL C1  H12  sing N N 152 
GOL O1  HO1  sing N N 153 
GOL C2  O2   sing N N 154 
GOL C2  C3   sing N N 155 
GOL C2  H2   sing N N 156 
GOL O2  HO2  sing N N 157 
GOL C3  O3   sing N N 158 
GOL C3  H31  sing N N 159 
GOL C3  H32  sing N N 160 
GOL O3  HO3  sing N N 161 
HIS N   CA   sing N N 162 
HIS N   H    sing N N 163 
HIS N   H2   sing N N 164 
HIS CA  C    sing N N 165 
HIS CA  CB   sing N N 166 
HIS CA  HA   sing N N 167 
HIS C   O    doub N N 168 
HIS C   OXT  sing N N 169 
HIS CB  CG   sing N N 170 
HIS CB  HB2  sing N N 171 
HIS CB  HB3  sing N N 172 
HIS CG  ND1  sing Y N 173 
HIS CG  CD2  doub Y N 174 
HIS ND1 CE1  doub Y N 175 
HIS ND1 HD1  sing N N 176 
HIS CD2 NE2  sing Y N 177 
HIS CD2 HD2  sing N N 178 
HIS CE1 NE2  sing Y N 179 
HIS CE1 HE1  sing N N 180 
HIS NE2 HE2  sing N N 181 
HIS OXT HXT  sing N N 182 
HOH O   H1   sing N N 183 
HOH O   H2   sing N N 184 
ILE N   CA   sing N N 185 
ILE N   H    sing N N 186 
ILE N   H2   sing N N 187 
ILE CA  C    sing N N 188 
ILE CA  CB   sing N N 189 
ILE CA  HA   sing N N 190 
ILE C   O    doub N N 191 
ILE C   OXT  sing N N 192 
ILE CB  CG1  sing N N 193 
ILE CB  CG2  sing N N 194 
ILE CB  HB   sing N N 195 
ILE CG1 CD1  sing N N 196 
ILE CG1 HG12 sing N N 197 
ILE CG1 HG13 sing N N 198 
ILE CG2 HG21 sing N N 199 
ILE CG2 HG22 sing N N 200 
ILE CG2 HG23 sing N N 201 
ILE CD1 HD11 sing N N 202 
ILE CD1 HD12 sing N N 203 
ILE CD1 HD13 sing N N 204 
ILE OXT HXT  sing N N 205 
LEU N   CA   sing N N 206 
LEU N   H    sing N N 207 
LEU N   H2   sing N N 208 
LEU CA  C    sing N N 209 
LEU CA  CB   sing N N 210 
LEU CA  HA   sing N N 211 
LEU C   O    doub N N 212 
LEU C   OXT  sing N N 213 
LEU CB  CG   sing N N 214 
LEU CB  HB2  sing N N 215 
LEU CB  HB3  sing N N 216 
LEU CG  CD1  sing N N 217 
LEU CG  CD2  sing N N 218 
LEU CG  HG   sing N N 219 
LEU CD1 HD11 sing N N 220 
LEU CD1 HD12 sing N N 221 
LEU CD1 HD13 sing N N 222 
LEU CD2 HD21 sing N N 223 
LEU CD2 HD22 sing N N 224 
LEU CD2 HD23 sing N N 225 
LEU OXT HXT  sing N N 226 
LYS N   CA   sing N N 227 
LYS N   H    sing N N 228 
LYS N   H2   sing N N 229 
LYS CA  C    sing N N 230 
LYS CA  CB   sing N N 231 
LYS CA  HA   sing N N 232 
LYS C   O    doub N N 233 
LYS C   OXT  sing N N 234 
LYS CB  CG   sing N N 235 
LYS CB  HB2  sing N N 236 
LYS CB  HB3  sing N N 237 
LYS CG  CD   sing N N 238 
LYS CG  HG2  sing N N 239 
LYS CG  HG3  sing N N 240 
LYS CD  CE   sing N N 241 
LYS CD  HD2  sing N N 242 
LYS CD  HD3  sing N N 243 
LYS CE  NZ   sing N N 244 
LYS CE  HE2  sing N N 245 
LYS CE  HE3  sing N N 246 
LYS NZ  HZ1  sing N N 247 
LYS NZ  HZ2  sing N N 248 
LYS NZ  HZ3  sing N N 249 
LYS OXT HXT  sing N N 250 
PHE N   CA   sing N N 251 
PHE N   H    sing N N 252 
PHE N   H2   sing N N 253 
PHE CA  C    sing N N 254 
PHE CA  CB   sing N N 255 
PHE CA  HA   sing N N 256 
PHE C   O    doub N N 257 
PHE C   OXT  sing N N 258 
PHE CB  CG   sing N N 259 
PHE CB  HB2  sing N N 260 
PHE CB  HB3  sing N N 261 
PHE CG  CD1  doub Y N 262 
PHE CG  CD2  sing Y N 263 
PHE CD1 CE1  sing Y N 264 
PHE CD1 HD1  sing N N 265 
PHE CD2 CE2  doub Y N 266 
PHE CD2 HD2  sing N N 267 
PHE CE1 CZ   doub Y N 268 
PHE CE1 HE1  sing N N 269 
PHE CE2 CZ   sing Y N 270 
PHE CE2 HE2  sing N N 271 
PHE CZ  HZ   sing N N 272 
PHE OXT HXT  sing N N 273 
PO4 P   O1   doub N N 274 
PO4 P   O2   sing N N 275 
PO4 P   O3   sing N N 276 
PO4 P   O4   sing N N 277 
PRO N   CA   sing N N 278 
PRO N   CD   sing N N 279 
PRO N   H    sing N N 280 
PRO CA  C    sing N N 281 
PRO CA  CB   sing N N 282 
PRO CA  HA   sing N N 283 
PRO C   O    doub N N 284 
PRO C   OXT  sing N N 285 
PRO CB  CG   sing N N 286 
PRO CB  HB2  sing N N 287 
PRO CB  HB3  sing N N 288 
PRO CG  CD   sing N N 289 
PRO CG  HG2  sing N N 290 
PRO CG  HG3  sing N N 291 
PRO CD  HD2  sing N N 292 
PRO CD  HD3  sing N N 293 
PRO OXT HXT  sing N N 294 
SER N   CA   sing N N 295 
SER N   H    sing N N 296 
SER N   H2   sing N N 297 
SER CA  C    sing N N 298 
SER CA  CB   sing N N 299 
SER CA  HA   sing N N 300 
SER C   O    doub N N 301 
SER C   OXT  sing N N 302 
SER CB  OG   sing N N 303 
SER CB  HB2  sing N N 304 
SER CB  HB3  sing N N 305 
SER OG  HG   sing N N 306 
SER OXT HXT  sing N N 307 
SNN N1  C    sing N N 308 
SNN N1  C5   sing N N 309 
SNN N1  HN   sing N N 310 
SNN C   CA   sing N N 311 
SNN C   O    doub N N 312 
SNN CA  N    sing N N 313 
SNN CA  C4   sing N N 314 
SNN CA  HA   sing N N 315 
SNN N   H    sing N N 316 
SNN N   H2   sing N N 317 
SNN C4  C5   sing N N 318 
SNN C4  H41  sing N N 319 
SNN C4  H42  sing N N 320 
SNN C5  O5   doub N N 321 
THR N   CA   sing N N 322 
THR N   H    sing N N 323 
THR N   H2   sing N N 324 
THR CA  C    sing N N 325 
THR CA  CB   sing N N 326 
THR CA  HA   sing N N 327 
THR C   O    doub N N 328 
THR C   OXT  sing N N 329 
THR CB  OG1  sing N N 330 
THR CB  CG2  sing N N 331 
THR CB  HB   sing N N 332 
THR OG1 HG1  sing N N 333 
THR CG2 HG21 sing N N 334 
THR CG2 HG22 sing N N 335 
THR CG2 HG23 sing N N 336 
THR OXT HXT  sing N N 337 
TYR N   CA   sing N N 338 
TYR N   H    sing N N 339 
TYR N   H2   sing N N 340 
TYR CA  C    sing N N 341 
TYR CA  CB   sing N N 342 
TYR CA  HA   sing N N 343 
TYR C   O    doub N N 344 
TYR C   OXT  sing N N 345 
TYR CB  CG   sing N N 346 
TYR CB  HB2  sing N N 347 
TYR CB  HB3  sing N N 348 
TYR CG  CD1  doub Y N 349 
TYR CG  CD2  sing Y N 350 
TYR CD1 CE1  sing Y N 351 
TYR CD1 HD1  sing N N 352 
TYR CD2 CE2  doub Y N 353 
TYR CD2 HD2  sing N N 354 
TYR CE1 CZ   doub Y N 355 
TYR CE1 HE1  sing N N 356 
TYR CE2 CZ   sing Y N 357 
TYR CE2 HE2  sing N N 358 
TYR CZ  OH   sing N N 359 
TYR OH  HH   sing N N 360 
TYR OXT HXT  sing N N 361 
VAL N   CA   sing N N 362 
VAL N   H    sing N N 363 
VAL N   H2   sing N N 364 
VAL CA  C    sing N N 365 
VAL CA  CB   sing N N 366 
VAL CA  HA   sing N N 367 
VAL C   O    doub N N 368 
VAL C   OXT  sing N N 369 
VAL CB  CG1  sing N N 370 
VAL CB  CG2  sing N N 371 
VAL CB  HB   sing N N 372 
VAL CG1 HG11 sing N N 373 
VAL CG1 HG12 sing N N 374 
VAL CG1 HG13 sing N N 375 
VAL CG2 HG21 sing N N 376 
VAL CG2 HG22 sing N N 377 
VAL CG2 HG23 sing N N 378 
VAL OXT HXT  sing N N 379 
# 
_pdbx_initial_refinement_model.id               1 
_pdbx_initial_refinement_model.entity_id_list   ? 
_pdbx_initial_refinement_model.type             'experimental model' 
_pdbx_initial_refinement_model.source_name      PDB 
_pdbx_initial_refinement_model.accession_code   1BFE 
_pdbx_initial_refinement_model.details          ? 
# 
_atom_sites.entry_id                    3K82 
_atom_sites.fract_transf_matrix[1][1]   -0.00051464 
_atom_sites.fract_transf_matrix[1][2]   0.00997838 
_atom_sites.fract_transf_matrix[1][3]   -0.02101239 
_atom_sites.fract_transf_matrix[2][1]   -0.00567426 
_atom_sites.fract_transf_matrix[2][2]   0.02032877 
_atom_sites.fract_transf_matrix[2][3]   0.00979271 
_atom_sites.fract_transf_matrix[3][1]   0.02067477 
_atom_sites.fract_transf_matrix[3][2]   0.00489500 
_atom_sites.fract_transf_matrix[3][3]   0.00181817 
_atom_sites.fract_transf_vector[1]      -0.510635 
_atom_sites.fract_transf_vector[2]      0.035430 
_atom_sites.fract_transf_vector[3]      0.000746 
# 
loop_
_atom_type.symbol 
C 
N 
O 
P 
S 
# 
loop_
_atom_site.group_PDB 
_atom_site.id 
_atom_site.type_symbol 
_atom_site.label_atom_id 
_atom_site.label_alt_id 
_atom_site.label_comp_id 
_atom_site.label_asym_id 
_atom_site.label_entity_id 
_atom_site.label_seq_id 
_atom_site.pdbx_PDB_ins_code 
_atom_site.Cartn_x 
_atom_site.Cartn_y 
_atom_site.Cartn_z 
_atom_site.occupancy 
_atom_site.B_iso_or_equiv 
_atom_site.pdbx_formal_charge 
_atom_site.auth_seq_id 
_atom_site.auth_comp_id 
_atom_site.auth_asym_id 
_atom_site.auth_atom_id 
_atom_site.pdbx_PDB_model_num 
ATOM   1   N N   . GLU A 1 1  ? -7.316  9.638   -15.529 1.00 44.24 ? 305 GLU A N   1 
ATOM   2   C CA  . GLU A 1 1  ? -6.671  8.292   -15.609 1.00 43.07 ? 305 GLU A CA  1 
ATOM   3   C C   . GLU A 1 1  ? -7.723  7.226   -15.331 1.00 41.69 ? 305 GLU A C   1 
ATOM   4   O O   . GLU A 1 1  ? -8.922  7.519   -15.244 1.00 41.62 ? 305 GLU A O   1 
ATOM   5   C CB  . GLU A 1 1  ? -5.528  8.160   -14.598 1.00 44.83 ? 305 GLU A CB  1 
ATOM   6   C CG  . GLU A 1 1  ? -4.146  8.498   -15.115 1.00 49.96 ? 305 GLU A CG  1 
ATOM   7   C CD  . GLU A 1 1  ? -3.053  8.048   -14.143 1.00 59.31 ? 305 GLU A CD  1 
ATOM   8   O OE1 . GLU A 1 1  ? -3.270  8.115   -12.895 1.00 61.93 ? 305 GLU A OE1 1 
ATOM   9   O OE2 . GLU A 1 1  ? -1.981  7.614   -14.627 1.00 61.43 ? 305 GLU A OE2 1 
ATOM   10  N N   . ASP A 1 2  ? -7.274  5.985   -15.200 1.00 38.37 ? 306 ASP A N   1 
ATOM   11  C CA  . ASP A 1 2  ? -8.186  4.893   -14.941 1.00 34.58 ? 306 ASP A CA  1 
ATOM   12  C C   . ASP A 1 2  ? -8.191  4.554   -13.452 1.00 30.78 ? 306 ASP A C   1 
ATOM   13  O O   . ASP A 1 2  ? -8.721  3.519   -13.078 1.00 32.96 ? 306 ASP A O   1 
ATOM   14  C CB  . ASP A 1 2  ? -7.810  3.653   -15.793 1.00 35.79 ? 306 ASP A CB  1 
ATOM   15  C CG  . ASP A 1 2  ? -8.009  3.877   -17.281 0.10 34.05 ? 306 ASP A CG  1 
ATOM   16  O OD1 . ASP A 1 2  ? -8.773  4.791   -17.659 0.10 34.28 ? 306 ASP A OD1 1 
ATOM   17  O OD2 . ASP A 1 2  ? -7.404  3.128   -18.076 0.10 32.30 ? 306 ASP A OD2 1 
ATOM   18  N N   . ILE A 1 3  ? -7.632  5.411   -12.592 1.00 25.41 ? 307 ILE A N   1 
ATOM   19  C CA  . ILE A 1 3  ? -7.671  5.090   -11.160 1.00 22.53 ? 307 ILE A CA  1 
ATOM   20  C C   . ILE A 1 3  ? -8.969  5.665   -10.547 1.00 17.01 ? 307 ILE A C   1 
ATOM   21  O O   . ILE A 1 3  ? -9.217  6.874   -10.572 1.00 18.60 ? 307 ILE A O   1 
ATOM   22  C CB  . ILE A 1 3  ? -6.389  5.526   -10.371 1.00 22.79 ? 307 ILE A CB  1 
ATOM   23  C CG1 . ILE A 1 3  ? -5.129  4.889   -10.986 1.00 30.11 ? 307 ILE A CG1 1 
ATOM   24  C CG2 . ILE A 1 3  ? -6.383  5.023   -8.930  1.00 22.12 ? 307 ILE A CG2 1 
ATOM   25  C CD1 . ILE A 1 3  ? -4.334  5.868   -11.872 1.00 43.29 ? 307 ILE A CD1 1 
ATOM   26  N N   . PRO A 1 4  ? -9.825  4.795   -9.984  1.00 14.09 ? 308 PRO A N   1 
ATOM   27  C CA  . PRO A 1 4  ? -11.056 5.288   -9.414  1.00 11.82 ? 308 PRO A CA  1 
ATOM   28  C C   . PRO A 1 4  ? -10.845 5.890   -8.064  1.00 10.45 ? 308 PRO A C   1 
ATOM   29  O O   . PRO A 1 4  ? -9.792  5.720   -7.437  1.00 10.52 ? 308 PRO A O   1 
ATOM   30  C CB  . PRO A 1 4  ? -11.917 4.006   -9.257  1.00 13.64 ? 308 PRO A CB  1 
ATOM   31  C CG  . PRO A 1 4  ? -11.036 2.959   -9.215  1.00 15.60 ? 308 PRO A CG  1 
ATOM   32  C CD  . PRO A 1 4  ? -9.723  3.331   -9.862  1.00 15.89 ? 308 PRO A CD  1 
ATOM   33  N N   . ARG A 1 5  ? -11.877 6.602   -7.588  1.00 9.53  ? 309 ARG A N   1 
ATOM   34  C CA  . ARG A 1 5  ? -11.838 7.240   -6.296  1.00 8.17  ? 309 ARG A CA  1 
ATOM   35  C C   . ARG A 1 5  ? -12.061 6.263   -5.133  1.00 8.45  ? 309 ARG A C   1 
ATOM   36  O O   . ARG A 1 5  ? -11.539 6.447   -4.012  1.00 8.07  ? 309 ARG A O   1 
ATOM   37  C CB  . ARG A 1 5  ? -12.974 8.311   -6.289  1.00 12.06 ? 309 ARG A CB  1 
ATOM   38  C CG  . ARG A 1 5  ? -13.347 8.844   -4.996  1.00 12.81 ? 309 ARG A CG  1 
ATOM   39  C CD  . ARG A 1 5  ? -14.386 9.955   -5.154  1.00 9.11  ? 309 ARG A CD  1 
ATOM   40  N NE  . ARG A 1 5  ? -14.906 10.260  -3.804  1.00 17.43 ? 309 ARG A NE  1 
ATOM   41  C CZ  . ARG A 1 5  ? -15.879 11.146  -3.520  1.00 15.32 ? 309 ARG A CZ  1 
ATOM   42  N NH1 . ARG A 1 5  ? -16.453 11.859  -4.424  1.00 18.60 ? 309 ARG A NH1 1 
ATOM   43  N NH2 . ARG A 1 5  ? -16.277 11.262  -2.248  1.00 18.55 ? 309 ARG A NH2 1 
ATOM   44  N N   . GLU A 1 6  ? -12.812 5.207   -5.333  1.00 7.92  ? 310 GLU A N   1 
ATOM   45  C CA  . GLU A 1 6  ? -13.220 4.261   -4.265  1.00 8.60  ? 310 GLU A CA  1 
ATOM   46  C C   . GLU A 1 6  ? -12.145 3.195   -4.040  1.00 8.00  ? 310 GLU A C   1 
ATOM   47  O O   . GLU A 1 6  ? -11.281 3.014   -4.904  1.00 8.10  ? 310 GLU A O   1 
ATOM   48  C CB  . GLU A 1 6  ? -14.605 3.671   -4.588  1.00 8.90  ? 310 GLU A CB  1 
ATOM   49  C CG  . GLU A 1 6  ? -15.656 4.773   -4.472  1.00 9.84  ? 310 GLU A CG  1 
ATOM   50  C CD  . GLU A 1 6  ? -16.995 4.318   -5.009  1.00 10.47 ? 310 GLU A CD  1 
ATOM   51  O OE1 . GLU A 1 6  ? -17.066 3.869   -6.138  1.00 9.60  ? 310 GLU A OE1 1 
ATOM   52  O OE2 . GLU A 1 6  ? -18.031 4.612   -4.291  1.00 13.21 ? 310 GLU A OE2 1 
ATOM   53  N N   . PRO A 1 7  ? -12.217 2.498   -2.922  1.00 7.46  ? 311 PRO A N   1 
ATOM   54  C CA  . PRO A 1 7  ? -11.250 1.415   -2.677  1.00 8.96  ? 311 PRO A CA  1 
ATOM   55  C C   . PRO A 1 7  ? -11.239 0.394   -3.780  1.00 8.09  ? 311 PRO A C   1 
ATOM   56  O O   . PRO A 1 7  ? -12.315 0.069   -4.380  1.00 8.81  ? 311 PRO A O   1 
ATOM   57  C CB  . PRO A 1 7  ? -11.689 0.826   -1.351  1.00 9.60  ? 311 PRO A CB  1 
ATOM   58  C CG  . PRO A 1 7  ? -12.402 1.947   -0.681  1.00 10.46 ? 311 PRO A CG  1 
ATOM   59  C CD  . PRO A 1 7  ? -13.123 2.714   -1.795  1.00 9.21  ? 311 PRO A CD  1 
ATOM   60  N N   . ARG A 1 8  ? -10.056 -0.133  -4.076  1.00 8.99  ? 312 ARG A N   1 
ATOM   61  C CA  . ARG A 1 8  ? -9.902  -1.146  -5.115  1.00 8.73  ? 312 ARG A CA  1 
ATOM   62  C C   . ARG A 1 8  ? -9.072  -2.320  -4.607  1.00 9.61  ? 312 ARG A C   1 
ATOM   63  O O   . ARG A 1 8  ? -8.273  -2.174  -3.683  1.00 9.56  ? 312 ARG A O   1 
ATOM   64  C CB  . ARG A 1 8  ? -9.253  -0.541  -6.360  1.00 17.04 ? 312 ARG A CB  1 
ATOM   65  C CG  . ARG A 1 8  ? -8.190  0.503   -6.062  1.00 20.07 ? 312 ARG A CG  1 
ATOM   66  C CD  . ARG A 1 8  ? -7.894  1.355   -7.285  1.00 20.45 ? 312 ARG A CD  1 
ATOM   67  N NE  . ARG A 1 8  ? -6.461  1.523   -7.501  1.00 15.36 ? 312 ARG A NE  1 
ATOM   68  C CZ  . ARG A 1 8  ? -5.659  2.213   -6.695  1.00 10.64 ? 312 ARG A CZ  1 
ATOM   69  N NH1 . ARG A 1 8  ? -6.151  2.802   -5.614  1.00 10.95 ? 312 ARG A NH1 1 
ATOM   70  N NH2 . ARG A 1 8  ? -4.366  2.313   -6.970  1.00 13.51 ? 312 ARG A NH2 1 
ATOM   71  N N   . ARG A 1 9  ? -9.267  -3.485  -5.217  1.00 10.42 ? 313 ARG A N   1 
ATOM   72  C CA  . ARG A 1 9  ? -8.542  -4.687  -4.821  1.00 9.44  ? 313 ARG A CA  1 
ATOM   73  C C   . ARG A 1 9  ? -7.413  -5.002  -5.796  1.00 11.47 ? 313 ARG A C   1 
ATOM   74  O O   . ARG A 1 9  ? -7.639  -5.134  -7.000  1.00 12.73 ? 313 ARG A O   1 
ATOM   75  C CB  . ARG A 1 9  ? -9.495  -5.878  -4.718  1.00 12.55 ? 313 ARG A CB  1 
ATOM   76  C CG  . ARG A 1 9  ? -8.826  -7.173  -4.288  1.00 14.97 ? 313 ARG A CG  1 
ATOM   77  C CD  . ARG A 1 9  ? -9.680  -8.380  -4.642  1.00 22.51 ? 313 ARG A CD  1 
ATOM   78  N NE  . ARG A 1 9  ? -9.525  -8.768  -6.042  1.00 31.63 ? 313 ARG A NE  1 
ATOM   79  C CZ  . ARG A 1 9  ? -9.049  -9.942  -6.443  1.00 18.40 ? 313 ARG A CZ  1 
ATOM   80  N NH1 . ARG A 1 9  ? -8.678  -10.850 -5.550  1.00 33.26 ? 313 ARG A NH1 1 
ATOM   81  N NH2 . ARG A 1 9  ? -8.942  -10.209 -7.737  1.00 32.37 ? 313 ARG A NH2 1 
ATOM   82  N N   . ILE A 1 10 ? -6.199  -5.122  -5.271  1.00 11.27 ? 314 ILE A N   1 
ATOM   83  C CA  . ILE A 1 10 ? -5.006  -5.438  -6.115  1.00 13.03 ? 314 ILE A CA  1 
ATOM   84  C C   . ILE A 1 10 ? -4.313  -6.663  -5.574  1.00 14.34 ? 314 ILE A C   1 
ATOM   85  O O   . ILE A 1 10 ? -4.018  -6.722  -4.406  1.00 13.88 ? 314 ILE A O   1 
ATOM   86  C CB  . ILE A 1 10 ? -4.013  -4.239  -6.132  1.00 12.63 ? 314 ILE A CB  1 
ATOM   87  C CG1 . ILE A 1 10 ? -4.713  -3.008  -6.640  1.00 15.73 ? 314 ILE A CG1 1 
ATOM   88  C CG2 . ILE A 1 10 ? -2.729  -4.545  -6.977  1.00 14.86 ? 314 ILE A CG2 1 
ATOM   89  C CD1 . ILE A 1 10 ? -5.242  -2.175  -5.494  1.00 18.99 ? 314 ILE A CD1 1 
ATOM   90  N N   . VAL A 1 11 ? -4.041  -7.652  -6.425  1.00 13.43 ? 315 VAL A N   1 
ATOM   91  C CA  . VAL A 1 11 ? -3.312  -8.848  -6.015  1.00 14.50 ? 315 VAL A CA  1 
ATOM   92  C C   . VAL A 1 11 ? -1.843  -8.753  -6.467  1.00 16.00 ? 315 VAL A C   1 
ATOM   93  O O   . VAL A 1 11 ? -1.608  -8.531  -7.675  1.00 18.90 ? 315 VAL A O   1 
ATOM   94  C CB  . VAL A 1 11 ? -3.978  -10.134 -6.563  1.00 16.67 ? 315 VAL A CB  1 
ATOM   95  C CG1 . VAL A 1 11 ? -3.146  -11.340 -6.153  1.00 17.92 ? 315 VAL A CG1 1 
ATOM   96  C CG2 . VAL A 1 11 ? -5.364  -10.240 -6.002  1.00 17.31 ? 315 VAL A CG2 1 
ATOM   97  N N   . ILE A 1 12 ? -0.915  -8.935  -5.503  1.00 14.95 ? 316 ILE A N   1 
ATOM   98  C CA  . ILE A 1 12 ? 0.563   -8.766  -5.650  1.00 17.90 ? 316 ILE A CA  1 
ATOM   99  C C   . ILE A 1 12 ? 1.193   -10.137 -5.310  1.00 16.01 ? 316 ILE A C   1 
ATOM   100 O O   . ILE A 1 12 ? 0.811   -10.755 -4.335  1.00 15.69 ? 316 ILE A O   1 
ATOM   101 C CB  . ILE A 1 12 ? 1.103   -7.663  -4.573  1.00 14.13 ? 316 ILE A CB  1 
ATOM   102 C CG1 . ILE A 1 12 ? 0.720   -6.281  -5.078  1.00 24.91 ? 316 ILE A CG1 1 
ATOM   103 C CG2 . ILE A 1 12 ? 2.642   -7.735  -4.489  1.00 26.29 ? 316 ILE A CG2 1 
ATOM   104 C CD1 . ILE A 1 12 ? 0.563   -6.235  -6.620  1.00 24.33 ? 316 ILE A CD1 1 
ATOM   105 N N   . HIS A 1 13 ? 2.254   -10.532 -6.034  1.00 15.58 ? 317 HIS A N   1 
ATOM   106 C CA  . HIS A 1 13 ? 3.021   -11.680 -5.588  1.00 17.50 ? 317 HIS A CA  1 
ATOM   107 C C   . HIS A 1 13 ? 4.395   -11.208 -5.100  1.00 14.41 ? 317 HIS A C   1 
ATOM   108 O O   . HIS A 1 13 ? 5.118   -10.524 -5.817  1.00 15.96 ? 317 HIS A O   1 
ATOM   109 C CB  . HIS A 1 13 ? 3.197   -12.695 -6.730  1.00 20.07 ? 317 HIS A CB  1 
ATOM   110 C CG  . HIS A 1 13 ? 1.901   -13.278 -7.185  1.00 24.77 ? 317 HIS A CG  1 
ATOM   111 N ND1 . HIS A 1 13 ? 1.419   -14.483 -6.704  1.00 29.21 ? 317 HIS A ND1 1 
ATOM   112 C CD2 . HIS A 1 13 ? 0.936   -12.779 -8.002  1.00 28.28 ? 317 HIS A CD2 1 
ATOM   113 C CE1 . HIS A 1 13 ? 0.233   -14.723 -7.251  1.00 28.34 ? 317 HIS A CE1 1 
ATOM   114 N NE2 . HIS A 1 13 ? -0.085  -13.703 -8.033  1.00 28.98 ? 317 HIS A NE2 1 
ATOM   115 N N   . ARG A 1 14 ? 4.714   -11.639 -3.926  1.00 13.36 ? 318 ARG A N   1 
ATOM   116 C CA  . ARG A 1 14 ? 6.033   -11.281 -3.357  1.00 14.14 ? 318 ARG A CA  1 
ATOM   117 C C   . ARG A 1 14 ? 7.202   -11.888 -4.133  1.00 16.62 ? 318 ARG A C   1 
ATOM   118 O O   . ARG A 1 14 ? 7.158   -13.070 -4.579  1.00 18.75 ? 318 ARG A O   1 
ATOM   119 C CB  . ARG A 1 14 ? 6.099   -11.778 -1.960  1.00 11.86 ? 318 ARG A CB  1 
ATOM   120 C CG  . ARG A 1 14 ? 7.252   -11.155 -1.060  1.00 13.93 ? 318 ARG A CG  1 
ATOM   121 C CD  . ARG A 1 14 ? 7.224   -11.696 0.344   1.00 12.12 ? 318 ARG A CD  1 
ATOM   122 N NE  . ARG A 1 14 ? 5.907   -11.637 1.031   1.00 12.41 ? 318 ARG A NE  1 
ATOM   123 C CZ  . ARG A 1 14 ? 5.417   -10.583 1.686   1.00 12.08 ? 318 ARG A CZ  1 
ATOM   124 N NH1 . ARG A 1 14 ? 6.164   -9.479  1.898   1.00 10.79 ? 318 ARG A NH1 1 
ATOM   125 N NH2 . ARG A 1 14 ? 4.196   -10.657 2.190   1.00 11.83 ? 318 ARG A NH2 1 
ATOM   126 N N   . GLY A 1 15 ? 8.258   -11.102 -4.270  1.00 13.99 ? 319 GLY A N   1 
ATOM   127 C CA  . GLY A 1 15 ? 9.491   -11.644 -4.832  1.00 14.98 ? 319 GLY A CA  1 
ATOM   128 C C   . GLY A 1 15 ? 10.750  -11.252 -4.101  1.00 11.84 ? 319 GLY A C   1 
ATOM   129 O O   . GLY A 1 15 ? 10.736  -10.894 -2.913  1.00 12.71 ? 319 GLY A O   1 
ATOM   130 N N   . SER A 1 16 ? 11.832  -11.276 -4.835  1.00 12.49 ? 320 SER A N   1 
ATOM   131 C CA  A SER A 1 16 ? 13.119  -11.124 -4.173  0.50 11.31 ? 320 SER A CA  1 
ATOM   132 C CA  B SER A 1 16 ? 13.191  -11.068 -4.292  0.50 11.83 ? 320 SER A CA  1 
ATOM   133 C C   . SER A 1 16 ? 13.363  -9.680  -3.715  1.00 10.76 ? 320 SER A C   1 
ATOM   134 O O   . SER A 1 16 ? 14.229  -9.424  -2.900  1.00 12.33 ? 320 SER A O   1 
ATOM   135 C CB  A SER A 1 16 ? 14.190  -11.603 -5.119  0.50 12.46 ? 320 SER A CB  1 
ATOM   136 C CB  B SER A 1 16 ? 14.239  -11.268 -5.395  0.50 12.13 ? 320 SER A CB  1 
ATOM   137 O OG  A SER A 1 16 ? 14.194  -10.781 -6.250  0.50 11.71 ? 320 SER A OG  1 
ATOM   138 O OG  B SER A 1 16 ? 15.495  -10.739 -4.972  0.50 14.83 ? 320 SER A OG  1 
ATOM   139 N N   . THR A 1 17 ? 12.533  -8.742  -4.188  1.00 11.90 ? 321 THR A N   1 
ATOM   140 C CA  . THR A 1 17 ? 12.551  -7.334  -3.729  1.00 12.41 ? 321 THR A CA  1 
ATOM   141 C C   . THR A 1 17 ? 11.220  -7.055  -2.945  1.00 10.85 ? 321 THR A C   1 
ATOM   142 O O   . THR A 1 17 ? 10.742  -5.883  -2.946  1.00 10.90 ? 321 THR A O   1 
ATOM   143 C CB  . THR A 1 17 ? 12.779  -6.310  -4.861  1.00 13.69 ? 321 THR A CB  1 
ATOM   144 O OG1 . THR A 1 17 ? 11.821  -6.582  -5.899  1.00 17.89 ? 321 THR A OG1 1 
ATOM   145 C CG2 . THR A 1 17 ? 14.218  -6.332  -5.434  1.00 17.20 ? 321 THR A CG2 1 
ATOM   146 N N   . GLY A 1 18 ? 10.687  -8.043  -2.254  1.00 10.44 ? 322 GLY A N   1 
ATOM   147 C CA  . GLY A 1 18 ? 9.471   -7.908  -1.434  1.00 10.90 ? 322 GLY A CA  1 
ATOM   148 C C   . GLY A 1 18 ? 8.264   -7.625  -2.317  1.00 12.31 ? 322 GLY A C   1 
ATOM   149 O O   . GLY A 1 18 ? 8.119   -8.216  -3.400  1.00 12.21 ? 322 GLY A O   1 
ATOM   150 N N   . LEU A 1 19 ? 7.329   -6.792  -1.829  1.00 9.99  ? 323 LEU A N   1 
ATOM   151 C CA  . LEU A 1 19 ? 6.110   -6.492  -2.613  1.00 10.54 ? 323 LEU A CA  1 
ATOM   152 C C   . LEU A 1 19 ? 6.364   -5.356  -3.587  1.00 11.45 ? 323 LEU A C   1 
ATOM   153 O O   . LEU A 1 19 ? 5.482   -5.090  -4.458  1.00 12.43 ? 323 LEU A O   1 
ATOM   154 C CB  . LEU A 1 19 ? 4.964   -6.114  -1.653  1.00 12.78 ? 323 LEU A CB  1 
ATOM   155 C CG  . LEU A 1 19 ? 4.662   -7.258  -0.689  1.00 9.71  ? 323 LEU A CG  1 
ATOM   156 C CD1 . LEU A 1 19 ? 3.670   -6.883  0.341   1.00 11.31 ? 323 LEU A CD1 1 
ATOM   157 C CD2 . LEU A 1 19 ? 4.076   -8.487  -1.468  1.00 12.65 ? 323 LEU A CD2 1 
ATOM   158 N N   . GLY A 1 20 ? 7.508   -4.719  -3.535  1.00 10.93 ? 324 GLY A N   1 
ATOM   159 C CA  . GLY A 1 20 ? 7.814   -3.738  -4.562  1.00 10.82 ? 324 GLY A CA  1 
ATOM   160 C C   . GLY A 1 20 ? 7.348   -2.334  -4.232  1.00 12.30 ? 324 GLY A C   1 
ATOM   161 O O   . GLY A 1 20 ? 7.162   -1.513  -5.129  1.00 11.37 ? 324 GLY A O   1 
ATOM   162 N N   . PHE A 1 21 ? 7.164   -2.013  -2.954  1.00 9.05  ? 325 PHE A N   1 
ATOM   163 C CA  . PHE A 1 21 ? 6.764   -0.657  -2.576  1.00 8.81  ? 325 PHE A CA  1 
ATOM   164 C C   . PHE A 1 21 ? 7.156   -0.412  -1.146  1.00 7.33  ? 325 PHE A C   1 
ATOM   165 O O   . PHE A 1 21 ? 7.374   -1.355  -0.391  1.00 8.47  ? 325 PHE A O   1 
ATOM   166 C CB  . PHE A 1 21 ? 5.268   -0.384  -2.757  1.00 8.27  ? 325 PHE A CB  1 
ATOM   167 C CG  . PHE A 1 21 ? 4.367   -1.239  -1.902  1.00 8.35  ? 325 PHE A CG  1 
ATOM   168 C CD1 . PHE A 1 21 ? 4.040   -0.833  -0.620  1.00 8.54  ? 325 PHE A CD1 1 
ATOM   169 C CD2 . PHE A 1 21 ? 3.800   -2.438  -2.387  1.00 9.75  ? 325 PHE A CD2 1 
ATOM   170 C CE1 . PHE A 1 21 ? 3.223   -1.579  0.167   1.00 8.30  ? 325 PHE A CE1 1 
ATOM   171 C CE2 . PHE A 1 21 ? 2.919   -3.152  -1.566  1.00 8.79  ? 325 PHE A CE2 1 
ATOM   172 C CZ  . PHE A 1 21 ? 2.675   -2.772  -0.273  1.00 8.45  ? 325 PHE A CZ  1 
ATOM   173 N N   . ASN A 1 22 ? 7.252   0.860   -0.773  1.00 6.75  ? 326 ASN A N   1 
ATOM   174 C CA  . ASN A 1 22 ? 7.536   1.263   0.577   1.00 7.43  ? 326 ASN A CA  1 
ATOM   175 C C   . ASN A 1 22 ? 6.474   2.203   1.100   1.00 6.86  ? 326 ASN A C   1 
ATOM   176 O O   . ASN A 1 22 ? 5.743   2.801   0.319   1.00 8.28  ? 326 ASN A O   1 
ATOM   177 C CB  . ASN A 1 22 ? 8.955   1.857   0.697   1.00 11.15 ? 326 ASN A CB  1 
ATOM   178 C CG  . ASN A 1 22 ? 10.008  0.763   0.557   1.00 11.63 ? 326 ASN A CG  1 
ATOM   179 O OD1 . ASN A 1 22 ? 10.263  -0.013  1.506   1.00 13.39 ? 326 ASN A OD1 1 
ATOM   180 N ND2 . ASN A 1 22 ? 10.534  0.626   -0.595  1.00 9.25  ? 326 ASN A ND2 1 
ATOM   181 N N   . ILE A 1 23 ? 6.351   2.269   2.413   1.00 7.06  ? 327 ILE A N   1 
ATOM   182 C CA  . ILE A 1 23 ? 5.256   2.935   3.096   1.00 6.29  ? 327 ILE A CA  1 
ATOM   183 C C   . ILE A 1 23 ? 5.683   4.009   4.049   1.00 7.93  ? 327 ILE A C   1 
ATOM   184 O O   . ILE A 1 23 ? 6.766   3.925   4.684   1.00 9.21  ? 327 ILE A O   1 
ATOM   185 C CB  . ILE A 1 23 ? 4.287   1.934   3.800   1.00 7.37  ? 327 ILE A CB  1 
ATOM   186 C CG1 . ILE A 1 23 ? 5.060   1.025   4.771   1.00 8.70  ? 327 ILE A CG1 1 
ATOM   187 C CG2 . ILE A 1 23 ? 3.516   1.192   2.773   1.00 10.08 ? 327 ILE A CG2 1 
ATOM   188 C CD1 . ILE A 1 23 ? 4.193   0.466   5.841   1.00 9.25  ? 327 ILE A CD1 1 
ATOM   189 N N   . VAL A 1 24 ? 4.793   4.981   4.213   1.00 7.38  ? 328 VAL A N   1 
ATOM   190 C CA  . VAL A 1 24 ? 4.942   6.028   5.238   1.00 7.46  ? 328 VAL A CA  1 
ATOM   191 C C   . VAL A 1 24 ? 3.613   6.135   6.024   1.00 7.86  ? 328 VAL A C   1 
ATOM   192 O O   . VAL A 1 24 ? 2.587   5.500   5.655   1.00 7.78  ? 328 VAL A O   1 
ATOM   193 C CB  . VAL A 1 24 ? 5.339   7.397   4.607   1.00 7.22  ? 328 VAL A CB  1 
ATOM   194 C CG1 . VAL A 1 24 ? 6.709   7.312   4.037   1.00 8.90  ? 328 VAL A CG1 1 
ATOM   195 C CG2 . VAL A 1 24 ? 4.279   7.811   3.568   1.00 9.36  ? 328 VAL A CG2 1 
ATOM   196 N N   . GLY A 1 25 ? 3.589   6.962   7.068   1.00 9.08  ? 329 GLY A N   1 
ATOM   197 C CA  . GLY A 1 25 ? 2.347   7.243   7.772   1.00 8.44  ? 329 GLY A CA  1 
ATOM   198 C C   . GLY A 1 25 ? 2.137   6.331   8.954   1.00 8.21  ? 329 GLY A C   1 
ATOM   199 O O   . GLY A 1 25 ? 3.075   5.779   9.581   1.00 8.77  ? 329 GLY A O   1 
ATOM   200 N N   . GLY A 1 26 ? 0.895   6.149   9.289   1.00 7.07  ? 330 GLY A N   1 
ATOM   201 C CA  . GLY A 1 26 ? 0.519   5.418   10.454  1.00 7.75  ? 330 GLY A CA  1 
ATOM   202 C C   . GLY A 1 26 ? 0.718   6.179   11.762  1.00 8.76  ? 330 GLY A C   1 
ATOM   203 O O   . GLY A 1 26 ? 1.056   5.573   12.791  1.00 8.81  ? 330 GLY A O   1 
ATOM   204 N N   . GLU A 1 27 ? 0.509   7.508   11.757  1.00 8.25  ? 331 GLU A N   1 
ATOM   205 C CA  . GLU A 1 27 ? 0.685   8.285   13.009  1.00 7.82  ? 331 GLU A CA  1 
ATOM   206 C C   . GLU A 1 27 ? -0.216  9.493   12.828  1.00 8.54  ? 331 GLU A C   1 
ATOM   207 O O   . GLU A 1 27 ? -0.549  9.924   11.747  1.00 8.96  ? 331 GLU A O   1 
ATOM   208 C CB  . GLU A 1 27 ? 2.155   8.634   13.234  1.00 7.57  ? 331 GLU A CB  1 
ATOM   209 C CG  . GLU A 1 27 ? 2.769   9.502   12.155  1.00 9.96  ? 331 GLU A CG  1 
ATOM   210 C CD  . GLU A 1 27 ? 4.201   9.851   12.492  1.00 8.04  ? 331 GLU A CD  1 
ATOM   211 O OE1 . GLU A 1 27 ? 4.486   11.094  12.644  1.00 10.15 ? 331 GLU A OE1 1 
ATOM   212 O OE2 . GLU A 1 27 ? 5.008   8.930   12.605  1.00 9.18  ? 331 GLU A OE2 1 
HETATM 213 C C   . SNN A 1 28 ? -2.814  10.841  13.141  1.00 8.92  ? 332 SNN A C   1 
HETATM 214 C CA  . SNN A 1 28 ? -1.581  11.150  13.991  1.00 8.76  ? 332 SNN A CA  1 
HETATM 215 N N   . SNN A 1 28 ? -0.622  10.002  14.064  1.00 8.85  ? 332 SNN A N   1 
HETATM 216 C C4  . SNN A 1 28 ? -0.951  12.412  13.433  1.00 12.27 ? 332 SNN A C4  1 
HETATM 217 C C5  . SNN A 1 28 ? -1.915  12.743  12.311  1.00 16.44 ? 332 SNN A C5  1 
HETATM 218 O O   . SNN A 1 28 ? -3.461  9.841   13.310  1.00 12.20 ? 332 SNN A O   1 
HETATM 219 O O5  . SNN A 1 28 ? -1.768  13.667  11.554  1.00 18.46 ? 332 SNN A O5  1 
ATOM   220 N N   . GLY A 1 29 ? -2.924  11.846  12.277  1.00 12.44 ? 333 GLY A N   1 
ATOM   221 C CA  . GLY A 1 29 ? -3.983  11.848  11.248  1.00 13.09 ? 333 GLY A CA  1 
ATOM   222 C C   . GLY A 1 29 ? -3.696  11.162  9.949   1.00 14.72 ? 333 GLY A C   1 
ATOM   223 O O   . GLY A 1 29 ? -4.540  11.209  9.058   1.00 15.68 ? 333 GLY A O   1 
ATOM   224 N N   . GLU A 1 30 ? -2.559  10.491  9.860   1.00 11.35 ? 334 GLU A N   1 
ATOM   225 C CA  . GLU A 1 30 ? -2.113  9.935   8.591   1.00 9.84  ? 334 GLU A CA  1 
ATOM   226 C C   . GLU A 1 30 ? -2.137  8.378   8.641   1.00 9.20  ? 334 GLU A C   1 
ATOM   227 O O   . GLU A 1 30 ? -1.478  7.745   9.490   1.00 9.75  ? 334 GLU A O   1 
ATOM   228 C CB  . GLU A 1 30 ? -0.684  10.336  8.318   1.00 9.63  ? 334 GLU A CB  1 
ATOM   229 C CG  . GLU A 1 30 ? -0.199  9.913   6.939   1.00 9.87  ? 334 GLU A CG  1 
ATOM   230 C CD  . GLU A 1 30 ? 1.221   10.316  6.696   1.00 11.77 ? 334 GLU A CD  1 
ATOM   231 O OE1 . GLU A 1 30 ? 1.963   10.749  7.623   1.00 14.64 ? 334 GLU A OE1 1 
ATOM   232 O OE2 . GLU A 1 30 ? 1.686   10.206  5.516   1.00 12.83 ? 334 GLU A OE2 1 
ATOM   233 N N   . GLY A 1 31 ? -2.899  7.750   7.751   1.00 9.98  ? 335 GLY A N   1 
ATOM   234 C CA  . GLY A 1 31 ? -2.918  6.309   7.580   1.00 9.59  ? 335 GLY A CA  1 
ATOM   235 C C   . GLY A 1 31 ? -1.681  5.803   6.867   1.00 7.20  ? 335 GLY A C   1 
ATOM   236 O O   . GLY A 1 31 ? -0.697  6.542   6.756   1.00 8.83  ? 335 GLY A O   1 
ATOM   237 N N   . ILE A 1 32 ? -1.749  4.585   6.358   1.00 7.85  ? 336 ILE A N   1 
ATOM   238 C CA  . ILE A 1 32 ? -0.606  3.976   5.729   1.00 6.63  ? 336 ILE A CA  1 
ATOM   239 C C   . ILE A 1 32 ? -0.603  4.299   4.258   1.00 6.81  ? 336 ILE A C   1 
ATOM   240 O O   . ILE A 1 32 ? -1.530  3.896   3.559   1.00 8.20  ? 336 ILE A O   1 
ATOM   241 C CB  . ILE A 1 32 ? -0.623  2.471   5.962   1.00 6.39  ? 336 ILE A CB  1 
ATOM   242 C CG1 . ILE A 1 32 ? -0.646  2.125   7.469   1.00 8.60  ? 336 ILE A CG1 1 
ATOM   243 C CG2 . ILE A 1 32 ? 0.574   1.816   5.226   1.00 7.59  ? 336 ILE A CG2 1 
ATOM   244 C CD1 . ILE A 1 32 ? 0.585   2.620   8.287   1.00 8.38  ? 336 ILE A CD1 1 
ATOM   245 N N   . PHE A 1 33 ? 0.409   5.007   3.785   1.00 6.44  ? 337 PHE A N   1 
ATOM   246 C CA  . PHE A 1 33 ? 0.475   5.397   2.358   1.00 6.41  ? 337 PHE A CA  1 
ATOM   247 C C   . PHE A 1 33 ? 1.653   4.811   1.650   1.00 7.34  ? 337 PHE A C   1 
ATOM   248 O O   . PHE A 1 33 ? 2.741   4.646   2.246   1.00 8.35  ? 337 PHE A O   1 
ATOM   249 C CB  . PHE A 1 33 ? 0.601   6.947   2.243   1.00 7.37  ? 337 PHE A CB  1 
ATOM   250 C CG  . PHE A 1 33 ? -0.666  7.640   2.461   1.00 6.54  ? 337 PHE A CG  1 
ATOM   251 C CD1 . PHE A 1 33 ? -1.116  7.968   3.727   1.00 9.20  ? 337 PHE A CD1 1 
ATOM   252 C CD2 . PHE A 1 33 ? -1.505  7.882   1.358   1.00 7.82  ? 337 PHE A CD2 1 
ATOM   253 C CE1 . PHE A 1 33 ? -2.400  8.670   3.885   1.00 10.90 ? 337 PHE A CE1 1 
ATOM   254 C CE2 . PHE A 1 33 ? -2.704  8.583   1.558   1.00 8.30  ? 337 PHE A CE2 1 
ATOM   255 C CZ  . PHE A 1 33 ? -3.162  8.928   2.748   1.00 9.59  ? 337 PHE A CZ  1 
ATOM   256 N N   . ILE A 1 34 ? 1.466   4.496   0.389   1.00 7.85  ? 338 ILE A N   1 
ATOM   257 C CA  . ILE A 1 34 ? 2.592   4.077   -0.476  1.00 8.36  ? 338 ILE A CA  1 
ATOM   258 C C   . ILE A 1 34 ? 3.361   5.307   -0.884  1.00 9.48  ? 338 ILE A C   1 
ATOM   259 O O   . ILE A 1 34 ? 2.809   6.268   -1.456  1.00 8.88  ? 338 ILE A O   1 
ATOM   260 C CB  . ILE A 1 34 ? 2.081   3.339   -1.700  1.00 8.49  ? 338 ILE A CB  1 
ATOM   261 C CG1 . ILE A 1 34 ? 1.364   2.079   -1.254  1.00 10.83 ? 338 ILE A CG1 1 
ATOM   262 C CG2 . ILE A 1 34 ? 3.225   3.102   -2.703  1.00 8.95  ? 338 ILE A CG2 1 
ATOM   263 C CD1 . ILE A 1 34 ? 0.904   1.163   -2.355  1.00 13.57 ? 338 ILE A CD1 1 
ATOM   264 N N   . SER A 1 35 ? 4.662   5.357   -0.542  1.00 9.27  ? 339 SER A N   1 
ATOM   265 C CA  . SER A 1 35 ? 5.495   6.512   -0.851  1.00 9.21  ? 339 SER A CA  1 
ATOM   266 C C   . SER A 1 35 ? 6.412   6.254   -2.040  1.00 9.86  ? 339 SER A C   1 
ATOM   267 O O   . SER A 1 35 ? 6.972   7.220   -2.601  1.00 12.80 ? 339 SER A O   1 
ATOM   268 C CB  . SER A 1 35 ? 6.317   6.927   0.331   1.00 10.40 ? 339 SER A CB  1 
ATOM   269 O OG  . SER A 1 35 ? 7.211   5.860   0.684   1.00 12.89 ? 339 SER A OG  1 
ATOM   270 N N   . PHE A 1 36 ? 6.595   4.999   -2.410  1.00 10.05 ? 340 PHE A N   1 
ATOM   271 C CA  . PHE A 1 36 ? 7.587   4.629   -3.429  1.00 9.36  ? 340 PHE A CA  1 
ATOM   272 C C   . PHE A 1 36 ? 7.155   3.325   -4.012  1.00 9.84  ? 340 PHE A C   1 
ATOM   273 O O   . PHE A 1 36 ? 6.767   2.374   -3.304  1.00 9.89  ? 340 PHE A O   1 
ATOM   274 C CB  . PHE A 1 36 ? 8.976   4.428   -2.750  1.00 11.85 ? 340 PHE A CB  1 
ATOM   275 C CG  . PHE A 1 36 ? 10.017  3.848   -3.688  1.00 11.60 ? 340 PHE A CG  1 
ATOM   276 C CD1 . PHE A 1 36 ? 10.323  2.500   -3.632  1.00 13.34 ? 340 PHE A CD1 1 
ATOM   277 C CD2 . PHE A 1 36 ? 10.666  4.656   -4.564  1.00 14.55 ? 340 PHE A CD2 1 
ATOM   278 C CE1 . PHE A 1 36 ? 11.234  1.916   -4.537  1.00 16.93 ? 340 PHE A CE1 1 
ATOM   279 C CE2 . PHE A 1 36 ? 11.603  4.096   -5.452  1.00 13.50 ? 340 PHE A CE2 1 
ATOM   280 C CZ  . PHE A 1 36 ? 11.892  2.755   -5.443  1.00 13.39 ? 340 PHE A CZ  1 
ATOM   281 N N   . ILE A 1 37 ? 7.264   3.239   -5.343  1.00 11.28 ? 341 ILE A N   1 
ATOM   282 C CA  . ILE A 1 37 ? 7.025   2.028   -6.097  1.00 11.86 ? 341 ILE A CA  1 
ATOM   283 C C   . ILE A 1 37 ? 8.329   1.643   -6.825  1.00 12.01 ? 341 ILE A C   1 
ATOM   284 O O   . ILE A 1 37 ? 8.901   2.471   -7.560  1.00 13.67 ? 341 ILE A O   1 
ATOM   285 C CB  . ILE A 1 37 ? 5.902   2.205   -7.176  1.00 12.32 ? 341 ILE A CB  1 
ATOM   286 C CG1 . ILE A 1 37 ? 4.595   2.667   -6.471  1.00 16.39 ? 341 ILE A CG1 1 
ATOM   287 C CG2 . ILE A 1 37 ? 5.756   0.869   -8.012  1.00 15.27 ? 341 ILE A CG2 1 
ATOM   288 C CD1 . ILE A 1 37 ? 3.783   1.606   -6.032  1.00 20.96 ? 341 ILE A CD1 1 
ATOM   289 N N   . LEU A 1 38 ? 8.782   0.421   -6.585  1.00 11.74 ? 342 LEU A N   1 
ATOM   290 C CA  . LEU A 1 38 ? 10.051  -0.063  -7.203  1.00 14.98 ? 342 LEU A CA  1 
ATOM   291 C C   . LEU A 1 38 ? 9.830   -0.395  -8.684  1.00 15.81 ? 342 LEU A C   1 
ATOM   292 O O   . LEU A 1 38 ? 9.045   -1.241  -9.016  1.00 16.18 ? 342 LEU A O   1 
ATOM   293 C CB  . LEU A 1 38 ? 10.487  -1.323  -6.431  1.00 13.68 ? 342 LEU A CB  1 
ATOM   294 C CG  . LEU A 1 38 ? 11.899  -1.877  -6.738  1.00 14.51 ? 342 LEU A CG  1 
ATOM   295 C CD1 . LEU A 1 38 ? 12.962  -0.843  -6.336  1.00 15.09 ? 342 LEU A CD1 1 
ATOM   296 C CD2 . LEU A 1 38 ? 12.113  -3.219  -6.055  1.00 17.83 ? 342 LEU A CD2 1 
ATOM   297 N N   . ALA A 1 39 ? 10.684  0.190   -9.525  1.00 18.40 ? 343 ALA A N   1 
ATOM   298 C CA  . ALA A 1 39 ? 10.584  -0.099  -10.976 1.00 21.07 ? 343 ALA A CA  1 
ATOM   299 C C   . ALA A 1 39 ? 10.739  -1.608  -11.280 1.00 19.70 ? 343 ALA A C   1 
ATOM   300 O O   . ALA A 1 39 ? 11.656  -2.212  -10.788 1.00 25.78 ? 343 ALA A O   1 
ATOM   301 C CB  . ALA A 1 39 ? 11.612  0.744   -11.746 1.00 23.14 ? 343 ALA A CB  1 
ATOM   302 N N   . GLY A 1 40 ? 9.787   -2.216  -11.967 1.00 24.05 ? 344 GLY A N   1 
ATOM   303 C CA  . GLY A 1 40 ? 9.900   -3.641  -12.299 1.00 26.71 ? 344 GLY A CA  1 
ATOM   304 C C   . GLY A 1 40 ? 9.520   -4.597  -11.181 1.00 27.33 ? 344 GLY A C   1 
ATOM   305 O O   . GLY A 1 40 ? 9.457   -5.828  -11.405 1.00 29.48 ? 344 GLY A O   1 
ATOM   306 N N   . GLY A 1 41 ? 9.279   -4.061  -9.967  1.00 23.06 ? 345 GLY A N   1 
ATOM   307 C CA  . GLY A 1 41 ? 8.791   -4.897  -8.847  1.00 21.99 ? 345 GLY A CA  1 
ATOM   308 C C   . GLY A 1 41 ? 7.341   -5.295  -9.052  1.00 23.53 ? 345 GLY A C   1 
ATOM   309 O O   . GLY A 1 41 ? 6.674   -4.899  -10.017 1.00 22.89 ? 345 GLY A O   1 
ATOM   310 N N   . PRO A 1 42 ? 6.831   -6.095  -8.135  1.00 19.56 ? 346 PRO A N   1 
ATOM   311 C CA  . PRO A 1 42 ? 5.501   -6.659  -8.283  1.00 21.40 ? 346 PRO A CA  1 
ATOM   312 C C   . PRO A 1 42 ? 4.434   -5.595  -8.328  1.00 21.24 ? 346 PRO A C   1 
ATOM   313 O O   . PRO A 1 42 ? 3.459   -5.726  -9.074  1.00 24.34 ? 346 PRO A O   1 
ATOM   314 C CB  . PRO A 1 42 ? 5.327   -7.538  -7.053  1.00 22.10 ? 346 PRO A CB  1 
ATOM   315 C CG  . PRO A 1 42 ? 6.782   -7.889  -6.651  1.00 18.30 ? 346 PRO A CG  1 
ATOM   316 C CD  . PRO A 1 42 ? 7.647   -6.734  -7.091  1.00 19.47 ? 346 PRO A CD  1 
ATOM   317 N N   . ALA A 1 43 ? 4.583   -4.542  -7.529  1.00 18.40 ? 347 ALA A N   1 
ATOM   318 C CA  . ALA A 1 43 ? 3.558   -3.505  -7.487  1.00 16.65 ? 347 ALA A CA  1 
ATOM   319 C C   . ALA A 1 43 ? 3.588   -2.711  -8.769  1.00 17.86 ? 347 ALA A C   1 
ATOM   320 O O   . ALA A 1 43 ? 2.512   -2.311  -9.269  1.00 19.43 ? 347 ALA A O   1 
ATOM   321 C CB  . ALA A 1 43 ? 3.755   -2.562  -6.264  1.00 17.07 ? 347 ALA A CB  1 
ATOM   322 N N   . ASP A 1 44 ? 4.769   -2.521  -9.330  1.00 20.50 ? 348 ASP A N   1 
ATOM   323 C CA  . ASP A 1 44 ? 4.883   -1.795  -10.610 1.00 24.36 ? 348 ASP A CA  1 
ATOM   324 C C   . ASP A 1 44 ? 4.213   -2.591  -11.741 1.00 25.48 ? 348 ASP A C   1 
ATOM   325 O O   . ASP A 1 44 ? 3.331   -2.074  -12.477 1.00 25.92 ? 348 ASP A O   1 
ATOM   326 C CB  . ASP A 1 44 ? 6.349   -1.502  -10.894 1.00 22.38 ? 348 ASP A CB  1 
ATOM   327 C CG  . ASP A 1 44 ? 6.557   -0.569  -12.074 1.00 25.67 ? 348 ASP A CG  1 
ATOM   328 O OD1 . ASP A 1 44 ? 5.664   0.250   -12.333 1.00 26.94 ? 348 ASP A OD1 1 
ATOM   329 O OD2 . ASP A 1 44 ? 7.648   -0.639  -12.694 1.00 30.95 ? 348 ASP A OD2 1 
ATOM   330 N N   . LEU A 1 45 ? 4.535   -3.873  -11.793 1.00 27.14 ? 349 LEU A N   1 
ATOM   331 C CA  . LEU A 1 45 ? 3.989   -4.769  -12.809 1.00 28.81 ? 349 LEU A CA  1 
ATOM   332 C C   . LEU A 1 45 ? 2.458   -4.934  -12.763 1.00 30.06 ? 349 LEU A C   1 
ATOM   333 O O   . LEU A 1 45 ? 1.831   -5.072  -13.820 1.00 30.60 ? 349 LEU A O   1 
ATOM   334 C CB  . LEU A 1 45 ? 4.721   -6.116  -12.741 1.00 30.12 ? 349 LEU A CB  1 
ATOM   335 C CG  . LEU A 1 45 ? 6.185   -6.070  -13.158 1.00 30.64 ? 349 LEU A CG  1 
ATOM   336 C CD1 . LEU A 1 45 ? 6.737   -7.465  -13.504 1.00 33.26 ? 349 LEU A CD1 1 
ATOM   337 C CD2 . LEU A 1 45 ? 6.399   -5.131  -14.299 1.00 34.67 ? 349 LEU A CD2 1 
ATOM   338 N N   . SER A 1 46 ? 1.843   -4.918  -11.571 1.00 30.37 ? 350 SER A N   1 
ATOM   339 C CA  . SER A 1 46 ? 0.386   -4.937  -11.476 1.00 30.59 ? 350 SER A CA  1 
ATOM   340 C C   . SER A 1 46 ? -0.221  -3.756  -12.270 1.00 29.95 ? 350 SER A C   1 
ATOM   341 O O   . SER A 1 46 ? -1.359  -3.877  -12.803 1.00 31.97 ? 350 SER A O   1 
ATOM   342 C CB  . SER A 1 46 ? -0.100  -4.952  -9.999  1.00 28.48 ? 350 SER A CB  1 
ATOM   343 O OG  . SER A 1 46 ? -0.253  -3.644  -9.446  1.00 32.18 ? 350 SER A OG  1 
ATOM   344 N N   . GLY A 1 47 ? 0.505   -2.618  -12.331 1.00 27.92 ? 351 GLY A N   1 
ATOM   345 C CA  . GLY A 1 47 ? 0.004   -1.394  -12.995 1.00 29.58 ? 351 GLY A CA  1 
ATOM   346 C C   . GLY A 1 47 ? -1.112  -0.726  -12.202 1.00 29.69 ? 351 GLY A C   1 
ATOM   347 O O   . GLY A 1 47 ? -1.823  0.169   -12.694 1.00 29.67 ? 351 GLY A O   1 
ATOM   348 N N   . GLU A 1 48 ? -1.319  -1.180  -10.967 1.00 25.97 ? 352 GLU A N   1 
ATOM   349 C CA  . GLU A 1 48 ? -2.562  -0.842  -10.294 1.00 23.81 ? 352 GLU A CA  1 
ATOM   350 C C   . GLU A 1 48 ? -2.295  0.097   -9.080  1.00 20.54 ? 352 GLU A C   1 
ATOM   351 O O   . GLU A 1 48 ? -3.005  1.030   -8.861  1.00 30.40 ? 352 GLU A O   1 
ATOM   352 C CB  . GLU A 1 48 ? -3.347  -2.117  -9.946  1.00 25.53 ? 352 GLU A CB  1 
ATOM   353 C CG  . GLU A 1 48 ? -4.133  -2.731  -11.153 1.00 31.07 ? 352 GLU A CG  1 
ATOM   354 C CD  . GLU A 1 48 ? -4.285  -4.258  -11.124 1.00 44.68 ? 352 GLU A CD  1 
ATOM   355 O OE1 . GLU A 1 48 ? -4.658  -4.833  -12.173 1.00 50.89 ? 352 GLU A OE1 1 
ATOM   356 O OE2 . GLU A 1 48 ? -4.045  -4.911  -10.088 1.00 46.33 ? 352 GLU A OE2 1 
ATOM   357 N N   . LEU A 1 49 ? -1.162  -0.041  -8.434  1.00 15.00 ? 353 LEU A N   1 
ATOM   358 C CA  . LEU A 1 49 ? -0.831  0.747   -7.203  1.00 13.33 ? 353 LEU A CA  1 
ATOM   359 C C   . LEU A 1 49 ? -0.100  1.977   -7.561  1.00 14.30 ? 353 LEU A C   1 
ATOM   360 O O   . LEU A 1 49 ? 0.592   2.007   -8.599  1.00 15.69 ? 353 LEU A O   1 
ATOM   361 C CB  . LEU A 1 49 ? 0.001   -0.136  -6.281  1.00 14.35 ? 353 LEU A CB  1 
ATOM   362 C CG  . LEU A 1 49 ? -0.804  -1.283  -5.647  1.00 15.42 ? 353 LEU A CG  1 
ATOM   363 C CD1 . LEU A 1 49 ? 0.151   -2.280  -4.922  1.00 18.99 ? 353 LEU A CD1 1 
ATOM   364 C CD2 . LEU A 1 49 ? -1.842  -0.794  -4.653  1.00 17.08 ? 353 LEU A CD2 1 
ATOM   365 N N   . ARG A 1 50 ? -0.262  3.015   -6.754  1.00 11.17 ? 354 ARG A N   1 
ATOM   366 C CA  . ARG A 1 50 ? 0.376   4.295   -7.020  1.00 11.57 ? 354 ARG A CA  1 
ATOM   367 C C   . ARG A 1 50 ? 0.958   4.871   -5.762  1.00 10.63 ? 354 ARG A C   1 
ATOM   368 O O   . ARG A 1 50 ? 0.404   4.700   -4.697  1.00 9.68  ? 354 ARG A O   1 
ATOM   369 C CB  . ARG A 1 50 ? -0.699  5.323   -7.466  1.00 15.02 ? 354 ARG A CB  1 
ATOM   370 C CG  . ARG A 1 50 ? -1.417  4.910   -8.695  1.00 19.75 ? 354 ARG A CG  1 
ATOM   371 C CD  . ARG A 1 50 ? -0.602  5.284   -9.892  1.00 29.85 ? 354 ARG A CD  1 
ATOM   372 N NE  . ARG A 1 50 ? -1.338  5.032   -11.124 1.00 44.72 ? 354 ARG A NE  1 
ATOM   373 C CZ  . ARG A 1 50 ? -1.371  3.863   -11.761 1.00 49.71 ? 354 ARG A CZ  1 
ATOM   374 N NH1 . ARG A 1 50 ? -0.693  2.816   -11.298 1.00 49.03 ? 354 ARG A NH1 1 
ATOM   375 N NH2 . ARG A 1 50 ? -2.084  3.741   -12.877 1.00 52.63 ? 354 ARG A NH2 1 
ATOM   376 N N   . LYS A 1 51 ? 1.990   5.710   -5.865  1.00 11.32 ? 355 LYS A N   1 
ATOM   377 C CA  . LYS A 1 51 ? 2.383   6.600   -4.803  1.00 9.97  ? 355 LYS A CA  1 
ATOM   378 C C   . LYS A 1 51 ? 1.136   7.421   -4.454  1.00 8.42  ? 355 LYS A C   1 
ATOM   379 O O   . LYS A 1 51 ? 0.473   7.962   -5.346  1.00 12.40 ? 355 LYS A O   1 
ATOM   380 C CB  . LYS A 1 51 ? 3.572   7.474   -5.264  1.00 12.87 ? 355 LYS A CB  1 
ATOM   381 C CG  . LYS A 1 51 ? 3.943   8.519   -4.307  1.00 16.49 ? 355 LYS A CG  1 
ATOM   382 C CD  . LYS A 1 51 ? 5.040   9.409   -4.923  1.00 25.85 ? 355 LYS A CD  1 
ATOM   383 C CE  . LYS A 1 51 ? 5.791   10.115  -3.823  1.00 33.28 ? 355 LYS A CE  1 
ATOM   384 N NZ  . LYS A 1 51 ? 7.283   10.264  -4.097  1.00 40.81 ? 355 LYS A NZ  1 
ATOM   385 N N   . GLY A 1 52 ? 0.843   7.582   -3.172  1.00 7.23  ? 356 GLY A N   1 
ATOM   386 C CA  . GLY A 1 52 ? -0.381  8.332   -2.758  1.00 7.48  ? 356 GLY A CA  1 
ATOM   387 C C   . GLY A 1 52 ? -1.593  7.463   -2.553  1.00 8.01  ? 356 GLY A C   1 
ATOM   388 O O   . GLY A 1 52 ? -2.606  7.947   -2.102  1.00 7.91  ? 356 GLY A O   1 
ATOM   389 N N   . ASP A 1 53 ? -1.471  6.132   -2.796  1.00 8.10  ? 357 ASP A N   1 
ATOM   390 C CA  . ASP A 1 53 ? -2.514  5.197   -2.350  1.00 5.77  ? 357 ASP A CA  1 
ATOM   391 C C   . ASP A 1 53 ? -2.436  5.010   -0.837  1.00 7.02  ? 357 ASP A C   1 
ATOM   392 O O   . ASP A 1 53 ? -1.304  4.809   -0.310  1.00 8.37  ? 357 ASP A O   1 
ATOM   393 C CB  . ASP A 1 53 ? -2.320  3.809   -3.019  1.00 7.46  ? 357 ASP A CB  1 
ATOM   394 C CG  . ASP A 1 53 ? -3.045  3.670   -4.320  1.00 9.04  ? 357 ASP A CG  1 
ATOM   395 O OD1 . ASP A 1 53 ? -4.134  4.277   -4.471  1.00 8.79  ? 357 ASP A OD1 1 
ATOM   396 O OD2 . ASP A 1 53 ? -2.574  2.917   -5.192  1.00 9.60  ? 357 ASP A OD2 1 
ATOM   397 N N   . GLN A 1 54 ? -3.565  5.017   -0.149  1.00 6.69  ? 358 GLN A N   1 
ATOM   398 C CA  . GLN A 1 54 ? -3.669  4.569   1.221   1.00 6.82  ? 358 GLN A CA  1 
ATOM   399 C C   . GLN A 1 54 ? -3.991  3.101   1.234   1.00 7.28  ? 358 GLN A C   1 
ATOM   400 O O   . GLN A 1 54 ? -4.889  2.653   0.499   1.00 8.20  ? 358 GLN A O   1 
ATOM   401 C CB  . GLN A 1 54 ? -4.740  5.339   1.971   1.00 8.65  ? 358 GLN A CB  1 
ATOM   402 C CG  . GLN A 1 54 ? -4.668  4.988   3.450   1.00 9.66  ? 358 GLN A CG  1 
ATOM   403 C CD  . GLN A 1 54 ? -5.684  5.722   4.303   1.00 10.47 ? 358 GLN A CD  1 
ATOM   404 O OE1 . GLN A 1 54 ? -6.142  6.809   3.871   1.00 15.87 ? 358 GLN A OE1 1 
ATOM   405 N NE2 . GLN A 1 54 ? -5.968  5.248   5.511   1.00 9.49  ? 358 GLN A NE2 1 
ATOM   406 N N   . ILE A 1 55 ? -3.249  2.312   1.985   1.00 7.05  ? 359 ILE A N   1 
ATOM   407 C CA  A ILE A 1 55 ? -3.503  0.873   2.097   0.50 6.55  ? 359 ILE A CA  1 
ATOM   408 C CA  B ILE A 1 55 ? -3.552  0.888   2.088   0.50 6.57  ? 359 ILE A CA  1 
ATOM   409 C C   . ILE A 1 55 ? -4.547  0.743   3.208   1.00 7.69  ? 359 ILE A C   1 
ATOM   410 O O   . ILE A 1 55 ? -4.264  1.033   4.401   1.00 8.37  ? 359 ILE A O   1 
ATOM   411 C CB  A ILE A 1 55 ? -2.180  0.114   2.444   0.50 6.72  ? 359 ILE A CB  1 
ATOM   412 C CB  B ILE A 1 55 ? -2.335  0.050   2.428   0.50 6.41  ? 359 ILE A CB  1 
ATOM   413 C CG1 A ILE A 1 55 ? -1.107  0.471   1.415   0.50 6.03  ? 359 ILE A CG1 1 
ATOM   414 C CG1 B ILE A 1 55 ? -1.434  -0.040  1.198   0.50 6.21  ? 359 ILE A CG1 1 
ATOM   415 C CG2 A ILE A 1 55 ? -2.376  -1.482  2.525   0.50 8.12  ? 359 ILE A CG2 1 
ATOM   416 C CG2 B ILE A 1 55 ? -2.782  -1.380  2.836   0.50 7.50  ? 359 ILE A CG2 1 
ATOM   417 C CD1 A ILE A 1 55 ? -1.462  -0.060  0.057   0.50 15.34 ? 359 ILE A CD1 1 
ATOM   418 C CD1 B ILE A 1 55 ? -0.019  -0.461  1.467   0.50 3.96  ? 359 ILE A CD1 1 
ATOM   419 N N   . LEU A 1 56 ? -5.757  0.263   2.868   1.00 7.25  ? 360 LEU A N   1 
ATOM   420 C CA  . LEU A 1 56 ? -6.817  0.094   3.867   1.00 7.35  ? 360 LEU A CA  1 
ATOM   421 C C   . LEU A 1 56 ? -6.736  -1.284  4.513   1.00 8.40  ? 360 LEU A C   1 
ATOM   422 O O   . LEU A 1 56 ? -7.053  -1.390  5.712   1.00 9.35  ? 360 LEU A O   1 
ATOM   423 C CB  . LEU A 1 56 ? -8.182  0.275   3.223   1.00 8.54  ? 360 LEU A CB  1 
ATOM   424 C CG  . LEU A 1 56 ? -8.453  1.599   2.517   1.00 9.30  ? 360 LEU A CG  1 
ATOM   425 C CD1 . LEU A 1 56 ? -9.912  1.750   2.098   1.00 10.44 ? 360 LEU A CD1 1 
ATOM   426 C CD2 . LEU A 1 56 ? -7.993  2.869   3.254   1.00 12.20 ? 360 LEU A CD2 1 
ATOM   427 N N   . SER A 1 57 ? -6.323  -2.326  3.789   1.00 8.55  ? 361 SER A N   1 
ATOM   428 C CA  . SER A 1 57 ? -6.297  -3.675  4.291   1.00 8.94  ? 361 SER A CA  1 
ATOM   429 C C   . SER A 1 57 ? -5.273  -4.473  3.523   1.00 9.69  ? 361 SER A C   1 
ATOM   430 O O   . SER A 1 57 ? -5.063  -4.238  2.310   1.00 9.92  ? 361 SER A O   1 
ATOM   431 C CB  . SER A 1 57 ? -7.678  -4.251  4.141   1.00 10.91 ? 361 SER A CB  1 
ATOM   432 O OG  . SER A 1 57 ? -7.736  -5.578  4.727   1.00 17.08 ? 361 SER A OG  1 
ATOM   433 N N   . VAL A 1 58 ? -4.655  -5.430  4.213   1.00 10.70 ? 362 VAL A N   1 
ATOM   434 C CA  A VAL A 1 58 ? -3.800  -6.401  3.548   0.50 11.23 ? 362 VAL A CA  1 
ATOM   435 C CA  B VAL A 1 58 ? -3.759  -6.396  3.604   0.50 11.59 ? 362 VAL A CA  1 
ATOM   436 C C   . VAL A 1 58 ? -4.238  -7.771  3.992   1.00 11.86 ? 362 VAL A C   1 
ATOM   437 O O   . VAL A 1 58 ? -4.280  -8.039  5.174   1.00 13.43 ? 362 VAL A O   1 
ATOM   438 C CB  A VAL A 1 58 ? -2.259  -6.170  3.783   0.50 10.75 ? 362 VAL A CB  1 
ATOM   439 C CB  B VAL A 1 58 ? -2.346  -6.140  4.157   0.50 10.52 ? 362 VAL A CB  1 
ATOM   440 C CG1 A VAL A 1 58 ? -1.881  -6.263  5.272   0.50 11.46 ? 362 VAL A CG1 1 
ATOM   441 C CG1 B VAL A 1 58 ? -1.339  -7.273  3.800   0.50 13.97 ? 362 VAL A CG1 1 
ATOM   442 C CG2 A VAL A 1 58 ? -1.438  -7.216  2.960   0.50 12.51 ? 362 VAL A CG2 1 
ATOM   443 C CG2 B VAL A 1 58 ? -1.883  -4.813  3.635   0.50 12.48 ? 362 VAL A CG2 1 
ATOM   444 N N   . ASN A 1 59 ? -4.673  -8.581  3.020   1.00 14.76 ? 363 ASN A N   1 
ATOM   445 C CA  . ASN A 1 59 ? -5.256  -9.937  3.270   1.00 18.86 ? 363 ASN A CA  1 
ATOM   446 C C   . ASN A 1 59 ? -6.178  -9.954  4.447   1.00 24.54 ? 363 ASN A C   1 
ATOM   447 O O   . ASN A 1 59 ? -6.053  -10.833 5.356   1.00 27.32 ? 363 ASN A O   1 
ATOM   448 C CB  . ASN A 1 59 ? -4.183  -10.916 3.617   1.00 19.95 ? 363 ASN A CB  1 
ATOM   449 C CG  . ASN A 1 59 ? -3.368  -11.252 2.498   1.00 15.38 ? 363 ASN A CG  1 
ATOM   450 O OD1 . ASN A 1 59 ? -3.723  -11.016 1.349   1.00 17.84 ? 363 ASN A OD1 1 
ATOM   451 N ND2 . ASN A 1 59 ? -2.254  -11.927 2.772   1.00 22.70 ? 363 ASN A ND2 1 
ATOM   452 N N   . GLY A 1 60 ? -7.091  -9.014  4.480   1.00 22.41 ? 364 GLY A N   1 
ATOM   453 C CA  . GLY A 1 60 ? -8.029  -9.030  5.633   1.00 21.61 ? 364 GLY A CA  1 
ATOM   454 C C   . GLY A 1 60 ? -7.595  -8.345  6.932   1.00 21.20 ? 364 GLY A C   1 
ATOM   455 O O   . GLY A 1 60 ? -8.415  -8.138  7.821   1.00 22.80 ? 364 GLY A O   1 
ATOM   456 N N   . VAL A 1 61 ? -6.327  -7.961  7.058   1.00 16.62 ? 365 VAL A N   1 
ATOM   457 C CA  . VAL A 1 61 ? -5.833  -7.226  8.226   1.00 13.96 ? 365 VAL A CA  1 
ATOM   458 C C   . VAL A 1 61 ? -6.042  -5.707  7.970   1.00 10.81 ? 365 VAL A C   1 
ATOM   459 O O   . VAL A 1 61 ? -5.484  -5.117  7.020   1.00 12.91 ? 365 VAL A O   1 
ATOM   460 C CB  . VAL A 1 61 ? -4.294  -7.422  8.478   1.00 13.55 ? 365 VAL A CB  1 
ATOM   461 C CG1 . VAL A 1 61 ? -3.839  -6.628  9.686   1.00 17.21 ? 365 VAL A CG1 1 
ATOM   462 C CG2 . VAL A 1 61 ? -3.968  -8.891  8.773   1.00 18.00 ? 365 VAL A CG2 1 
ATOM   463 N N   . ASP A 1 62 ? -6.900  -5.106  8.787   1.00 12.64 ? 366 ASP A N   1 
ATOM   464 C CA  . ASP A 1 62 ? -7.262  -3.703  8.624   1.00 11.25 ? 366 ASP A CA  1 
ATOM   465 C C   . ASP A 1 62 ? -6.101  -2.814  9.034   1.00 12.70 ? 366 ASP A C   1 
ATOM   466 O O   . ASP A 1 62 ? -5.549  -2.967  10.123  1.00 12.38 ? 366 ASP A O   1 
ATOM   467 C CB  . ASP A 1 62 ? -8.502  -3.369  9.455   1.00 16.03 ? 366 ASP A CB  1 
ATOM   468 C CG  . ASP A 1 62 ? -8.939  -1.927  9.293   1.00 22.73 ? 366 ASP A CG  1 
ATOM   469 O OD1 . ASP A 1 62 ? -8.361  -1.220  8.441   1.00 15.34 ? 366 ASP A OD1 1 
ATOM   470 O OD2 . ASP A 1 62 ? -9.861  -1.499  10.019  1.00 26.65 ? 366 ASP A OD2 1 
ATOM   471 N N   . LEU A 1 63 ? -5.727  -1.886  8.161   1.00 10.52 ? 367 LEU A N   1 
ATOM   472 C CA  . LEU A 1 63 ? -4.573  -1.012  8.457   1.00 10.47 ? 367 LEU A CA  1 
ATOM   473 C C   . LEU A 1 63 ? -4.999  0.448   8.565   1.00 9.88  ? 367 LEU A C   1 
ATOM   474 O O   . LEU A 1 63 ? -4.140  1.335   8.633   1.00 11.18 ? 367 LEU A O   1 
ATOM   475 C CB  . LEU A 1 63 ? -3.474  -1.104  7.351   1.00 10.08 ? 367 LEU A CB  1 
ATOM   476 C CG  . LEU A 1 63 ? -2.795  -2.489  7.343   1.00 11.22 ? 367 LEU A CG  1 
ATOM   477 C CD1 . LEU A 1 63 ? -1.711  -2.428  6.290   1.00 15.01 ? 367 LEU A CD1 1 
ATOM   478 C CD2 . LEU A 1 63 ? -2.181  -2.879  8.672   1.00 15.77 ? 367 LEU A CD2 1 
ATOM   479 N N   . ARG A 1 64 ? -6.294  0.703   8.647   1.00 9.92  ? 368 ARG A N   1 
ATOM   480 C CA  . ARG A 1 64 ? -6.743  2.108   8.781   1.00 12.02 ? 368 ARG A CA  1 
ATOM   481 C C   . ARG A 1 64 ? -6.407  2.742   10.145  1.00 13.26 ? 368 ARG A C   1 
ATOM   482 O O   . ARG A 1 64 ? -6.443  3.959   10.240  1.00 16.55 ? 368 ARG A O   1 
ATOM   483 C CB  . ARG A 1 64 ? -8.206  2.212   8.512   1.00 12.06 ? 368 ARG A CB  1 
ATOM   484 C CG  . ARG A 1 64 ? -8.525  2.183   6.981   1.00 15.60 ? 368 ARG A CG  1 
ATOM   485 C CD  . ARG A 1 64 ? -10.053 2.184   6.820   1.00 17.83 ? 368 ARG A CD  1 
ATOM   486 N NE  . ARG A 1 64 ? -10.582 0.948   7.310   1.00 20.12 ? 368 ARG A NE  1 
ATOM   487 C CZ  . ARG A 1 64 ? -11.879 0.659   7.431   1.00 26.45 ? 368 ARG A CZ  1 
ATOM   488 N NH1 . ARG A 1 64 ? -12.824 1.573   7.096   1.00 32.40 ? 368 ARG A NH1 1 
ATOM   489 N NH2 . ARG A 1 64 ? -12.211 -0.528  7.926   1.00 31.37 ? 368 ARG A NH2 1 
ATOM   490 N N   . ASN A 1 65 ? -6.164  1.935   11.153  1.00 9.85  ? 369 ASN A N   1 
ATOM   491 C CA  . ASN A 1 65 ? -5.830  2.490   12.450  1.00 12.46 ? 369 ASN A CA  1 
ATOM   492 C C   . ASN A 1 65 ? -4.612  1.795   12.985  1.00 11.81 ? 369 ASN A C   1 
ATOM   493 O O   . ASN A 1 65 ? -4.600  1.392   14.151  1.00 18.66 ? 369 ASN A O   1 
ATOM   494 C CB  . ASN A 1 65 ? -7.040  2.292   13.380  1.00 15.61 ? 369 ASN A CB  1 
ATOM   495 C CG  . ASN A 1 65 ? -6.932  3.129   14.599  1.00 18.12 ? 369 ASN A CG  1 
ATOM   496 O OD1 . ASN A 1 65 ? -6.111  4.072   14.670  1.00 16.39 ? 369 ASN A OD1 1 
ATOM   497 N ND2 . ASN A 1 65 ? -7.753  2.820   15.602  1.00 14.25 ? 369 ASN A ND2 1 
ATOM   498 N N   . ALA A 1 66 ? -3.633  1.514   12.128  1.00 12.59 ? 370 ALA A N   1 
ATOM   499 C CA  . ALA A 1 66 ? -2.370  0.809   12.447  1.00 9.64  ? 370 ALA A CA  1 
ATOM   500 C C   . ALA A 1 66 ? -1.199  1.786   12.480  1.00 10.30 ? 370 ALA A C   1 
ATOM   501 O O   . ALA A 1 66 ? -1.134  2.730   11.709  1.00 9.54  ? 370 ALA A O   1 
ATOM   502 C CB  . ALA A 1 66 ? -2.085  -0.192  11.308  1.00 12.17 ? 370 ALA A CB  1 
ATOM   503 N N   . SER A 1 67 ? -0.251  1.535   13.361  1.00 9.71  ? 371 SER A N   1 
ATOM   504 C CA  . SER A 1 67 ? 1.010   2.264   13.324  1.00 8.85  ? 371 SER A CA  1 
ATOM   505 C C   . SER A 1 67 ? 1.861   1.838   12.158  1.00 8.31  ? 371 SER A C   1 
ATOM   506 O O   . SER A 1 67 ? 1.571   0.789   11.529  1.00 7.90  ? 371 SER A O   1 
ATOM   507 C CB  . SER A 1 67 ? 1.785   2.021   14.595  1.00 10.72 ? 371 SER A CB  1 
ATOM   508 O OG  . SER A 1 67 ? 2.188   0.662   14.698  1.00 11.63 ? 371 SER A OG  1 
ATOM   509 N N   . HIS A 1 68 ? 2.937   2.512   11.908  1.00 8.15  ? 372 HIS A N   1 
ATOM   510 C CA  . HIS A 1 68 ? 3.778   2.116   10.805  1.00 7.10  ? 372 HIS A CA  1 
ATOM   511 C C   . HIS A 1 68 ? 4.369   0.739   11.039  1.00 8.97  ? 372 HIS A C   1 
ATOM   512 O O   . HIS A 1 68 ? 4.369   -0.060  10.076  1.00 8.68  ? 372 HIS A O   1 
ATOM   513 C CB  . HIS A 1 68 ? 4.865   3.178   10.624  1.00 7.40  ? 372 HIS A CB  1 
ATOM   514 C CG  . HIS A 1 68 ? 5.710   2.965   9.442   1.00 9.85  ? 372 HIS A CG  1 
ATOM   515 N ND1 . HIS A 1 68 ? 5.601   3.690   8.269   1.00 17.28 ? 372 HIS A ND1 1 
ATOM   516 C CD2 . HIS A 1 68 ? 6.695   2.082   9.261   1.00 10.92 ? 372 HIS A CD2 1 
ATOM   517 C CE1 . HIS A 1 68 ? 6.534   3.265   7.422   1.00 10.67 ? 372 HIS A CE1 1 
ATOM   518 N NE2 . HIS A 1 68 ? 7.204   2.264   7.989   1.00 14.48 ? 372 HIS A NE2 1 
ATOM   519 N N   . GLU A 1 69 ? 4.834   0.453   12.261  1.00 9.69  ? 373 GLU A N   1 
ATOM   520 C CA  . GLU A 1 69 ? 5.416   -0.873  12.471  1.00 11.89 ? 373 GLU A CA  1 
ATOM   521 C C   . GLU A 1 69 ? 4.354   -1.943  12.392  1.00 10.54 ? 373 GLU A C   1 
ATOM   522 O O   . GLU A 1 69 ? 4.647   -3.048  11.868  1.00 11.78 ? 373 GLU A O   1 
ATOM   523 C CB  . GLU A 1 69 ? 6.207   -0.942  13.779  1.00 14.54 ? 373 GLU A CB  1 
ATOM   524 C CG  . GLU A 1 69 ? 6.970   -2.315  13.961  1.00 20.82 ? 373 GLU A CG  1 
ATOM   525 C CD  . GLU A 1 69 ? 8.127   -2.599  12.954  1.00 31.06 ? 373 GLU A CD  1 
ATOM   526 O OE1 . GLU A 1 69 ? 8.509   -1.728  12.141  1.00 33.61 ? 373 GLU A OE1 1 
ATOM   527 O OE2 . GLU A 1 69 ? 8.663   -3.739  13.002  1.00 33.05 ? 373 GLU A OE2 1 
ATOM   528 N N   . GLN A 1 70 ? 3.136   -1.693  12.898  1.00 10.14 ? 374 GLN A N   1 
ATOM   529 C CA  . GLN A 1 70 ? 2.096   -2.735  12.736  1.00 10.33 ? 374 GLN A CA  1 
ATOM   530 C C   . GLN A 1 70 ? 1.865   -2.977  11.250  1.00 11.16 ? 374 GLN A C   1 
ATOM   531 O O   . GLN A 1 70 ? 1.708   -4.120  10.824  1.00 11.54 ? 374 GLN A O   1 
ATOM   532 C CB  . GLN A 1 70 ? 0.801   -2.285  13.384  1.00 12.41 ? 374 GLN A CB  1 
ATOM   533 C CG  . GLN A 1 70 ? 0.959   -2.143  14.943  1.00 14.31 ? 374 GLN A CG  1 
ATOM   534 C CD  . GLN A 1 70 ? -0.235  -1.577  15.654  1.00 14.83 ? 374 GLN A CD  1 
ATOM   535 O OE1 . GLN A 1 70 ? -0.909  -0.634  15.249  1.00 13.86 ? 374 GLN A OE1 1 
ATOM   536 N NE2 . GLN A 1 70 ? -0.446  -2.107  16.886  1.00 20.96 ? 374 GLN A NE2 1 
ATOM   537 N N   . ALA A 1 71 ? 1.859   -1.958  10.420  1.00 9.43  ? 375 ALA A N   1 
ATOM   538 C CA  . ALA A 1 71 ? 1.585   -2.168  9.008   1.00 7.99  ? 375 ALA A CA  1 
ATOM   539 C C   . ALA A 1 71 ? 2.782   -2.893  8.364   1.00 8.84  ? 375 ALA A C   1 
ATOM   540 O O   . ALA A 1 71 ? 2.556   -3.789  7.527   1.00 9.21  ? 375 ALA A O   1 
ATOM   541 C CB  . ALA A 1 71 ? 1.361   -0.824  8.335   1.00 7.91  ? 375 ALA A CB  1 
ATOM   542 N N   . ALA A 1 72 ? 4.009   -2.558  8.700   1.00 8.30  ? 376 ALA A N   1 
ATOM   543 C CA  . ALA A 1 72 ? 5.184   -3.189  8.084   1.00 8.29  ? 376 ALA A CA  1 
ATOM   544 C C   . ALA A 1 72 ? 5.244   -4.651  8.469   1.00 9.15  ? 376 ALA A C   1 
ATOM   545 O O   . ALA A 1 72 ? 5.539   -5.483  7.613   1.00 9.31  ? 376 ALA A O   1 
ATOM   546 C CB  . ALA A 1 72 ? 6.458   -2.410  8.465   1.00 10.19 ? 376 ALA A CB  1 
ATOM   547 N N   . ILE A 1 73 ? 4.840   -4.971  9.687   1.00 9.73  ? 377 ILE A N   1 
ATOM   548 C CA  . ILE A 1 73 ? 4.798   -6.414  10.079  1.00 10.40 ? 377 ILE A CA  1 
ATOM   549 C C   . ILE A 1 73 ? 3.686   -7.124  9.360   1.00 11.48 ? 377 ILE A C   1 
ATOM   550 O O   . ILE A 1 73 ? 3.895   -8.252  8.831   1.00 11.46 ? 377 ILE A O   1 
ATOM   551 C CB  . ILE A 1 73 ? 4.731   -6.532  11.620  1.00 13.41 ? 377 ILE A CB  1 
ATOM   552 C CG1 . ILE A 1 73 ? 6.006   -5.990  12.228  1.00 14.64 ? 377 ILE A CG1 1 
ATOM   553 C CG2 . ILE A 1 73 ? 4.525   -7.979  12.075  1.00 18.16 ? 377 ILE A CG2 1 
ATOM   554 C CD1 . ILE A 1 73 ? 5.904   -5.959  13.761  1.00 25.65 ? 377 ILE A CD1 1 
ATOM   555 N N   . ALA A 1 74 ? 2.515   -6.496  9.227   1.00 10.06 ? 378 ALA A N   1 
ATOM   556 C CA  . ALA A 1 74 ? 1.439   -7.179  8.530   1.00 9.34  ? 378 ALA A CA  1 
ATOM   557 C C   . ALA A 1 74 ? 1.843   -7.414  7.088   1.00 10.27 ? 378 ALA A C   1 
ATOM   558 O O   . ALA A 1 74 ? 1.563   -8.490  6.536   1.00 11.76 ? 378 ALA A O   1 
ATOM   559 C CB  . ALA A 1 74 ? 0.152   -6.333  8.527   1.00 12.79 ? 378 ALA A CB  1 
ATOM   560 N N   . LEU A 1 75 ? 2.494   -6.454  6.413   1.00 10.01 ? 379 LEU A N   1 
ATOM   561 C CA  . LEU A 1 75 ? 2.938   -6.680  5.043   1.00 9.19  ? 379 LEU A CA  1 
ATOM   562 C C   . LEU A 1 75 ? 4.018   -7.785  4.974   1.00 10.42 ? 379 LEU A C   1 
ATOM   563 O O   . LEU A 1 75 ? 4.005   -8.585  4.030   1.00 9.94  ? 379 LEU A O   1 
ATOM   564 C CB  . LEU A 1 75 ? 3.515   -5.377  4.470   1.00 8.96  ? 379 LEU A CB  1 
ATOM   565 C CG  . LEU A 1 75 ? 2.413   -4.325  4.174   1.00 8.71  ? 379 LEU A CG  1 
ATOM   566 C CD1 . LEU A 1 75 ? 2.981   -2.956  3.988   1.00 10.17 ? 379 LEU A CD1 1 
ATOM   567 C CD2 . LEU A 1 75 ? 1.499   -4.663  3.001   1.00 11.01 ? 379 LEU A CD2 1 
ATOM   568 N N   . LYS A 1 76 ? 4.944   -7.800  5.923   1.00 9.22  ? 380 LYS A N   1 
ATOM   569 C CA  . LYS A 1 76 ? 6.027   -8.812  5.905   1.00 8.55  ? 380 LYS A CA  1 
ATOM   570 C C   . LYS A 1 76 ? 5.407   -10.208 6.079   1.00 9.92  ? 380 LYS A C   1 
ATOM   571 O O   . LYS A 1 76 ? 5.931   -11.145 5.470   1.00 11.17 ? 380 LYS A O   1 
ATOM   572 C CB  . LYS A 1 76 ? 6.950   -8.563  7.094   1.00 10.40 ? 380 LYS A CB  1 
ATOM   573 C CG  . LYS A 1 76 ? 8.076   -9.616  7.255   1.00 15.45 ? 380 LYS A CG  1 
ATOM   574 C CD  . LYS A 1 76 ? 8.958   -9.171  8.362   1.00 21.72 ? 380 LYS A CD  1 
ATOM   575 C CE  . LYS A 1 76 ? 8.387   -9.436  9.702   1.00 28.90 ? 380 LYS A CE  1 
ATOM   576 N NZ  . LYS A 1 76 ? 9.571   -9.618  10.660  1.00 34.32 ? 380 LYS A NZ  1 
ATOM   577 N N   . ASN A 1 77 ? 4.364   -10.336 6.889   1.00 11.42 ? 381 ASN A N   1 
ATOM   578 C CA  . ASN A 1 77 ? 3.817   -11.677 7.233   1.00 11.91 ? 381 ASN A CA  1 
ATOM   579 C C   . ASN A 1 77 ? 2.668   -12.080 6.347   1.00 14.28 ? 381 ASN A C   1 
ATOM   580 O O   . ASN A 1 77 ? 2.085   -13.175 6.579   1.00 16.08 ? 381 ASN A O   1 
ATOM   581 C CB  . ASN A 1 77 ? 3.422   -11.663 8.702   1.00 10.99 ? 381 ASN A CB  1 
ATOM   582 C CG  . ASN A 1 77 ? 4.628   -11.626 9.619   1.00 13.03 ? 381 ASN A CG  1 
ATOM   583 O OD1 . ASN A 1 77 ? 5.790   -11.852 9.213   1.00 16.93 ? 381 ASN A OD1 1 
ATOM   584 N ND2 . ASN A 1 77 ? 4.372   -11.266 10.857  1.00 19.41 ? 381 ASN A ND2 1 
ATOM   585 N N   . ALA A 1 78 ? 2.316   -11.326 5.307   1.00 13.60 ? 382 ALA A N   1 
ATOM   586 C CA  . ALA A 1 78 ? 1.086   -11.548 4.548   1.00 13.00 ? 382 ALA A CA  1 
ATOM   587 C C   . ALA A 1 78 ? 1.157   -12.703 3.561   1.00 16.86 ? 382 ALA A C   1 
ATOM   588 O O   . ALA A 1 78 ? 0.153   -12.993 2.922   1.00 20.91 ? 382 ALA A O   1 
ATOM   589 C CB  . ALA A 1 78 ? 0.730   -10.242 3.812   1.00 14.04 ? 382 ALA A CB  1 
ATOM   590 N N   . GLY A 1 79 ? 2.327   -13.297 3.395   1.00 14.63 ? 383 GLY A N   1 
ATOM   591 C CA  . GLY A 1 79 ? 2.485   -14.514 2.534   1.00 16.45 ? 383 GLY A CA  1 
ATOM   592 C C   . GLY A 1 79 ? 2.904   -14.183 1.131   1.00 16.84 ? 383 GLY A C   1 
ATOM   593 O O   . GLY A 1 79 ? 3.319   -13.042 0.787   1.00 15.44 ? 383 GLY A O   1 
ATOM   594 N N   . GLN A 1 80 ? 2.874   -15.177 0.231   1.00 14.41 ? 384 GLN A N   1 
ATOM   595 C CA  . GLN A 1 80 ? 3.399   -14.965 -1.085  1.00 14.90 ? 384 GLN A CA  1 
ATOM   596 C C   . GLN A 1 80 ? 2.483   -14.196 -2.007  1.00 15.73 ? 384 GLN A C   1 
ATOM   597 O O   . GLN A 1 80 ? 2.914   -13.520 -2.912  1.00 18.37 ? 384 GLN A O   1 
ATOM   598 C CB  . GLN A 1 80 ? 3.792   -16.329 -1.775  1.00 18.97 ? 384 GLN A CB  1 
ATOM   599 C CG  . GLN A 1 80 ? 5.042   -17.006 -1.259  1.00 28.24 ? 384 GLN A CG  1 
ATOM   600 C CD  . GLN A 1 80 ? 6.227   -16.047 -1.120  1.00 37.47 ? 384 GLN A CD  1 
ATOM   601 O OE1 . GLN A 1 80 ? 6.655   -15.404 -2.086  1.00 38.78 ? 384 GLN A OE1 1 
ATOM   602 N NE2 . GLN A 1 80 ? 6.760   -15.955 0.095   1.00 40.89 ? 384 GLN A NE2 1 
ATOM   603 N N   . THR A 1 81 ? 1.183   -14.456 -1.852  1.00 14.42 ? 385 THR A N   1 
ATOM   604 C CA  . THR A 1 81 ? 0.155   -13.821 -2.645  1.00 17.64 ? 385 THR A CA  1 
ATOM   605 C C   . THR A 1 81 ? -0.586  -12.881 -1.709  1.00 16.14 ? 385 THR A C   1 
ATOM   606 O O   . THR A 1 81 ? -1.084  -13.288 -0.647  1.00 17.96 ? 385 THR A O   1 
ATOM   607 C CB  . THR A 1 81 ? -0.814  -14.875 -3.214  1.00 19.36 ? 385 THR A CB  1 
ATOM   608 O OG1 . THR A 1 81 ? -0.075  -15.778 -4.072  1.00 22.54 ? 385 THR A OG1 1 
ATOM   609 C CG2 . THR A 1 81 ? -1.895  -14.197 -4.030  1.00 20.24 ? 385 THR A CG2 1 
ATOM   610 N N   . VAL A 1 82 ? -0.537  -11.595 -2.058  1.00 13.72 ? 386 VAL A N   1 
ATOM   611 C CA  . VAL A 1 82 ? -1.071  -10.598 -1.125  1.00 13.63 ? 386 VAL A CA  1 
ATOM   612 C C   . VAL A 1 82 ? -2.161  -9.777  -1.797  1.00 10.69 ? 386 VAL A C   1 
ATOM   613 O O   . VAL A 1 82 ? -2.000  -9.310  -2.921  1.00 13.37 ? 386 VAL A O   1 
ATOM   614 C CB  . VAL A 1 82 ? 0.106   -9.667  -0.664  1.00 15.80 ? 386 VAL A CB  1 
ATOM   615 C CG1 . VAL A 1 82 ? -0.332  -8.705  0.369   1.00 16.02 ? 386 VAL A CG1 1 
ATOM   616 C CG2 . VAL A 1 82 ? 1.241   -10.466 -0.068  1.00 15.64 ? 386 VAL A CG2 1 
ATOM   617 N N   . THR A 1 83 ? -3.304  -9.650  -1.139  1.00 12.20 ? 387 THR A N   1 
ATOM   618 C CA  . THR A 1 83 ? -4.379  -8.814  -1.669  1.00 12.66 ? 387 THR A CA  1 
ATOM   619 C C   . THR A 1 83 ? -4.389  -7.502  -0.902  1.00 11.77 ? 387 THR A C   1 
ATOM   620 O O   . THR A 1 83 ? -4.556  -7.498  0.284   1.00 12.73 ? 387 THR A O   1 
ATOM   621 C CB  . THR A 1 83 ? -5.750  -9.557  -1.535  1.00 17.13 ? 387 THR A CB  1 
ATOM   622 O OG1 . THR A 1 83 ? -5.666  -10.775 -2.309  1.00 18.83 ? 387 THR A OG1 1 
ATOM   623 C CG2 . THR A 1 83 ? -6.882  -8.700  -2.067  1.00 19.22 ? 387 THR A CG2 1 
ATOM   624 N N   . ILE A 1 84 ? -4.178  -6.436  -1.621  1.00 9.71  ? 388 ILE A N   1 
ATOM   625 C CA  A ILE A 1 84 ? -4.200  -5.117  -1.007  0.50 11.10 ? 388 ILE A CA  1 
ATOM   626 C CA  B ILE A 1 84 ? -4.119  -5.041  -1.095  0.50 9.39  ? 388 ILE A CA  1 
ATOM   627 C C   . ILE A 1 84 ? -5.456  -4.367  -1.424  1.00 9.74  ? 388 ILE A C   1 
ATOM   628 O O   . ILE A 1 84 ? -5.887  -4.378  -2.584  1.00 9.68  ? 388 ILE A O   1 
ATOM   629 C CB  A ILE A 1 84 ? -2.955  -4.352  -1.372  0.50 10.26 ? 388 ILE A CB  1 
ATOM   630 C CB  B ILE A 1 84 ? -2.970  -4.261  -1.801  0.50 8.74  ? 388 ILE A CB  1 
ATOM   631 C CG1 A ILE A 1 84 ? -1.712  -5.053  -0.821  0.50 15.47 ? 388 ILE A CG1 1 
ATOM   632 C CG1 B ILE A 1 84 ? -1.602  -4.898  -1.528  0.50 9.15  ? 388 ILE A CG1 1 
ATOM   633 C CG2 A ILE A 1 84 ? -3.019  -2.969  -0.795  0.50 11.44 ? 388 ILE A CG2 1 
ATOM   634 C CG2 B ILE A 1 84 ? -2.936  -2.771  -1.422  0.50 7.05  ? 388 ILE A CG2 1 
ATOM   635 C CD1 A ILE A 1 84 ? -0.437  -4.583  -1.514  0.50 13.23 ? 388 ILE A CD1 1 
ATOM   636 C CD1 B ILE A 1 84 ? -1.221  -5.032  -0.031  0.50 13.56 ? 388 ILE A CD1 1 
ATOM   637 N N   . ILE A 1 85 ? -6.126  -3.807  -0.421  1.00 8.03  ? 389 ILE A N   1 
ATOM   638 C CA  . ILE A 1 85 ? -7.243  -2.893  -0.686  1.00 7.26  ? 389 ILE A CA  1 
ATOM   639 C C   . ILE A 1 85 ? -6.703  -1.495  -0.561  1.00 6.39  ? 389 ILE A C   1 
ATOM   640 O O   . ILE A 1 85 ? -6.227  -1.123  0.553   1.00 7.98  ? 389 ILE A O   1 
ATOM   641 C CB  . ILE A 1 85 ? -8.467  -3.133  0.258   1.00 9.99  ? 389 ILE A CB  1 
ATOM   642 C CG1 . ILE A 1 85 ? -8.847  -4.631  0.270   1.00 10.98 ? 389 ILE A CG1 1 
ATOM   643 C CG2 . ILE A 1 85 ? -9.587  -2.200  -0.081  1.00 9.30  ? 389 ILE A CG2 1 
ATOM   644 C CD1 . ILE A 1 85 ? -9.344  -5.201  -1.075  1.00 13.96 ? 389 ILE A CD1 1 
ATOM   645 N N   . ALA A 1 86 ? -6.688  -0.775  -1.655  1.00 6.77  ? 390 ALA A N   1 
ATOM   646 C CA  . ALA A 1 86 ? -6.064  0.570   -1.662  1.00 7.69  ? 390 ALA A CA  1 
ATOM   647 C C   . ALA A 1 86 ? -7.068  1.620   -2.059  1.00 7.62  ? 390 ALA A C   1 
ATOM   648 O O   . ALA A 1 86 ? -8.002  1.342   -2.836  1.00 9.04  ? 390 ALA A O   1 
ATOM   649 C CB  . ALA A 1 86 ? -4.872  0.583   -2.667  1.00 9.91  ? 390 ALA A CB  1 
ATOM   650 N N   . GLN A 1 87 ? -6.872  2.855   -1.614  1.00 7.05  ? 391 GLN A N   1 
ATOM   651 C CA  . GLN A 1 87 ? -7.718  3.941   -2.010  1.00 6.86  ? 391 GLN A CA  1 
ATOM   652 C C   . GLN A 1 87 ? -6.840  5.135   -2.318  1.00 7.33  ? 391 GLN A C   1 
ATOM   653 O O   . GLN A 1 87 ? -6.006  5.524   -1.491  1.00 6.90  ? 391 GLN A O   1 
ATOM   654 C CB  . GLN A 1 87 ? -8.741  4.274   -0.915  1.00 7.74  ? 391 GLN A CB  1 
ATOM   655 C CG  . GLN A 1 87 ? -9.729  5.360   -1.389  1.00 7.77  ? 391 GLN A CG  1 
ATOM   656 C CD  . GLN A 1 87 ? -10.894 5.590   -0.462  1.00 8.87  ? 391 GLN A CD  1 
ATOM   657 O OE1 . GLN A 1 87 ? -10.792 5.347   0.717   1.00 11.50 ? 391 GLN A OE1 1 
ATOM   658 N NE2 . GLN A 1 87 ? -11.974 6.185   -0.985  1.00 10.00 ? 391 GLN A NE2 1 
ATOM   659 N N   . TYR A 1 88 ? -6.984  5.697   -3.520  1.00 8.17  ? 392 TYR A N   1 
ATOM   660 C CA  . TYR A 1 88 ? -6.058  6.717   -4.018  1.00 7.01  ? 392 TYR A CA  1 
ATOM   661 C C   . TYR A 1 88 ? -6.351  8.056   -3.446  1.00 7.59  ? 392 TYR A C   1 
ATOM   662 O O   . TYR A 1 88 ? -7.423  8.629   -3.698  1.00 7.82  ? 392 TYR A O   1 
ATOM   663 C CB  . TYR A 1 88 ? -6.152  6.730   -5.531  1.00 9.01  ? 392 TYR A CB  1 
ATOM   664 C CG  . TYR A 1 88 ? -5.079  7.562   -6.193  1.00 9.27  ? 392 TYR A CG  1 
ATOM   665 C CD1 . TYR A 1 88 ? -3.706  7.437   -5.850  1.00 10.15 ? 392 TYR A CD1 1 
ATOM   666 C CD2 . TYR A 1 88 ? -5.437  8.490   -7.189  1.00 9.45  ? 392 TYR A CD2 1 
ATOM   667 C CE1 . TYR A 1 88 ? -2.755  8.268   -6.438  1.00 10.23 ? 392 TYR A CE1 1 
ATOM   668 C CE2 . TYR A 1 88 ? -4.448  9.211   -7.842  1.00 10.50 ? 392 TYR A CE2 1 
ATOM   669 C CZ  . TYR A 1 88 ? -3.138  9.110   -7.437  1.00 9.65  ? 392 TYR A CZ  1 
ATOM   670 O OH  . TYR A 1 88 ? -2.207  9.911   -8.117  1.00 11.94 ? 392 TYR A OH  1 
ATOM   671 N N   . LYS A 1 89 ? -5.441  8.631   -2.645  1.00 8.04  ? 393 LYS A N   1 
ATOM   672 C CA  . LYS A 1 89 ? -5.681  9.913   -1.989  1.00 7.43  ? 393 LYS A CA  1 
ATOM   673 C C   . LYS A 1 89 ? -4.442  10.793  -2.104  1.00 7.35  ? 393 LYS A C   1 
ATOM   674 O O   . LYS A 1 89 ? -3.817  11.129  -1.090  1.00 8.56  ? 393 LYS A O   1 
ATOM   675 C CB  . LYS A 1 89 ? -6.057  9.641   -0.528  1.00 9.03  ? 393 LYS A CB  1 
ATOM   676 C CG  . LYS A 1 89 ? -7.331  8.819   -0.293  1.00 9.35  ? 393 LYS A CG  1 
ATOM   677 C CD  . LYS A 1 89 ? -7.496  8.678   1.223   1.00 12.37 ? 393 LYS A CD  1 
ATOM   678 C CE  . LYS A 1 89 ? -8.651  7.883   1.559   1.00 17.11 ? 393 LYS A CE  1 
ATOM   679 N NZ  . LYS A 1 89 ? -8.713  7.991   3.089   1.00 18.35 ? 393 LYS A NZ  1 
ATOM   680 N N   . PRO A 1 90 ? -4.129  11.199  -3.313  1.00 7.50  ? 394 PRO A N   1 
ATOM   681 C CA  . PRO A 1 90 ? -2.902  11.984  -3.536  1.00 8.90  ? 394 PRO A CA  1 
ATOM   682 C C   . PRO A 1 90 ? -2.905  13.374  -2.882  1.00 9.75  ? 394 PRO A C   1 
ATOM   683 O O   . PRO A 1 90 ? -1.821  13.851  -2.528  1.00 11.16 ? 394 PRO A O   1 
ATOM   684 C CB  . PRO A 1 90 ? -2.860  12.138  -5.034  1.00 9.69  ? 394 PRO A CB  1 
ATOM   685 C CG  . PRO A 1 90 ? -4.393  12.126  -5.471  1.00 9.29  ? 394 PRO A CG  1 
ATOM   686 C CD  . PRO A 1 90 ? -4.894  10.982  -4.567  1.00 8.29  ? 394 PRO A CD  1 
ATOM   687 N N   . GLU A 1 91 ? -4.038  14.032  -2.702  1.00 9.39  ? 395 GLU A N   1 
ATOM   688 C CA  . GLU A 1 91 ? -4.013  15.360  -2.036  1.00 9.89  ? 395 GLU A CA  1 
ATOM   689 C C   . GLU A 1 91 ? -3.753  15.189  -0.560  1.00 11.28 ? 395 GLU A C   1 
ATOM   690 O O   . GLU A 1 91 ? -2.908  15.906  -0.013  1.00 13.12 ? 395 GLU A O   1 
ATOM   691 C CB  . GLU A 1 91 ? -5.369  16.089  -2.325  1.00 13.96 ? 395 GLU A CB  1 
ATOM   692 C CG  . GLU A 1 91 ? -5.446  16.551  -3.789  1.00 18.46 ? 395 GLU A CG  1 
ATOM   693 C CD  . GLU A 1 91 ? -6.729  17.293  -4.164  1.00 17.75 ? 395 GLU A CD  1 
ATOM   694 O OE1 . GLU A 1 91 ? -7.627  17.358  -3.247  1.00 17.44 ? 395 GLU A OE1 1 
ATOM   695 O OE2 . GLU A 1 91 ? -6.708  17.826  -5.363  1.00 19.13 ? 395 GLU A OE2 1 
ATOM   696 N N   . GLU A 1 92 ? -4.399  14.222  0.108   1.00 10.41 ? 396 GLU A N   1 
ATOM   697 C CA  . GLU A 1 92 ? -4.111  13.921  1.517   1.00 11.37 ? 396 GLU A CA  1 
ATOM   698 C C   . GLU A 1 92 ? -2.625  13.491  1.631   1.00 12.73 ? 396 GLU A C   1 
ATOM   699 O O   . GLU A 1 92 ? -1.921  13.974  2.540   1.00 12.51 ? 396 GLU A O   1 
ATOM   700 C CB  . GLU A 1 92 ? -5.026  12.846  2.039   1.00 12.67 ? 396 GLU A CB  1 
ATOM   701 C CG  . GLU A 1 92 ? -4.689  12.567  3.470   1.00 17.38 ? 396 GLU A CG  1 
ATOM   702 C CD  . GLU A 1 92 ? -5.656  11.674  4.163   1.00 28.81 ? 396 GLU A CD  1 
ATOM   703 O OE1 . GLU A 1 92 ? -6.694  11.355  3.583   1.00 30.06 ? 396 GLU A OE1 1 
ATOM   704 O OE2 . GLU A 1 92 ? -5.379  11.303  5.333   1.00 35.22 ? 396 GLU A OE2 1 
ATOM   705 N N   . TYR A 1 93 ? -2.111  12.638  0.724   1.00 10.65 ? 397 TYR A N   1 
ATOM   706 C CA  . TYR A 1 93 ? -0.702  12.229  0.813   1.00 9.63  ? 397 TYR A CA  1 
ATOM   707 C C   . TYR A 1 93 ? 0.190   13.445  0.770   1.00 13.32 ? 397 TYR A C   1 
ATOM   708 O O   . TYR A 1 93 ? 1.120   13.585  1.583   1.00 13.05 ? 397 TYR A O   1 
ATOM   709 C CB  . TYR A 1 93 ? -0.412  11.293  -0.385  1.00 10.51 ? 397 TYR A CB  1 
ATOM   710 C CG  . TYR A 1 93 ? 1.060   10.854  -0.452  1.00 11.06 ? 397 TYR A CG  1 
ATOM   711 C CD1 . TYR A 1 93 ? 1.566   9.903   0.401   1.00 12.87 ? 397 TYR A CD1 1 
ATOM   712 C CD2 . TYR A 1 93 ? 1.931   11.499  -1.282  1.00 13.00 ? 397 TYR A CD2 1 
ATOM   713 C CE1 . TYR A 1 93 ? 2.902   9.587   0.364   1.00 13.36 ? 397 TYR A CE1 1 
ATOM   714 C CE2 . TYR A 1 93 ? 3.294   11.178  -1.319  1.00 16.52 ? 397 TYR A CE2 1 
ATOM   715 C CZ  . TYR A 1 93 ? 3.733   10.223  -0.477  1.00 15.73 ? 397 TYR A CZ  1 
ATOM   716 O OH  . TYR A 1 93 ? 5.086   9.863   -0.438  1.00 17.74 ? 397 TYR A OH  1 
ATOM   717 N N   . SER A 1 94 ? -0.014  14.314  -0.217  1.00 12.02 ? 398 SER A N   1 
ATOM   718 C CA  . SER A 1 94 ? 0.790   15.543  -0.339  1.00 15.28 ? 398 SER A CA  1 
ATOM   719 C C   . SER A 1 94 ? 0.710   16.423  0.891   1.00 16.42 ? 398 SER A C   1 
ATOM   720 O O   . SER A 1 94 ? 1.739   16.995  1.282   1.00 19.68 ? 398 SER A O   1 
ATOM   721 C CB  . SER A 1 94 ? 0.273   16.292  -1.521  1.00 15.97 ? 398 SER A CB  1 
ATOM   722 O OG  . SER A 1 94 ? 0.747   15.629  -2.671  1.00 26.01 ? 398 SER A OG  1 
ATOM   723 N N   . ARG A 1 95 ? -0.431  16.543  1.548   1.00 15.10 ? 399 ARG A N   1 
ATOM   724 C CA  . ARG A 1 95 ? -0.545  17.337  2.791   1.00 19.44 ? 399 ARG A CA  1 
ATOM   725 C C   . ARG A 1 95 ? 0.460   16.823  3.820   1.00 20.01 ? 399 ARG A C   1 
ATOM   726 O O   . ARG A 1 95 ? 1.074   17.625  4.516   1.00 21.99 ? 399 ARG A O   1 
ATOM   727 C CB  . ARG A 1 95 ? -1.965  17.317  3.372   1.00 22.56 ? 399 ARG A CB  1 
ATOM   728 C CG  . ARG A 1 95 ? -2.970  18.180  2.626   1.00 33.18 ? 399 ARG A CG  1 
ATOM   729 C CD  . ARG A 1 95 ? -4.250  18.350  3.453   1.00 42.58 ? 399 ARG A CD  1 
ATOM   730 N NE  . ARG A 1 95 ? -5.201  17.245  3.262   1.00 51.41 ? 399 ARG A NE  1 
ATOM   731 C CZ  . ARG A 1 95 ? -6.092  17.188  2.267   1.00 51.89 ? 399 ARG A CZ  1 
ATOM   732 N NH1 . ARG A 1 95 ? -6.157  18.174  1.367   1.00 52.20 ? 399 ARG A NH1 1 
ATOM   733 N NH2 . ARG A 1 95 ? -6.922  16.152  2.171   1.00 51.09 ? 399 ARG A NH2 1 
ATOM   734 N N   . PHE A 1 96 ? 0.621   15.493  3.925   1.00 17.33 ? 400 PHE A N   1 
ATOM   735 C CA  . PHE A 1 96 ? 1.456   14.962  5.011   1.00 17.57 ? 400 PHE A CA  1 
ATOM   736 C C   . PHE A 1 96 ? 2.907   14.846  4.570   1.00 19.68 ? 400 PHE A C   1 
ATOM   737 O O   . PHE A 1 96 ? 3.820   14.889  5.428   1.00 23.81 ? 400 PHE A O   1 
ATOM   738 C CB  . PHE A 1 96 ? 0.921   13.593  5.480   1.00 14.99 ? 400 PHE A CB  1 
ATOM   739 C CG  . PHE A 1 96 ? -0.281  13.685  6.334   1.00 19.24 ? 400 PHE A CG  1 
ATOM   740 C CD1 . PHE A 1 96 ? -0.225  14.298  7.602   1.00 18.96 ? 400 PHE A CD1 1 
ATOM   741 C CD2 . PHE A 1 96 ? -1.488  13.180  5.897   1.00 20.27 ? 400 PHE A CD2 1 
ATOM   742 C CE1 . PHE A 1 96 ? -1.340  14.372  8.388   1.00 26.15 ? 400 PHE A CE1 1 
ATOM   743 C CE2 . PHE A 1 96 ? -2.600  13.236  6.662   1.00 19.91 ? 400 PHE A CE2 1 
ATOM   744 C CZ  . PHE A 1 96 ? -2.527  13.838  7.939   1.00 23.88 ? 400 PHE A CZ  1 
ATOM   745 N N   . GLU A 1 97 ? 3.180   14.695  3.287   1.00 17.41 ? 401 GLU A N   1 
ATOM   746 C CA  . GLU A 1 97 ? 4.462   14.166  2.836   1.00 20.64 ? 401 GLU A CA  1 
ATOM   747 C C   . GLU A 1 97 ? 5.250   15.145  2.009   1.00 27.05 ? 401 GLU A C   1 
ATOM   748 O O   . GLU A 1 97 ? 6.436   14.904  1.710   1.00 31.94 ? 401 GLU A O   1 
ATOM   749 C CB  . GLU A 1 97 ? 4.310   12.809  2.102   1.00 19.08 ? 401 GLU A CB  1 
ATOM   750 C CG  . GLU A 1 97 ? 3.759   11.697  3.011   1.00 19.03 ? 401 GLU A CG  1 
ATOM   751 C CD  . GLU A 1 97 ? 4.688   11.283  4.174   1.00 17.25 ? 401 GLU A CD  1 
ATOM   752 O OE1 . GLU A 1 97 ? 5.897   11.374  4.037   1.00 20.14 ? 401 GLU A OE1 1 
ATOM   753 O OE2 . GLU A 1 97 ? 4.189   10.876  5.228   1.00 17.94 ? 401 GLU A OE2 1 
ATOM   754 N N   . ALA A 1 98 ? 4.628   16.264  1.656   1.00 30.37 ? 402 ALA A N   1 
ATOM   755 C CA  . ALA A 1 98 ? 5.324   17.290  0.883   1.00 32.36 ? 402 ALA A CA  1 
ATOM   756 C C   . ALA A 1 98 ? 5.934   18.327  1.817   0.50 31.79 ? 402 ALA A C   1 
ATOM   757 O O   . ALA A 1 98 ? 5.340   18.661  2.844   1.00 33.87 ? 402 ALA A O   1 
ATOM   758 C CB  . ALA A 1 98 ? 4.364   17.951  -0.111  1.00 31.62 ? 402 ALA A CB  1 
HETATM 759 P P   . PO4 B 2 .  ? 9.061   0.871   4.890   1.00 13.98 ? 1   PO4 A P   1 
HETATM 760 O O1  . PO4 B 2 .  ? 8.941   2.328   5.371   1.00 17.08 ? 1   PO4 A O1  1 
HETATM 761 O O2  . PO4 B 2 .  ? 10.593  0.605   4.925   1.00 15.29 ? 1   PO4 A O2  1 
HETATM 762 O O3  . PO4 B 2 .  ? 8.315   -0.028  5.958   1.00 16.82 ? 1   PO4 A O3  1 
HETATM 763 O O4  . PO4 B 2 .  ? 8.465   0.707   3.622   1.00 11.74 ? 1   PO4 A O4  1 
HETATM 764 C C1  . GOL C 3 .  ? 8.766   -3.877  1.840   1.00 8.79  ? 100 GOL A C1  1 
HETATM 765 O O1  . GOL C 3 .  ? 9.905   -4.031  0.973   1.00 10.00 ? 100 GOL A O1  1 
HETATM 766 C C2  . GOL C 3 .  ? 7.499   -4.186  1.030   1.00 8.67  ? 100 GOL A C2  1 
HETATM 767 O O2  . GOL C 3 .  ? 7.358   -5.611  0.789   1.00 10.20 ? 100 GOL A O2  1 
HETATM 768 C C3  . GOL C 3 .  ? 6.274   -3.723  1.798   1.00 7.74  ? 100 GOL A C3  1 
HETATM 769 O O3  . GOL C 3 .  ? 6.333   -2.303  1.983   1.00 10.00 ? 100 GOL A O3  1 
HETATM 770 N N1  . EPE D 4 .  ? -11.160 5.756   6.873   1.00 54.94 ? 403 EPE A N1  1 
HETATM 771 C C2  . EPE D 4 .  ? -10.148 5.741   5.801   1.00 45.83 ? 403 EPE A C2  1 
HETATM 772 C C3  . EPE D 4 .  ? -8.771  6.267   6.271   1.00 42.60 ? 403 EPE A C3  1 
HETATM 773 N N4  . EPE D 4 .  ? -8.564  6.530   7.698   1.00 45.02 ? 403 EPE A N4  1 
HETATM 774 C C5  . EPE D 4 .  ? -9.714  6.936   8.492   1.00 50.71 ? 403 EPE A C5  1 
HETATM 775 C C6  . EPE D 4 .  ? -11.010 6.995   7.667   1.00 55.09 ? 403 EPE A C6  1 
HETATM 776 C C7  . EPE D 4 .  ? -7.367  6.080   8.410   1.00 36.34 ? 403 EPE A C7  1 
HETATM 777 C C8  . EPE D 4 .  ? -6.182  7.035   8.423   1.00 37.33 ? 403 EPE A C8  1 
HETATM 778 O O8  . EPE D 4 .  ? -6.295  8.234   9.181   1.00 29.06 ? 403 EPE A O8  1 
HETATM 779 C C9  . EPE D 4 .  ? -12.514 5.738   6.304   1.00 59.45 ? 403 EPE A C9  1 
HETATM 780 C C10 . EPE D 4 .  ? -13.339 4.581   6.871   1.00 66.29 ? 403 EPE A C10 1 
HETATM 781 S S   . EPE D 4 .  ? -15.147 4.686   6.558   1.00 70.96 ? 403 EPE A S   1 
HETATM 782 O O1S . EPE D 4 .  ? -15.711 3.337   6.398   1.00 66.17 ? 403 EPE A O1S 1 
HETATM 783 O O2S . EPE D 4 .  ? -15.432 5.423   5.330   1.00 72.48 ? 403 EPE A O2S 1 
HETATM 784 O O3S . EPE D 4 .  ? -15.809 5.407   7.650   1.00 69.18 ? 403 EPE A O3S 1 
HETATM 785 O O   . HOH E 5 .  ? 7.101   -4.970  5.337   1.00 10.90 ? 2   HOH A O   1 
HETATM 786 O O   . HOH E 5 .  ? -8.870  4.344   -5.344  1.00 9.93  ? 3   HOH A O   1 
HETATM 787 O O   . HOH E 5 .  ? 4.213   4.693   13.521  1.00 8.59  ? 4   HOH A O   1 
HETATM 788 O O   . HOH E 5 .  ? 2.311   5.511   15.282  1.00 8.94  ? 5   HOH A O   1 
HETATM 789 O O   . HOH E 5 .  ? 4.907   6.487   11.603  1.00 9.39  ? 6   HOH A O   1 
HETATM 790 O O   . HOH E 5 .  ? -4.221  3.017   6.332   1.00 9.30  ? 7   HOH A O   1 
HETATM 791 O O   . HOH E 5 .  ? -18.478 1.613   -6.370  1.00 9.56  ? 8   HOH A O   1 
HETATM 792 O O   . HOH E 5 .  ? -3.075  1.382   16.299  1.00 14.48 ? 9   HOH A O   1 
HETATM 793 O O   . HOH E 5 .  ? 5.579   2.414   14.176  1.00 12.45 ? 10  HOH A O   1 
HETATM 794 O O   . HOH E 5 .  ? 9.650   -3.675  -1.775  1.00 10.81 ? 11  HOH A O   1 
HETATM 795 O O   . HOH E 5 .  ? 7.143   -2.609  -7.680  1.00 14.41 ? 12  HOH A O   1 
HETATM 796 O O   . HOH E 5 .  ? -2.956  3.802   10.044  1.00 12.93 ? 13  HOH A O   1 
HETATM 797 O O   . HOH E 5 .  ? -14.835 4.503   -7.765  1.00 13.53 ? 14  HOH A O   1 
HETATM 798 O O   . HOH E 5 .  ? 5.046   -13.573 4.386   1.00 18.72 ? 15  HOH A O   1 
HETATM 799 O O   . HOH E 5 .  ? 3.048   5.997   -8.604  1.00 18.36 ? 16  HOH A O   1 
HETATM 800 O O   . HOH E 5 .  ? 10.344  -1.101  -2.819  1.00 13.65 ? 17  HOH A O   1 
HETATM 801 O O   . HOH E 5 .  ? 6.788   -2.239  4.744   1.00 13.86 ? 18  HOH A O   1 
HETATM 802 O O   . HOH E 5 .  ? -14.798 1.765   -8.521  1.00 14.56 ? 19  HOH A O   1 
HETATM 803 O O   . HOH E 5 .  ? 9.974   -8.523  -5.574  1.00 17.50 ? 20  HOH A O   1 
HETATM 804 O O   . HOH E 5 .  ? -6.229  -0.853  11.890  1.00 15.30 ? 21  HOH A O   1 
HETATM 805 O O   . HOH E 5 .  ? -5.177  8.897   6.167   1.00 18.65 ? 22  HOH A O   1 
HETATM 806 O O   . HOH E 5 .  ? -4.424  8.252   15.689  1.00 14.47 ? 23  HOH A O   1 
HETATM 807 O O   . HOH E 5 .  ? 2.448   12.891  12.719  1.00 20.85 ? 24  HOH A O   1 
HETATM 808 O O   . HOH E 5 .  ? -0.305  -10.330 7.555   1.00 22.07 ? 25  HOH A O   1 
HETATM 809 O O   . HOH E 5 .  ? -8.641  -1.075  12.973  1.00 19.20 ? 26  HOH A O   1 
HETATM 810 O O   . HOH E 5 .  ? -5.324  15.192  -6.969  1.00 20.04 ? 27  HOH A O   1 
HETATM 811 O O   . HOH E 5 .  ? -17.527 7.217   -3.008  1.00 15.26 ? 28  HOH A O   1 
HETATM 812 O O   . HOH E 5 .  ? -12.945 0.245   -7.227  1.00 16.29 ? 29  HOH A O   1 
HETATM 813 O O   . HOH E 5 .  ? 0.482   9.248   -7.677  1.00 21.79 ? 30  HOH A O   1 
HETATM 814 O O   . HOH E 5 .  ? 11.179  -7.302  10.308  1.00 24.15 ? 31  HOH A O   1 
HETATM 815 O O   . HOH E 5 .  ? -11.372 7.342   2.679   1.00 26.56 ? 32  HOH A O   1 
HETATM 816 O O   . HOH E 5 .  ? -4.990  -7.277  -9.205  1.00 21.40 ? 33  HOH A O   1 
HETATM 817 O O   . HOH E 5 .  ? -7.068  8.843   -10.735 1.00 23.15 ? 34  HOH A O   1 
HETATM 818 O O   . HOH E 5 .  ? 13.037  1.737   -8.657  1.00 28.70 ? 35  HOH A O   1 
HETATM 819 O O   . HOH E 5 .  ? -14.339 1.902   -11.416 1.00 23.95 ? 36  HOH A O   1 
HETATM 820 O O   . HOH E 5 .  ? 1.476   -0.032  -10.248 1.00 22.51 ? 37  HOH A O   1 
HETATM 821 O O   . HOH E 5 .  ? 9.571   -9.786  -7.973  1.00 27.08 ? 38  HOH A O   1 
HETATM 822 O O   . HOH E 5 .  ? -6.223  -0.351  -9.567  1.00 26.39 ? 39  HOH A O   1 
HETATM 823 O O   . HOH E 5 .  ? -7.910  -6.507  11.203  1.00 30.32 ? 40  HOH A O   1 
HETATM 824 O O   . HOH E 5 .  ? 9.754   7.134   -0.162  1.00 23.35 ? 41  HOH A O   1 
HETATM 825 O O   . HOH E 5 .  ? 7.674   5.829   -6.835  1.00 24.43 ? 42  HOH A O   1 
HETATM 826 O O   . HOH E 5 .  ? 5.683   6.342   -8.478  1.00 27.67 ? 43  HOH A O   1 
HETATM 827 O O   . HOH E 5 .  ? -4.268  -12.910 -0.940  1.00 33.89 ? 44  HOH A O   1 
HETATM 828 O O   . HOH E 5 .  ? -7.354  -7.507  1.761   1.00 24.99 ? 45  HOH A O   1 
HETATM 829 O O   . HOH E 5 .  ? 10.758  -12.224 9.786   1.00 31.31 ? 46  HOH A O   1 
HETATM 830 O O   . HOH E 5 .  ? -8.907  10.416  4.313   1.00 33.48 ? 47  HOH A O   1 
HETATM 831 O O   . HOH E 5 .  ? 11.604  -12.452 -7.702  1.00 27.97 ? 48  HOH A O   1 
HETATM 832 O O   . HOH E 5 .  ? -2.854  18.336  -0.485  1.00 31.14 ? 49  HOH A O   1 
HETATM 833 O O   . HOH E 5 .  ? -7.546  -2.917  -9.179  1.00 26.01 ? 50  HOH A O   1 
HETATM 834 O O   . HOH E 5 .  ? -9.117  -9.388  0.599   1.00 24.21 ? 51  HOH A O   1 
HETATM 835 O O   . HOH E 5 .  ? 2.027   8.625   -9.399  1.00 31.08 ? 52  HOH A O   1 
HETATM 836 O O   . HOH E 5 .  ? 2.711   -9.677  -8.688  1.00 27.83 ? 53  HOH A O   1 
HETATM 837 O O   . HOH E 5 .  ? 8.189   0.777   11.225  1.00 21.34 ? 54  HOH A O   1 
HETATM 838 O O   . HOH E 5 .  ? -1.404  -15.046 1.515   1.00 35.99 ? 55  HOH A O   1 
HETATM 839 O O   . HOH E 5 .  ? -10.932 5.942   -15.872 1.00 40.65 ? 56  HOH A O   1 
HETATM 840 O O   . HOH E 5 .  ? 8.234   3.164   -10.873 1.00 43.84 ? 57  HOH A O   1 
HETATM 841 O O   . HOH E 5 .  ? 6.314   -14.549 1.906   1.00 28.55 ? 58  HOH A O   1 
HETATM 842 O O   . HOH E 5 .  ? 7.115   11.403  -1.351  1.00 39.58 ? 59  HOH A O   1 
HETATM 843 O O   . HOH E 5 .  ? 2.031   -7.980  -10.398 1.00 36.76 ? 60  HOH A O   1 
HETATM 844 O O   . HOH E 5 .  ? -9.883  -7.263  -8.627  1.00 37.69 ? 61  HOH A O   1 
HETATM 845 O O   . HOH E 5 .  ? 0.461   13.352  -4.026  1.00 25.52 ? 62  HOH A O   1 
HETATM 846 O O   . HOH E 5 .  ? 9.309   -14.723 1.055   1.00 28.56 ? 63  HOH A O   1 
HETATM 847 O O   . HOH E 5 .  ? 6.849   -11.345 -7.625  1.00 34.65 ? 64  HOH A O   1 
HETATM 848 O O   . HOH E 5 .  ? 10.557  4.089   -8.895  1.00 34.22 ? 65  HOH A O   1 
HETATM 849 O O   . HOH E 5 .  ? -4.823  17.927  -6.804  1.00 30.43 ? 66  HOH A O   1 
HETATM 850 O O   . HOH E 5 .  ? 9.894   -13.669 -1.601  1.00 32.17 ? 67  HOH A O   1 
HETATM 851 O O   . HOH E 5 .  ? -2.192  -11.649 6.337   1.00 37.28 ? 68  HOH A O   1 
HETATM 852 O O   . HOH E 5 .  ? 6.252   10.779  6.968   1.00 34.16 ? 69  HOH A O   1 
HETATM 853 O O   . HOH E 5 .  ? 9.056   8.031   -4.332  1.00 26.00 ? 70  HOH A O   1 
HETATM 854 O O   . HOH E 5 .  ? 2.742   3.607   -10.201 1.00 31.58 ? 71  HOH A O   1 
HETATM 855 O O   . HOH E 5 .  ? 5.309   -15.334 -4.772  1.00 33.08 ? 72  HOH A O   1 
HETATM 856 O O   . HOH E 5 .  ? 8.607   10.640  5.007   1.00 31.32 ? 73  HOH A O   1 
HETATM 857 O O   . HOH E 5 .  ? 12.152  -14.470 -3.064  1.00 28.62 ? 74  HOH A O   1 
HETATM 858 O O   . HOH E 5 .  ? 13.673  4.287   -8.639  1.00 24.89 ? 75  HOH A O   1 
HETATM 859 O O   . HOH E 5 .  ? -11.662 -0.072  11.008  1.00 32.39 ? 76  HOH A O   1 
HETATM 860 O O   . HOH E 5 .  ? -0.039  -16.771 0.067   1.00 38.48 ? 77  HOH A O   1 
HETATM 861 O O   . HOH E 5 .  ? -2.631  12.358  -9.474  1.00 38.59 ? 78  HOH A O   1 
HETATM 862 O O   . HOH E 5 .  ? 0.289   -18.170 -2.023  1.00 42.75 ? 79  HOH A O   1 
HETATM 863 O O   . HOH E 5 .  ? 7.499   13.644  -0.565  1.00 38.78 ? 80  HOH A O   1 
HETATM 864 O O   . HOH E 5 .  ? -11.072 3.925   -14.280 1.00 38.49 ? 81  HOH A O   1 
HETATM 865 O O   . HOH E 5 .  ? 8.298   14.086  3.946   1.00 40.31 ? 82  HOH A O   1 
HETATM 866 O O   . HOH E 5 .  ? 3.945   -15.120 8.437   1.00 31.52 ? 83  HOH A O   1 
HETATM 867 O O   . HOH E 5 .  ? -8.602  9.112   6.223   1.00 48.82 ? 84  HOH A O   1 
HETATM 868 O O   . HOH E 5 .  ? -10.024 8.308   -2.787  1.00 7.91  ? 404 HOH A O   1 
# 
